data_5CEV
#
_entry.id   5CEV
#
_cell.length_a   106.400
_cell.length_b   277.000
_cell.length_c   138.800
_cell.angle_alpha   90.00
_cell.angle_beta   90.00
_cell.angle_gamma   90.00
#
_symmetry.space_group_name_H-M   'C 2 2 21'
#
loop_
_entity.id
_entity.type
_entity.pdbx_description
1 polymer 'PROTEIN (ARGINASE)'
2 non-polymer 'MANGANESE (II) ION'
3 non-polymer LYSINE
4 non-polymer GUANIDINE
5 water water
#
_entity_poly.entity_id   1
_entity_poly.type   'polypeptide(L)'
_entity_poly.pdbx_seq_one_letter_code
;MKPISIIGVPMDLGQTRRGVDMGPSAMRYAGVIERLERLHYDIEDLGDIPIGKAERLHEQGDSRLRNLKAVAEANEKLAA
AVDQVVQRGRFPLVLGGDHSIAIGTLAGVAKHYERLGVIWYDAHGDVNTAETSPSGNIHGMPLAASLGFGHPALTQIGGY
SPKIKPEHVVLIGVRSLDEGEKKFIREKGIKIYTMHEVDRLGMTRVMEETIAYLKERTDGVHLSLDLDGLDPSDAPGVGT
PVIGGLTYRESHLAMEMLAEAQIITSAEFVEVNPILDERNKTASVAVALMGSLFGEKLM
;
_entity_poly.pdbx_strand_id   A,B,C,D,E,F
#
loop_
_chem_comp.id
_chem_comp.type
_chem_comp.name
_chem_comp.formula
GAI non-polymer GUANIDINE 'C H5 N3'
MN non-polymer 'MANGANESE (II) ION' 'Mn 2'
#
# COMPACT_ATOMS: atom_id res chain seq x y z
N LYS A 2 9.73 3.66 -37.73
CA LYS A 2 10.63 3.93 -38.88
C LYS A 2 11.23 5.32 -38.66
N PRO A 3 12.53 5.50 -38.97
CA PRO A 3 13.17 6.81 -38.77
C PRO A 3 12.54 7.83 -39.74
N ILE A 4 12.62 9.11 -39.39
CA ILE A 4 12.02 10.16 -40.19
C ILE A 4 13.07 11.12 -40.72
N SER A 5 12.86 11.55 -41.96
CA SER A 5 13.72 12.53 -42.61
C SER A 5 12.82 13.68 -43.03
N ILE A 6 13.21 14.89 -42.64
CA ILE A 6 12.46 16.07 -42.97
C ILE A 6 13.10 16.79 -44.13
N ILE A 7 12.27 17.12 -45.10
CA ILE A 7 12.74 17.84 -46.28
C ILE A 7 11.87 19.07 -46.40
N GLY A 8 12.51 20.23 -46.33
CA GLY A 8 11.80 21.47 -46.47
C GLY A 8 11.78 21.86 -47.94
N VAL A 9 10.63 22.35 -48.41
CA VAL A 9 10.49 22.78 -49.78
C VAL A 9 9.88 24.17 -49.70
N PRO A 10 10.72 25.20 -49.63
CA PRO A 10 10.29 26.61 -49.55
C PRO A 10 9.77 27.05 -50.92
N MET A 11 8.64 26.48 -51.31
CA MET A 11 8.03 26.73 -52.60
C MET A 11 6.88 27.73 -52.60
N ASP A 12 6.94 28.73 -53.49
CA ASP A 12 5.86 29.69 -53.67
C ASP A 12 5.58 29.98 -55.17
N LEU A 13 6.20 29.18 -56.04
CA LEU A 13 6.07 29.30 -57.49
C LEU A 13 4.76 28.74 -58.03
N GLY A 14 4.12 27.86 -57.26
CA GLY A 14 2.87 27.29 -57.71
C GLY A 14 1.70 28.23 -57.44
N GLN A 15 1.99 29.44 -56.97
CA GLN A 15 0.97 30.44 -56.65
C GLN A 15 1.52 31.87 -56.77
N THR A 16 0.72 32.86 -56.34
CA THR A 16 1.11 34.25 -56.47
C THR A 16 1.28 35.08 -55.20
N ARG A 17 0.84 34.57 -54.06
CA ARG A 17 1.00 35.33 -52.83
C ARG A 17 2.33 35.03 -52.17
N ARG A 18 3.05 36.08 -51.79
CA ARG A 18 4.34 35.88 -51.14
C ARG A 18 4.18 35.39 -49.70
N GLY A 19 5.14 34.57 -49.24
CA GLY A 19 5.09 34.09 -47.86
C GLY A 19 5.05 32.60 -47.61
N VAL A 20 4.38 31.84 -48.47
CA VAL A 20 4.26 30.38 -48.31
C VAL A 20 5.62 29.66 -48.40
N ASP A 21 6.63 30.34 -48.93
CA ASP A 21 7.96 29.77 -49.00
C ASP A 21 8.59 29.76 -47.61
N MET A 22 7.98 30.51 -46.68
CA MET A 22 8.46 30.57 -45.28
C MET A 22 7.85 29.45 -44.44
N GLY A 23 6.95 28.69 -45.05
CA GLY A 23 6.28 27.60 -44.36
C GLY A 23 7.20 26.60 -43.70
N PRO A 24 8.17 26.03 -44.42
CA PRO A 24 9.09 25.05 -43.81
C PRO A 24 9.77 25.52 -42.52
N SER A 25 10.32 26.71 -42.52
CA SER A 25 10.98 27.17 -41.31
C SER A 25 10.05 27.65 -40.20
N ALA A 26 8.81 27.98 -40.54
CA ALA A 26 7.84 28.41 -39.53
C ALA A 26 7.51 27.17 -38.73
N MET A 27 7.37 26.03 -39.41
CA MET A 27 7.06 24.76 -38.74
C MET A 27 8.26 24.30 -37.92
N ARG A 28 9.46 24.52 -38.46
CA ARG A 28 10.70 24.19 -37.76
C ARG A 28 10.72 24.99 -36.46
N TYR A 29 10.43 26.29 -36.58
CA TYR A 29 10.39 27.20 -35.45
C TYR A 29 9.24 26.86 -34.52
N ALA A 30 8.20 26.21 -35.03
CA ALA A 30 7.10 25.82 -34.17
C ALA A 30 7.55 24.55 -33.42
N GLY A 31 8.77 24.08 -33.71
CA GLY A 31 9.29 22.93 -33.00
C GLY A 31 8.99 21.53 -33.48
N VAL A 32 8.95 21.34 -34.79
CA VAL A 32 8.67 20.02 -35.34
C VAL A 32 9.67 18.92 -34.92
N ILE A 33 10.96 19.24 -34.88
CA ILE A 33 11.97 18.24 -34.51
C ILE A 33 11.82 17.78 -33.05
N GLU A 34 11.69 18.75 -32.17
CA GLU A 34 11.59 18.48 -30.74
C GLU A 34 10.36 17.65 -30.45
N ARG A 35 9.26 18.00 -31.09
CA ARG A 35 8.00 17.31 -30.91
C ARG A 35 8.12 15.82 -31.24
N LEU A 36 8.85 15.51 -32.31
CA LEU A 36 9.01 14.13 -32.76
C LEU A 36 10.13 13.37 -32.05
N GLU A 37 11.13 14.09 -31.56
CA GLU A 37 12.21 13.46 -30.83
C GLU A 37 11.62 12.94 -29.53
N ARG A 38 10.74 13.74 -28.96
CA ARG A 38 10.04 13.44 -27.71
C ARG A 38 9.30 12.10 -27.85
N LEU A 39 8.82 11.81 -29.04
CA LEU A 39 8.12 10.56 -29.27
C LEU A 39 9.11 9.43 -29.50
N HIS A 40 10.39 9.70 -29.26
CA HIS A 40 11.49 8.72 -29.41
C HIS A 40 11.80 8.33 -30.85
N TYR A 41 11.69 9.30 -31.75
CA TYR A 41 11.96 9.04 -33.15
C TYR A 41 13.40 9.37 -33.50
N ASP A 42 13.90 8.69 -34.52
CA ASP A 42 15.22 8.96 -35.06
C ASP A 42 14.80 9.94 -36.16
N ILE A 43 14.87 11.22 -35.84
CA ILE A 43 14.45 12.25 -36.76
C ILE A 43 15.69 12.94 -37.31
N GLU A 44 15.64 13.19 -38.61
CA GLU A 44 16.73 13.81 -39.34
C GLU A 44 16.19 14.93 -40.22
N ASP A 45 16.86 16.08 -40.19
CA ASP A 45 16.43 17.20 -41.02
C ASP A 45 17.39 17.35 -42.19
N LEU A 46 16.93 16.98 -43.37
CA LEU A 46 17.75 17.06 -44.57
C LEU A 46 17.87 18.47 -45.18
N GLY A 47 17.27 19.47 -44.54
CA GLY A 47 17.32 20.82 -45.07
C GLY A 47 16.22 21.13 -46.08
N ASP A 48 16.46 22.16 -46.90
CA ASP A 48 15.52 22.63 -47.93
C ASP A 48 15.95 22.41 -49.38
N ILE A 49 14.99 22.05 -50.23
CA ILE A 49 15.24 21.88 -51.66
C ILE A 49 15.45 23.30 -52.23
N PRO A 50 16.50 23.50 -53.05
CA PRO A 50 16.75 24.82 -53.63
C PRO A 50 15.68 25.07 -54.68
N ILE A 51 15.02 26.23 -54.59
CA ILE A 51 13.96 26.60 -55.51
C ILE A 51 14.50 27.78 -56.31
N GLY A 52 14.35 27.71 -57.62
CA GLY A 52 14.84 28.79 -58.45
C GLY A 52 13.93 30.01 -58.46
N LYS A 53 14.24 30.94 -59.35
CA LYS A 53 13.46 32.15 -59.51
C LYS A 53 12.59 31.91 -60.74
N ALA A 54 11.33 32.32 -60.64
CA ALA A 54 10.37 32.14 -61.72
C ALA A 54 10.80 32.87 -63.00
N GLU A 55 10.63 32.19 -64.13
CA GLU A 55 10.96 32.77 -65.43
C GLU A 55 9.85 33.75 -65.78
N ARG A 56 10.19 34.77 -66.56
CA ARG A 56 9.22 35.76 -66.96
C ARG A 56 8.05 35.06 -67.66
N LEU A 57 6.84 35.40 -67.20
CA LEU A 57 5.58 34.85 -67.72
C LEU A 57 5.61 34.63 -69.22
N HIS A 58 6.19 35.61 -69.91
CA HIS A 58 6.28 35.66 -71.36
C HIS A 58 7.15 34.60 -72.06
N GLU A 59 8.05 33.94 -71.33
CA GLU A 59 8.89 32.90 -71.92
C GLU A 59 8.62 31.53 -71.28
N GLN A 60 7.74 31.49 -70.28
CA GLN A 60 7.38 30.25 -69.58
C GLN A 60 6.52 29.27 -70.39
N GLY A 61 6.17 28.12 -69.79
CA GLY A 61 5.37 27.08 -70.43
C GLY A 61 4.00 27.48 -70.98
N ASP A 62 3.46 28.58 -70.45
CA ASP A 62 2.19 29.26 -70.83
C ASP A 62 1.33 29.78 -69.69
N SER A 63 0.56 30.82 -70.00
CA SER A 63 -0.34 31.52 -69.06
C SER A 63 -1.16 30.67 -68.08
N ARG A 64 -1.69 29.59 -68.59
CA ARG A 64 -2.52 28.68 -67.81
C ARG A 64 -1.63 27.85 -66.89
N LEU A 65 -0.33 27.98 -67.04
CA LEU A 65 0.63 27.24 -66.23
C LEU A 65 1.75 28.16 -65.82
N ARG A 66 1.49 29.06 -64.88
CA ARG A 66 2.52 29.98 -64.43
C ARG A 66 3.73 29.28 -63.81
N ASN A 67 4.93 29.80 -64.10
CA ASN A 67 6.19 29.26 -63.58
C ASN A 67 6.43 27.77 -63.83
N LEU A 68 5.85 27.25 -64.91
CA LEU A 68 5.95 25.84 -65.25
C LEU A 68 7.34 25.23 -65.12
N LYS A 69 8.33 25.81 -65.77
CA LYS A 69 9.66 25.26 -65.69
C LYS A 69 10.28 25.29 -64.30
N ALA A 70 10.12 26.39 -63.57
CA ALA A 70 10.68 26.51 -62.22
C ALA A 70 10.00 25.51 -61.28
N VAL A 71 8.69 25.37 -61.43
CA VAL A 71 7.93 24.44 -60.61
C VAL A 71 8.37 23.02 -60.94
N ALA A 72 8.46 22.72 -62.22
CA ALA A 72 8.87 21.40 -62.65
C ALA A 72 10.25 21.05 -62.13
N GLU A 73 11.19 21.95 -62.33
CA GLU A 73 12.55 21.73 -61.91
C GLU A 73 12.65 21.43 -60.41
N ALA A 74 12.00 22.28 -59.61
CA ALA A 74 12.02 22.13 -58.16
C ALA A 74 11.42 20.79 -57.76
N ASN A 75 10.36 20.40 -58.46
CA ASN A 75 9.72 19.12 -58.17
C ASN A 75 10.61 17.94 -58.53
N GLU A 76 11.45 18.09 -59.56
CA GLU A 76 12.36 17.03 -59.94
C GLU A 76 13.31 16.81 -58.81
N LYS A 77 13.88 17.91 -58.30
CA LYS A 77 14.80 17.83 -57.19
C LYS A 77 14.12 17.19 -55.99
N LEU A 78 12.91 17.61 -55.68
CA LEU A 78 12.19 17.05 -54.53
C LEU A 78 12.01 15.56 -54.70
N ALA A 79 11.59 15.16 -55.89
CA ALA A 79 11.38 13.75 -56.15
C ALA A 79 12.65 12.96 -55.90
N ALA A 80 13.79 13.49 -56.31
CA ALA A 80 15.05 12.78 -56.11
C ALA A 80 15.35 12.63 -54.61
N ALA A 81 15.17 13.70 -53.85
CA ALA A 81 15.41 13.68 -52.42
C ALA A 81 14.49 12.69 -51.71
N VAL A 82 13.20 12.75 -52.03
CA VAL A 82 12.23 11.86 -51.41
C VAL A 82 12.57 10.40 -51.70
N ASP A 83 12.93 10.13 -52.96
CA ASP A 83 13.29 8.79 -53.41
C ASP A 83 14.44 8.23 -52.57
N GLN A 84 15.49 9.02 -52.43
CA GLN A 84 16.63 8.61 -51.64
C GLN A 84 16.22 8.22 -50.23
N VAL A 85 15.44 9.08 -49.58
CA VAL A 85 14.97 8.83 -48.22
C VAL A 85 14.23 7.50 -48.13
N VAL A 86 13.34 7.27 -49.08
CA VAL A 86 12.58 6.04 -49.11
C VAL A 86 13.55 4.88 -49.30
N GLN A 87 14.52 5.06 -50.19
CA GLN A 87 15.49 4.01 -50.45
C GLN A 87 16.28 3.71 -49.17
N ARG A 88 16.51 4.72 -48.34
CA ARG A 88 17.23 4.51 -47.10
C ARG A 88 16.37 3.91 -46.01
N GLY A 89 15.14 3.52 -46.36
CA GLY A 89 14.24 2.93 -45.38
C GLY A 89 13.71 3.91 -44.34
N ARG A 90 13.69 5.19 -44.69
CA ARG A 90 13.20 6.20 -43.78
C ARG A 90 11.87 6.76 -44.30
N PHE A 91 11.05 7.27 -43.38
CA PHE A 91 9.77 7.87 -43.70
C PHE A 91 10.06 9.32 -44.10
N PRO A 92 9.58 9.75 -45.29
CA PRO A 92 9.79 11.11 -45.78
C PRO A 92 8.69 12.05 -45.28
N LEU A 93 9.08 13.08 -44.54
CA LEU A 93 8.12 14.06 -44.01
C LEU A 93 8.50 15.37 -44.68
N VAL A 94 7.69 15.76 -45.67
CA VAL A 94 7.91 16.97 -46.47
C VAL A 94 7.13 18.18 -45.95
N LEU A 95 7.80 19.32 -45.82
CA LEU A 95 7.16 20.53 -45.32
C LEU A 95 7.12 21.61 -46.40
N GLY A 96 5.93 22.12 -46.68
CA GLY A 96 5.78 23.17 -47.69
C GLY A 96 5.53 24.55 -47.10
N GLY A 97 5.41 25.59 -47.93
CA GLY A 97 5.50 25.44 -49.37
C GLY A 97 4.12 25.22 -49.96
N ASP A 98 3.84 25.81 -51.11
CA ASP A 98 2.53 25.63 -51.69
C ASP A 98 2.30 24.19 -52.13
N HIS A 99 1.05 23.81 -52.31
CA HIS A 99 0.70 22.44 -52.67
C HIS A 99 1.27 21.84 -53.94
N SER A 100 1.85 22.66 -54.81
CA SER A 100 2.42 22.11 -56.04
C SER A 100 3.55 21.11 -55.73
N ILE A 101 4.10 21.16 -54.51
CA ILE A 101 5.18 20.26 -54.12
C ILE A 101 4.71 18.82 -54.01
N ALA A 102 3.41 18.61 -53.95
CA ALA A 102 2.89 17.28 -53.87
C ALA A 102 3.32 16.49 -55.11
N ILE A 103 3.51 17.20 -56.22
CA ILE A 103 3.95 16.58 -57.46
C ILE A 103 5.32 15.91 -57.25
N GLY A 104 6.23 16.62 -56.59
CA GLY A 104 7.54 16.05 -56.31
C GLY A 104 7.50 14.94 -55.26
N THR A 105 6.78 15.16 -54.16
CA THR A 105 6.68 14.15 -53.11
C THR A 105 6.13 12.83 -53.68
N LEU A 106 4.97 12.89 -54.35
CA LEU A 106 4.36 11.69 -54.92
C LEU A 106 5.23 11.00 -55.94
N ALA A 107 6.03 11.77 -56.69
CA ALA A 107 6.94 11.21 -57.68
C ALA A 107 8.04 10.39 -57.01
N GLY A 108 8.55 10.89 -55.88
CA GLY A 108 9.61 10.18 -55.16
C GLY A 108 9.14 8.96 -54.39
N VAL A 109 7.87 8.95 -54.02
CA VAL A 109 7.29 7.89 -53.24
C VAL A 109 6.62 6.78 -54.02
N ALA A 110 5.63 7.16 -54.81
CA ALA A 110 4.82 6.25 -55.60
C ALA A 110 5.54 5.09 -56.27
N LYS A 111 6.66 5.37 -56.92
CA LYS A 111 7.41 4.32 -57.60
C LYS A 111 7.75 3.14 -56.69
N HIS A 112 7.78 3.36 -55.37
CA HIS A 112 8.09 2.30 -54.41
C HIS A 112 6.91 1.45 -53.95
N TYR A 113 5.72 1.71 -54.49
CA TYR A 113 4.55 0.96 -54.08
C TYR A 113 3.79 0.41 -55.26
N GLU A 114 3.18 -0.74 -55.06
CA GLU A 114 2.37 -1.39 -56.07
C GLU A 114 1.11 -0.57 -56.30
N ARG A 115 0.47 -0.20 -55.19
CA ARG A 115 -0.77 0.55 -55.20
C ARG A 115 -0.75 1.59 -54.09
N LEU A 116 -0.14 2.74 -54.34
CA LEU A 116 -0.07 3.80 -53.35
C LEU A 116 -1.42 4.52 -53.23
N GLY A 117 -1.86 4.68 -52.00
CA GLY A 117 -3.11 5.37 -51.75
C GLY A 117 -2.76 6.78 -51.31
N VAL A 118 -3.75 7.68 -51.41
CA VAL A 118 -3.54 9.07 -51.03
C VAL A 118 -4.76 9.63 -50.28
N ILE A 119 -4.50 10.35 -49.20
CA ILE A 119 -5.56 11.01 -48.44
C ILE A 119 -5.23 12.47 -48.62
N TRP A 120 -6.11 13.17 -49.31
CA TRP A 120 -5.94 14.59 -49.59
C TRP A 120 -6.87 15.38 -48.65
N TYR A 121 -6.29 15.84 -47.54
CA TYR A 121 -6.97 16.59 -46.48
C TYR A 121 -6.86 18.03 -46.95
N ASP A 122 -7.98 18.59 -47.40
CA ASP A 122 -7.92 19.92 -48.02
C ASP A 122 -9.31 20.53 -48.21
N ALA A 123 -9.33 21.83 -48.48
CA ALA A 123 -10.56 22.57 -48.74
C ALA A 123 -10.85 22.53 -50.25
N HIS A 124 -9.79 22.28 -51.02
CA HIS A 124 -9.82 22.22 -52.48
C HIS A 124 -9.48 20.83 -52.98
N GLY A 125 -9.86 20.55 -54.22
CA GLY A 125 -9.58 19.25 -54.80
C GLY A 125 -8.20 19.14 -55.46
N ASP A 126 -7.65 20.28 -55.86
CA ASP A 126 -6.33 20.35 -56.50
C ASP A 126 -6.20 19.45 -57.74
N VAL A 127 -7.31 19.35 -58.47
CA VAL A 127 -7.40 18.55 -59.68
C VAL A 127 -7.65 19.35 -60.96
N ASN A 128 -7.11 20.56 -61.01
CA ASN A 128 -7.26 21.40 -62.18
C ASN A 128 -6.18 21.11 -63.20
N THR A 129 -6.42 21.54 -64.44
CA THR A 129 -5.47 21.41 -65.53
C THR A 129 -5.44 22.80 -66.13
N ALA A 130 -4.51 23.01 -67.07
CA ALA A 130 -4.39 24.28 -67.74
C ALA A 130 -5.75 24.61 -68.32
N GLU A 131 -6.45 23.58 -68.79
CA GLU A 131 -7.76 23.79 -69.38
C GLU A 131 -8.81 24.22 -68.40
N THR A 132 -8.82 23.62 -67.23
CA THR A 132 -9.84 23.93 -66.24
C THR A 132 -9.49 24.98 -65.20
N SER A 133 -8.20 25.24 -65.02
CA SER A 133 -7.77 26.17 -64.00
C SER A 133 -8.27 27.58 -64.21
N PRO A 134 -8.91 28.17 -63.19
CA PRO A 134 -9.38 29.54 -63.34
C PRO A 134 -8.26 30.52 -62.99
N SER A 135 -7.13 30.01 -62.51
CA SER A 135 -6.02 30.87 -62.10
C SER A 135 -4.67 30.73 -62.86
N GLY A 136 -4.37 29.51 -63.31
CA GLY A 136 -3.12 29.27 -64.00
C GLY A 136 -2.07 28.93 -62.96
N ASN A 137 -2.52 28.78 -61.71
CA ASN A 137 -1.64 28.48 -60.60
C ASN A 137 -1.51 26.99 -60.37
N ILE A 138 -0.30 26.49 -60.60
CA ILE A 138 0.02 25.08 -60.45
C ILE A 138 -0.25 24.44 -59.07
N HIS A 139 -0.38 25.26 -58.04
CA HIS A 139 -0.67 24.70 -56.71
C HIS A 139 -2.10 24.11 -56.64
N GLY A 140 -2.90 24.36 -57.68
CA GLY A 140 -4.27 23.86 -57.73
C GLY A 140 -4.42 22.72 -58.73
N MET A 141 -3.27 22.16 -59.14
CA MET A 141 -3.20 21.05 -60.09
C MET A 141 -2.41 19.80 -59.66
N PRO A 142 -1.69 19.84 -58.51
CA PRO A 142 -0.92 18.65 -58.12
C PRO A 142 -1.60 17.29 -58.10
N LEU A 143 -2.83 17.20 -57.58
CA LEU A 143 -3.50 15.90 -57.55
C LEU A 143 -3.78 15.40 -58.98
N ALA A 144 -4.31 16.28 -59.83
CA ALA A 144 -4.61 15.93 -61.22
C ALA A 144 -3.32 15.49 -61.92
N ALA A 145 -2.24 16.26 -61.78
CA ALA A 145 -0.97 15.92 -62.39
C ALA A 145 -0.46 14.55 -61.92
N SER A 146 -0.56 14.27 -60.62
CA SER A 146 -0.11 13.00 -60.08
C SER A 146 -0.94 11.82 -60.59
N LEU A 147 -2.18 12.10 -61.00
CA LEU A 147 -3.07 11.09 -61.56
C LEU A 147 -2.80 10.97 -63.06
N GLY A 148 -1.80 11.70 -63.53
CA GLY A 148 -1.45 11.65 -64.94
C GLY A 148 -2.19 12.63 -65.83
N PHE A 149 -2.89 13.60 -65.24
CA PHE A 149 -3.65 14.59 -66.01
C PHE A 149 -3.10 15.99 -65.93
N GLY A 150 -2.45 16.40 -67.00
CA GLY A 150 -1.89 17.73 -67.06
C GLY A 150 -0.74 17.83 -68.02
N HIS A 151 -0.03 18.94 -67.94
CA HIS A 151 1.11 19.18 -68.79
C HIS A 151 2.14 18.14 -68.43
N PRO A 152 2.73 17.50 -69.46
CA PRO A 152 3.76 16.47 -69.31
C PRO A 152 4.94 16.88 -68.44
N ALA A 153 5.27 18.17 -68.45
CA ALA A 153 6.38 18.64 -67.62
C ALA A 153 6.08 18.35 -66.16
N LEU A 154 4.80 18.25 -65.83
CA LEU A 154 4.39 17.95 -64.47
C LEU A 154 4.00 16.49 -64.31
N THR A 155 3.36 15.90 -65.32
CA THR A 155 2.94 14.50 -65.20
C THR A 155 4.08 13.51 -65.28
N GLN A 156 5.19 13.92 -65.87
CA GLN A 156 6.34 13.03 -66.02
C GLN A 156 7.46 13.20 -65.00
N ILE A 157 7.25 14.02 -63.98
CA ILE A 157 8.30 14.20 -62.96
C ILE A 157 8.69 12.81 -62.44
N GLY A 158 9.99 12.57 -62.33
CA GLY A 158 10.43 11.28 -61.85
C GLY A 158 10.55 10.26 -62.98
N GLY A 159 10.17 10.66 -64.18
CA GLY A 159 10.25 9.76 -65.32
C GLY A 159 9.19 8.67 -65.42
N TYR A 160 8.02 8.88 -64.86
CA TYR A 160 6.95 7.89 -64.95
C TYR A 160 5.63 8.52 -64.59
N SER A 161 4.54 7.88 -65.01
CA SER A 161 3.21 8.37 -64.70
C SER A 161 2.19 7.30 -65.06
N PRO A 162 1.04 7.29 -64.38
CA PRO A 162 0.66 8.21 -63.32
C PRO A 162 1.27 7.73 -62.00
N LYS A 163 1.29 8.57 -60.99
CA LYS A 163 1.87 8.14 -59.72
C LYS A 163 0.90 7.28 -58.90
N ILE A 164 -0.39 7.58 -58.98
CA ILE A 164 -1.42 6.83 -58.23
C ILE A 164 -2.67 6.71 -59.10
N LYS A 165 -3.58 5.82 -58.71
CA LYS A 165 -4.84 5.60 -59.42
C LYS A 165 -5.98 6.35 -58.67
N PRO A 166 -6.97 6.87 -59.41
CA PRO A 166 -8.11 7.61 -58.87
C PRO A 166 -8.85 6.88 -57.75
N GLU A 167 -8.98 5.56 -57.92
CA GLU A 167 -9.68 4.71 -56.95
C GLU A 167 -8.90 4.54 -55.66
N HIS A 168 -7.70 5.08 -55.64
CA HIS A 168 -6.87 4.99 -54.46
C HIS A 168 -6.70 6.34 -53.77
N VAL A 169 -7.57 7.28 -54.14
CA VAL A 169 -7.54 8.62 -53.56
C VAL A 169 -8.81 8.91 -52.75
N VAL A 170 -8.64 9.53 -51.58
CA VAL A 170 -9.77 9.92 -50.74
C VAL A 170 -9.55 11.38 -50.33
N LEU A 171 -10.48 12.24 -50.77
CA LEU A 171 -10.42 13.66 -50.47
C LEU A 171 -11.26 13.87 -49.22
N ILE A 172 -10.75 14.68 -48.30
CA ILE A 172 -11.44 14.95 -47.06
C ILE A 172 -11.42 16.43 -46.73
N GLY A 173 -12.61 16.96 -46.40
CA GLY A 173 -12.73 18.36 -46.01
C GLY A 173 -12.98 19.35 -47.12
N VAL A 174 -13.21 18.84 -48.33
CA VAL A 174 -13.43 19.69 -49.48
C VAL A 174 -14.68 20.59 -49.37
N ARG A 175 -14.52 21.85 -49.79
CA ARG A 175 -15.62 22.80 -49.74
C ARG A 175 -15.45 23.92 -50.77
N SER A 176 -14.51 23.74 -51.71
CA SER A 176 -14.27 24.76 -52.73
C SER A 176 -13.68 24.14 -53.99
N LEU A 177 -14.56 23.66 -54.85
CA LEU A 177 -14.18 23.03 -56.10
C LEU A 177 -14.57 23.86 -57.32
N ASP A 178 -13.69 23.97 -58.30
CA ASP A 178 -14.04 24.69 -59.52
C ASP A 178 -14.93 23.73 -60.28
N GLU A 179 -15.76 24.25 -61.19
CA GLU A 179 -16.65 23.39 -61.98
C GLU A 179 -15.94 22.25 -62.68
N GLY A 180 -14.81 22.56 -63.31
CA GLY A 180 -14.03 21.55 -64.00
C GLY A 180 -13.60 20.44 -63.07
N GLU A 181 -13.23 20.80 -61.85
CA GLU A 181 -12.81 19.83 -60.86
C GLU A 181 -13.94 18.94 -60.43
N LYS A 182 -15.14 19.48 -60.26
CA LYS A 182 -16.28 18.64 -59.84
C LYS A 182 -16.50 17.57 -60.89
N LYS A 183 -16.33 17.97 -62.14
CA LYS A 183 -16.49 17.07 -63.27
C LYS A 183 -15.41 15.99 -63.22
N PHE A 184 -14.17 16.42 -63.01
CA PHE A 184 -13.01 15.52 -62.93
C PHE A 184 -13.19 14.47 -61.84
N ILE A 185 -13.56 14.93 -60.64
CA ILE A 185 -13.76 14.05 -59.51
C ILE A 185 -14.86 13.06 -59.82
N ARG A 186 -15.97 13.58 -60.33
CA ARG A 186 -17.12 12.77 -60.66
C ARG A 186 -16.76 11.70 -61.71
N GLU A 187 -16.16 12.15 -62.80
CA GLU A 187 -15.78 11.26 -63.88
C GLU A 187 -14.65 10.32 -63.57
N LYS A 188 -13.63 10.75 -62.84
CA LYS A 188 -12.52 9.86 -62.53
C LYS A 188 -12.88 8.93 -61.37
N GLY A 189 -14.05 9.18 -60.76
CA GLY A 189 -14.53 8.37 -59.65
C GLY A 189 -13.69 8.42 -58.38
N ILE A 190 -13.25 9.62 -58.00
CA ILE A 190 -12.46 9.78 -56.80
C ILE A 190 -13.35 9.88 -55.57
N LYS A 191 -12.99 9.14 -54.52
CA LYS A 191 -13.74 9.13 -53.28
C LYS A 191 -13.56 10.48 -52.58
N ILE A 192 -14.66 11.13 -52.25
CA ILE A 192 -14.57 12.45 -51.64
C ILE A 192 -15.55 12.67 -50.49
N TYR A 193 -15.06 13.29 -49.42
CA TYR A 193 -15.89 13.63 -48.26
C TYR A 193 -15.82 15.14 -48.11
N THR A 194 -16.80 15.83 -48.65
CA THR A 194 -16.84 17.27 -48.52
C THR A 194 -17.31 17.57 -47.09
N MET A 195 -17.34 18.85 -46.73
CA MET A 195 -17.80 19.24 -45.40
C MET A 195 -19.22 18.75 -45.13
N HIS A 196 -20.01 18.56 -46.20
CA HIS A 196 -21.37 18.04 -46.05
C HIS A 196 -21.34 16.67 -45.38
N GLU A 197 -20.48 15.78 -45.89
CA GLU A 197 -20.33 14.46 -45.33
C GLU A 197 -19.71 14.50 -43.96
N VAL A 198 -18.78 15.43 -43.74
CA VAL A 198 -18.16 15.54 -42.43
C VAL A 198 -19.22 15.93 -41.41
N ASP A 199 -20.02 16.94 -41.75
CA ASP A 199 -21.10 17.38 -40.87
C ASP A 199 -22.17 16.30 -40.70
N ARG A 200 -22.48 15.61 -41.78
CA ARG A 200 -23.52 14.59 -41.75
C ARG A 200 -23.15 13.29 -41.10
N LEU A 201 -21.96 12.79 -41.40
CA LEU A 201 -21.49 11.53 -40.84
C LEU A 201 -20.60 11.68 -39.61
N GLY A 202 -19.94 12.83 -39.49
CA GLY A 202 -19.05 13.02 -38.37
C GLY A 202 -17.66 12.55 -38.79
N MET A 203 -16.63 13.20 -38.26
CA MET A 203 -15.26 12.85 -38.61
C MET A 203 -14.89 11.41 -38.27
N THR A 204 -15.49 10.82 -37.24
CA THR A 204 -15.17 9.44 -36.88
C THR A 204 -15.56 8.47 -37.95
N ARG A 205 -16.78 8.59 -38.46
CA ARG A 205 -17.23 7.70 -39.51
C ARG A 205 -16.43 7.96 -40.79
N VAL A 206 -16.23 9.23 -41.13
CA VAL A 206 -15.47 9.57 -42.32
C VAL A 206 -14.09 8.91 -42.30
N MET A 207 -13.39 9.01 -41.17
CA MET A 207 -12.06 8.42 -41.04
C MET A 207 -12.09 6.89 -41.06
N GLU A 208 -13.10 6.32 -40.40
CA GLU A 208 -13.23 4.88 -40.35
C GLU A 208 -13.40 4.33 -41.75
N GLU A 209 -14.29 4.97 -42.52
CA GLU A 209 -14.56 4.55 -43.90
C GLU A 209 -13.34 4.73 -44.78
N THR A 210 -12.65 5.84 -44.58
CA THR A 210 -11.48 6.16 -45.36
C THR A 210 -10.37 5.15 -45.13
N ILE A 211 -10.11 4.86 -43.86
CA ILE A 211 -9.06 3.90 -43.51
C ILE A 211 -9.36 2.51 -44.05
N ALA A 212 -10.59 2.07 -43.87
CA ALA A 212 -10.99 0.76 -44.34
C ALA A 212 -10.88 0.69 -45.85
N TYR A 213 -11.36 1.73 -46.52
CA TYR A 213 -11.32 1.78 -47.97
C TYR A 213 -9.92 1.60 -48.54
N LEU A 214 -8.99 2.36 -48.00
CA LEU A 214 -7.63 2.29 -48.50
C LEU A 214 -6.88 1.07 -48.04
N LYS A 215 -7.04 0.71 -46.78
CA LYS A 215 -6.34 -0.43 -46.22
C LYS A 215 -6.67 -1.69 -47.03
N GLU A 216 -7.85 -1.64 -47.62
CA GLU A 216 -8.40 -2.72 -48.41
C GLU A 216 -7.91 -2.79 -49.85
N ARG A 217 -7.07 -1.86 -50.27
CA ARG A 217 -6.62 -1.89 -51.66
C ARG A 217 -5.32 -1.18 -52.02
N THR A 218 -4.53 -0.82 -51.04
CA THR A 218 -3.28 -0.14 -51.32
C THR A 218 -2.19 -0.81 -50.49
N ASP A 219 -0.93 -0.53 -50.81
CA ASP A 219 0.13 -1.13 -50.04
C ASP A 219 0.95 -0.06 -49.33
N GLY A 220 0.42 1.14 -49.31
CA GLY A 220 1.09 2.26 -48.67
C GLY A 220 0.13 3.41 -48.85
N VAL A 221 0.14 4.38 -47.93
CA VAL A 221 -0.75 5.53 -48.03
C VAL A 221 0.01 6.83 -47.73
N HIS A 222 -0.14 7.79 -48.63
CA HIS A 222 0.51 9.09 -48.48
C HIS A 222 -0.51 10.10 -47.97
N LEU A 223 -0.17 10.81 -46.90
CA LEU A 223 -1.04 11.84 -46.33
C LEU A 223 -0.54 13.17 -46.84
N SER A 224 -1.36 13.83 -47.63
CA SER A 224 -1.01 15.13 -48.18
C SER A 224 -1.94 16.11 -47.45
N LEU A 225 -1.45 16.70 -46.37
CA LEU A 225 -2.28 17.60 -45.59
C LEU A 225 -2.05 19.09 -45.86
N ASP A 226 -3.10 19.75 -46.34
CA ASP A 226 -3.07 21.18 -46.63
C ASP A 226 -3.76 21.83 -45.43
N LEU A 227 -3.05 22.76 -44.79
CA LEU A 227 -3.59 23.42 -43.62
C LEU A 227 -4.87 24.20 -43.89
N ASP A 228 -5.11 24.61 -45.14
CA ASP A 228 -6.36 25.33 -45.44
C ASP A 228 -7.56 24.40 -45.34
N GLY A 229 -7.30 23.11 -45.09
CA GLY A 229 -8.37 22.14 -44.93
C GLY A 229 -9.08 22.50 -43.65
N LEU A 230 -8.34 23.01 -42.66
CA LEU A 230 -8.92 23.43 -41.38
C LEU A 230 -9.57 24.81 -41.55
N ASP A 231 -10.52 25.13 -40.69
CA ASP A 231 -11.20 26.40 -40.75
C ASP A 231 -10.21 27.53 -40.54
N PRO A 232 -10.37 28.63 -41.30
CA PRO A 232 -9.49 29.79 -41.19
C PRO A 232 -9.32 30.32 -39.76
N SER A 233 -10.29 30.08 -38.89
CA SER A 233 -10.17 30.55 -37.52
C SER A 233 -9.13 29.71 -36.77
N ASP A 234 -8.98 28.44 -37.18
CA ASP A 234 -8.04 27.51 -36.58
C ASP A 234 -6.68 27.62 -37.29
N ALA A 235 -6.71 27.80 -38.60
CA ALA A 235 -5.48 27.90 -39.37
C ALA A 235 -5.58 29.13 -40.27
N PRO A 236 -5.40 30.32 -39.68
CA PRO A 236 -5.49 31.57 -40.45
C PRO A 236 -4.41 31.82 -41.50
N GLY A 237 -3.20 31.29 -41.30
CA GLY A 237 -2.11 31.52 -42.22
C GLY A 237 -2.03 30.67 -43.48
N VAL A 238 -2.99 30.83 -44.38
CA VAL A 238 -3.02 30.08 -45.62
C VAL A 238 -3.33 31.03 -46.76
N GLY A 239 -2.88 30.67 -47.95
CA GLY A 239 -3.08 31.53 -49.11
C GLY A 239 -4.49 31.62 -49.63
N THR A 240 -5.22 30.51 -49.60
CA THR A 240 -6.59 30.52 -50.08
C THR A 240 -7.52 29.90 -49.04
N PRO A 241 -7.83 30.64 -47.99
CA PRO A 241 -8.72 30.18 -46.91
C PRO A 241 -10.17 30.07 -47.40
N VAL A 242 -10.92 29.15 -46.82
CA VAL A 242 -12.31 28.95 -47.19
C VAL A 242 -13.02 28.65 -45.89
N ILE A 243 -14.03 29.45 -45.55
CA ILE A 243 -14.75 29.26 -44.30
C ILE A 243 -15.56 27.97 -44.20
N GLY A 244 -15.98 27.66 -42.97
CA GLY A 244 -16.76 26.46 -42.73
C GLY A 244 -15.90 25.23 -42.85
N GLY A 245 -14.72 25.24 -42.25
CA GLY A 245 -13.84 24.09 -42.35
C GLY A 245 -13.74 23.20 -41.14
N LEU A 246 -12.81 22.25 -41.21
CA LEU A 246 -12.53 21.28 -40.17
C LEU A 246 -11.95 21.98 -38.95
N THR A 247 -12.37 21.53 -37.78
CA THR A 247 -11.92 22.11 -36.52
C THR A 247 -10.58 21.54 -36.11
N TYR A 248 -10.00 22.18 -35.11
CA TYR A 248 -8.73 21.76 -34.54
C TYR A 248 -8.86 20.34 -33.94
N ARG A 249 -9.96 20.09 -33.24
CA ARG A 249 -10.19 18.77 -32.65
C ARG A 249 -10.44 17.68 -33.71
N GLU A 250 -11.24 17.97 -34.73
CA GLU A 250 -11.49 16.98 -35.77
C GLU A 250 -10.19 16.56 -36.43
N SER A 251 -9.30 17.52 -36.67
CA SER A 251 -8.00 17.27 -37.30
C SER A 251 -7.10 16.39 -36.41
N HIS A 252 -7.17 16.58 -35.10
CA HIS A 252 -6.40 15.75 -34.20
C HIS A 252 -7.01 14.35 -34.19
N LEU A 253 -8.33 14.25 -34.16
CA LEU A 253 -8.95 12.93 -34.18
C LEU A 253 -8.53 12.18 -35.47
N ALA A 254 -8.54 12.88 -36.58
CA ALA A 254 -8.15 12.32 -37.88
C ALA A 254 -6.72 11.78 -37.82
N MET A 255 -5.80 12.57 -37.28
CA MET A 255 -4.39 12.17 -37.17
C MET A 255 -4.20 10.97 -36.22
N GLU A 256 -4.93 10.99 -35.10
CA GLU A 256 -4.87 9.94 -34.10
C GLU A 256 -5.39 8.64 -34.66
N MET A 257 -6.44 8.71 -35.47
CA MET A 257 -7.00 7.50 -36.07
C MET A 257 -6.07 6.92 -37.10
N LEU A 258 -5.41 7.79 -37.86
CA LEU A 258 -4.48 7.36 -38.87
C LEU A 258 -3.29 6.68 -38.20
N ALA A 259 -2.80 7.31 -37.13
CA ALA A 259 -1.68 6.79 -36.37
C ALA A 259 -2.06 5.39 -35.86
N GLU A 260 -3.26 5.30 -35.29
CA GLU A 260 -3.78 4.05 -34.76
C GLU A 260 -3.85 2.96 -35.83
N ALA A 261 -4.28 3.35 -37.03
CA ALA A 261 -4.39 2.43 -38.17
C ALA A 261 -3.04 1.97 -38.74
N GLN A 262 -1.99 2.75 -38.48
CA GLN A 262 -0.65 2.44 -38.96
C GLN A 262 -0.59 2.26 -40.49
N ILE A 263 -1.32 3.07 -41.24
CA ILE A 263 -1.29 2.96 -42.69
C ILE A 263 -0.52 4.06 -43.41
N ILE A 264 -0.18 5.15 -42.72
CA ILE A 264 0.52 6.25 -43.38
C ILE A 264 2.01 5.97 -43.55
N THR A 265 2.44 5.90 -44.81
CA THR A 265 3.81 5.60 -45.16
C THR A 265 4.65 6.80 -45.61
N SER A 266 4.00 7.93 -45.83
CA SER A 266 4.70 9.16 -46.21
C SER A 266 3.75 10.34 -45.95
N ALA A 267 4.28 11.53 -45.69
CA ALA A 267 3.41 12.66 -45.43
C ALA A 267 4.02 14.04 -45.76
N GLU A 268 3.15 15.00 -46.02
CA GLU A 268 3.58 16.36 -46.30
C GLU A 268 2.54 17.30 -45.72
N PHE A 269 3.03 18.39 -45.13
CA PHE A 269 2.18 19.42 -44.54
C PHE A 269 2.47 20.68 -45.33
N VAL A 270 1.45 21.17 -46.02
CA VAL A 270 1.60 22.32 -46.89
C VAL A 270 0.75 23.57 -46.67
N GLU A 271 1.07 24.59 -47.46
CA GLU A 271 0.38 25.88 -47.49
C GLU A 271 0.48 26.75 -46.26
N VAL A 272 1.43 26.45 -45.39
CA VAL A 272 1.59 27.26 -44.21
C VAL A 272 2.22 28.57 -44.63
N ASN A 273 1.57 29.68 -44.30
CA ASN A 273 2.11 30.98 -44.65
C ASN A 273 2.16 31.88 -43.43
N PRO A 274 3.36 32.08 -42.85
CA PRO A 274 3.61 32.91 -41.66
C PRO A 274 3.16 34.35 -41.85
N ILE A 275 3.32 34.85 -43.06
CA ILE A 275 2.98 36.21 -43.41
C ILE A 275 1.49 36.53 -43.42
N LEU A 276 0.66 35.51 -43.45
CA LEU A 276 -0.79 35.69 -43.45
C LEU A 276 -1.39 35.21 -42.12
N ASP A 277 -0.50 34.79 -41.23
CA ASP A 277 -0.85 34.21 -39.94
C ASP A 277 -0.94 35.19 -38.76
N GLU A 278 -1.29 34.63 -37.61
CA GLU A 278 -1.39 35.36 -36.35
C GLU A 278 -0.44 34.65 -35.41
N ARG A 279 0.77 35.18 -35.28
CA ARG A 279 1.78 34.60 -34.40
C ARG A 279 2.10 33.12 -34.57
N ASN A 280 2.37 32.72 -35.81
CA ASN A 280 2.73 31.33 -36.11
C ASN A 280 1.71 30.26 -35.73
N LYS A 281 0.48 30.68 -35.47
CA LYS A 281 -0.60 29.76 -35.09
C LYS A 281 -0.77 28.58 -36.04
N THR A 282 -0.70 28.85 -37.32
CA THR A 282 -0.86 27.83 -38.31
C THR A 282 0.27 26.80 -38.31
N ALA A 283 1.51 27.26 -38.25
CA ALA A 283 2.64 26.32 -38.21
C ALA A 283 2.53 25.47 -36.94
N SER A 284 2.07 26.09 -35.87
CA SER A 284 1.90 25.39 -34.63
C SER A 284 0.84 24.28 -34.77
N VAL A 285 -0.27 24.58 -35.43
CA VAL A 285 -1.28 23.55 -35.59
C VAL A 285 -0.67 22.37 -36.33
N ALA A 286 0.05 22.67 -37.40
CA ALA A 286 0.68 21.65 -38.23
C ALA A 286 1.60 20.78 -37.40
N VAL A 287 2.43 21.40 -36.57
CA VAL A 287 3.34 20.63 -35.71
C VAL A 287 2.56 19.73 -34.72
N ALA A 288 1.50 20.27 -34.13
CA ALA A 288 0.67 19.51 -33.18
C ALA A 288 0.04 18.32 -33.90
N LEU A 289 -0.43 18.56 -35.13
CA LEU A 289 -1.04 17.52 -35.94
C LEU A 289 -0.02 16.44 -36.29
N MET A 290 1.21 16.87 -36.58
CA MET A 290 2.27 15.92 -36.89
C MET A 290 2.51 15.05 -35.66
N GLY A 291 2.44 15.66 -34.48
CA GLY A 291 2.62 14.92 -33.24
C GLY A 291 1.62 13.78 -33.15
N SER A 292 0.34 14.10 -33.35
CA SER A 292 -0.71 13.09 -33.30
C SER A 292 -0.49 12.00 -34.36
N LEU A 293 -0.17 12.42 -35.59
CA LEU A 293 0.05 11.48 -36.68
C LEU A 293 1.15 10.48 -36.35
N PHE A 294 2.22 10.96 -35.72
CA PHE A 294 3.33 10.11 -35.37
C PHE A 294 3.20 9.36 -34.06
N GLY A 295 1.98 9.27 -33.54
CA GLY A 295 1.74 8.51 -32.34
C GLY A 295 1.52 9.17 -31.00
N GLU A 296 1.62 10.49 -30.94
CA GLU A 296 1.42 11.20 -29.69
C GLU A 296 -0.02 10.95 -29.22
N LYS A 297 -0.18 10.51 -27.98
CA LYS A 297 -1.50 10.23 -27.44
C LYS A 297 -1.71 10.98 -26.13
N LEU A 298 -2.98 11.20 -25.78
CA LEU A 298 -3.30 11.94 -24.56
C LEU A 298 -3.11 11.10 -23.29
N MET A 299 -3.35 9.81 -23.41
CA MET A 299 -3.22 8.88 -22.29
C MET A 299 -2.07 7.98 -22.66
N LYS B 2 -33.30 18.81 -2.72
CA LYS B 2 -32.49 18.95 -1.47
C LYS B 2 -31.92 20.37 -1.42
N PRO B 3 -31.93 20.99 -0.23
CA PRO B 3 -31.44 22.36 -0.03
C PRO B 3 -29.96 22.43 -0.34
N ILE B 4 -29.51 23.59 -0.81
CA ILE B 4 -28.10 23.77 -1.17
C ILE B 4 -27.39 24.76 -0.25
N SER B 5 -26.15 24.42 0.11
CA SER B 5 -25.29 25.28 0.94
C SER B 5 -24.04 25.60 0.11
N ILE B 6 -23.76 26.87 -0.02
CA ILE B 6 -22.60 27.31 -0.76
C ILE B 6 -21.47 27.63 0.21
N ILE B 7 -20.29 27.09 -0.11
CA ILE B 7 -19.09 27.32 0.68
C ILE B 7 -18.02 27.81 -0.28
N GLY B 8 -17.56 29.04 -0.08
CA GLY B 8 -16.51 29.58 -0.93
C GLY B 8 -15.18 29.19 -0.32
N VAL B 9 -14.21 28.87 -1.17
CA VAL B 9 -12.90 28.52 -0.68
C VAL B 9 -11.93 29.33 -1.53
N PRO B 10 -11.60 30.54 -1.05
CA PRO B 10 -10.68 31.44 -1.74
C PRO B 10 -9.22 30.94 -1.66
N MET B 11 -9.01 29.79 -2.26
CA MET B 11 -7.71 29.15 -2.24
C MET B 11 -6.80 29.39 -3.44
N ASP B 12 -5.55 29.77 -3.18
CA ASP B 12 -4.57 29.94 -4.24
C ASP B 12 -3.20 29.36 -3.81
N LEU B 13 -3.19 28.69 -2.66
CA LEU B 13 -1.98 28.09 -2.10
C LEU B 13 -1.53 26.84 -2.84
N GLY B 14 -2.46 26.20 -3.54
CA GLY B 14 -2.13 24.99 -4.26
C GLY B 14 -1.45 25.24 -5.59
N GLN B 15 -1.14 26.50 -5.86
CA GLN B 15 -0.52 26.86 -7.12
C GLN B 15 0.24 28.17 -6.91
N THR B 16 0.73 28.77 -8.00
CA THR B 16 1.53 29.99 -7.92
C THR B 16 1.04 31.26 -8.56
N ARG B 17 0.00 31.17 -9.40
CA ARG B 17 -0.54 32.36 -10.06
C ARG B 17 -1.60 33.03 -9.21
N ARG B 18 -1.41 34.31 -8.95
CA ARG B 18 -2.38 35.04 -8.16
C ARG B 18 -3.72 35.22 -8.89
N GLY B 19 -4.80 35.30 -8.12
CA GLY B 19 -6.10 35.51 -8.72
C GLY B 19 -7.16 34.46 -8.52
N VAL B 20 -6.79 33.18 -8.53
CA VAL B 20 -7.75 32.09 -8.38
C VAL B 20 -8.52 32.14 -7.04
N ASP B 21 -7.98 32.89 -6.08
CA ASP B 21 -8.63 33.05 -4.79
C ASP B 21 -9.86 33.93 -4.96
N MET B 22 -9.93 34.62 -6.09
CA MET B 22 -11.04 35.51 -6.41
C MET B 22 -12.18 34.74 -7.07
N GLY B 23 -11.94 33.47 -7.35
CA GLY B 23 -12.94 32.64 -7.98
C GLY B 23 -14.29 32.64 -7.29
N PRO B 24 -14.37 32.30 -5.99
CA PRO B 24 -15.66 32.27 -5.28
C PRO B 24 -16.52 33.52 -5.46
N SER B 25 -15.95 34.69 -5.29
CA SER B 25 -16.76 35.89 -5.42
C SER B 25 -17.08 36.33 -6.84
N ALA B 26 -16.28 35.87 -7.82
CA ALA B 26 -16.55 36.20 -9.22
C ALA B 26 -17.82 35.42 -9.61
N MET B 27 -17.93 34.20 -9.09
CA MET B 27 -19.08 33.37 -9.35
C MET B 27 -20.29 33.93 -8.63
N ARG B 28 -20.11 34.38 -7.39
CA ARG B 28 -21.20 34.99 -6.64
C ARG B 28 -21.66 36.20 -7.41
N TYR B 29 -20.72 36.96 -7.95
CA TYR B 29 -21.03 38.14 -8.74
C TYR B 29 -21.62 37.77 -10.09
N ALA B 30 -21.33 36.57 -10.57
CA ALA B 30 -21.90 36.12 -11.84
C ALA B 30 -23.35 35.66 -11.57
N GLY B 31 -23.79 35.76 -10.32
CA GLY B 31 -25.16 35.43 -9.98
C GLY B 31 -25.53 34.02 -9.61
N VAL B 32 -24.64 33.31 -8.93
CA VAL B 32 -24.93 31.93 -8.57
C VAL B 32 -26.16 31.74 -7.69
N ILE B 33 -26.37 32.64 -6.73
CA ILE B 33 -27.53 32.54 -5.84
C ILE B 33 -28.84 32.74 -6.60
N GLU B 34 -28.91 33.85 -7.30
CA GLU B 34 -30.07 34.22 -8.10
C GLU B 34 -30.48 33.08 -9.04
N ARG B 35 -29.49 32.53 -9.73
CA ARG B 35 -29.70 31.45 -10.68
C ARG B 35 -30.37 30.23 -10.06
N LEU B 36 -29.92 29.86 -8.86
CA LEU B 36 -30.45 28.70 -8.15
C LEU B 36 -31.77 28.98 -7.45
N GLU B 37 -31.94 30.19 -6.97
CA GLU B 37 -33.18 30.53 -6.31
C GLU B 37 -34.30 30.42 -7.34
N ARG B 38 -34.00 30.88 -8.55
CA ARG B 38 -34.93 30.86 -9.67
C ARG B 38 -35.45 29.44 -9.91
N LEU B 39 -34.62 28.45 -9.66
CA LEU B 39 -35.01 27.06 -9.85
C LEU B 39 -35.75 26.57 -8.64
N HIS B 40 -36.12 27.52 -7.79
CA HIS B 40 -36.87 27.28 -6.57
C HIS B 40 -36.14 26.48 -5.50
N TYR B 41 -34.84 26.73 -5.36
CA TYR B 41 -34.05 26.03 -4.37
C TYR B 41 -33.96 26.80 -3.08
N ASP B 42 -33.73 26.05 -2.01
CA ASP B 42 -33.51 26.62 -0.69
C ASP B 42 -31.97 26.69 -0.72
N ILE B 43 -31.47 27.85 -1.12
CA ILE B 43 -30.04 28.07 -1.25
C ILE B 43 -29.55 28.91 -0.09
N GLU B 44 -28.42 28.50 0.45
CA GLU B 44 -27.82 29.17 1.58
C GLU B 44 -26.35 29.38 1.26
N ASP B 45 -25.83 30.56 1.55
CA ASP B 45 -24.43 30.85 1.30
C ASP B 45 -23.68 30.90 2.63
N LEU B 46 -22.92 29.85 2.94
CA LEU B 46 -22.19 29.80 4.21
C LEU B 46 -20.92 30.66 4.29
N GLY B 47 -20.63 31.43 3.25
CA GLY B 47 -19.43 32.28 3.27
C GLY B 47 -18.18 31.57 2.78
N ASP B 48 -17.01 32.10 3.12
CA ASP B 48 -15.73 31.55 2.72
C ASP B 48 -14.89 30.93 3.84
N ILE B 49 -14.15 29.88 3.50
CA ILE B 49 -13.26 29.23 4.45
C ILE B 49 -12.07 30.17 4.57
N PRO B 50 -11.64 30.46 5.81
CA PRO B 50 -10.50 31.33 6.03
C PRO B 50 -9.24 30.59 5.56
N ILE B 51 -8.46 31.21 4.69
CA ILE B 51 -7.24 30.60 4.17
C ILE B 51 -6.05 31.36 4.71
N GLY B 52 -4.95 30.65 4.96
CA GLY B 52 -3.75 31.26 5.49
C GLY B 52 -2.77 31.86 4.48
N LYS B 53 -1.64 32.30 5.01
CA LYS B 53 -0.61 32.90 4.20
C LYS B 53 0.52 31.89 4.14
N ALA B 54 1.23 31.89 3.02
CA ALA B 54 2.36 31.00 2.80
C ALA B 54 3.54 31.37 3.73
N GLU B 55 3.97 30.41 4.55
CA GLU B 55 5.11 30.63 5.46
C GLU B 55 6.42 30.50 4.66
N ARG B 56 7.45 31.23 5.11
CA ARG B 56 8.74 31.25 4.43
C ARG B 56 9.28 29.89 4.01
N LEU B 57 9.63 29.81 2.73
CA LEU B 57 10.17 28.60 2.12
C LEU B 57 11.35 28.09 2.91
N HIS B 58 12.21 29.01 3.35
CA HIS B 58 13.39 28.64 4.13
C HIS B 58 12.96 27.97 5.43
N GLU B 59 11.81 28.39 5.95
CA GLU B 59 11.29 27.80 7.18
C GLU B 59 10.83 26.40 6.85
N GLN B 60 9.60 26.29 6.34
CA GLN B 60 9.06 24.99 6.01
C GLN B 60 9.32 24.65 4.56
N GLY B 61 9.49 23.36 4.32
CA GLY B 61 9.76 22.90 2.98
C GLY B 61 8.54 22.49 2.21
N ASP B 62 8.59 22.89 0.95
CA ASP B 62 7.49 22.63 0.06
C ASP B 62 7.87 22.67 -1.43
N SER B 63 9.09 22.30 -1.77
CA SER B 63 9.52 22.33 -3.17
C SER B 63 8.60 21.41 -3.95
N ARG B 64 8.54 20.14 -3.56
CA ARG B 64 7.68 19.20 -4.26
C ARG B 64 6.25 19.29 -3.73
N LEU B 65 6.09 19.96 -2.59
CA LEU B 65 4.78 20.11 -1.96
C LEU B 65 4.61 21.52 -1.43
N ARG B 66 4.55 22.49 -2.34
CA ARG B 66 4.42 23.89 -2.01
C ARG B 66 3.24 24.19 -1.09
N ASN B 67 3.49 25.01 -0.08
CA ASN B 67 2.47 25.42 0.89
C ASN B 67 1.70 24.28 1.58
N LEU B 68 2.35 23.14 1.75
CA LEU B 68 1.75 21.97 2.33
C LEU B 68 0.94 22.21 3.61
N LYS B 69 1.53 22.85 4.62
CA LYS B 69 0.85 23.09 5.88
C LYS B 69 -0.38 23.96 5.71
N ALA B 70 -0.23 25.07 5.00
CA ALA B 70 -1.33 25.99 4.77
C ALA B 70 -2.45 25.34 3.93
N VAL B 71 -2.07 24.54 2.94
CA VAL B 71 -3.05 23.86 2.09
C VAL B 71 -3.76 22.80 2.91
N ALA B 72 -3.00 22.09 3.74
CA ALA B 72 -3.57 21.06 4.56
C ALA B 72 -4.52 21.65 5.60
N GLU B 73 -4.11 22.73 6.25
CA GLU B 73 -4.95 23.33 7.26
C GLU B 73 -6.27 23.88 6.70
N ALA B 74 -6.19 24.53 5.54
CA ALA B 74 -7.38 25.07 4.91
C ALA B 74 -8.33 23.94 4.53
N ASN B 75 -7.76 22.86 4.01
CA ASN B 75 -8.57 21.71 3.62
C ASN B 75 -9.26 21.02 4.82
N GLU B 76 -8.62 21.07 5.99
CA GLU B 76 -9.20 20.50 7.19
C GLU B 76 -10.44 21.29 7.48
N LYS B 77 -10.32 22.62 7.44
CA LYS B 77 -11.45 23.49 7.70
C LYS B 77 -12.59 23.20 6.72
N LEU B 78 -12.23 23.09 5.44
CA LEU B 78 -13.21 22.83 4.41
C LEU B 78 -13.92 21.51 4.68
N ALA B 79 -13.16 20.48 5.00
CA ALA B 79 -13.73 19.17 5.29
C ALA B 79 -14.80 19.26 6.41
N ALA B 80 -14.49 19.99 7.47
CA ALA B 80 -15.43 20.13 8.57
C ALA B 80 -16.73 20.81 8.12
N ALA B 81 -16.57 21.90 7.38
CA ALA B 81 -17.70 22.66 6.88
C ALA B 81 -18.57 21.80 6.00
N VAL B 82 -17.95 21.08 5.08
CA VAL B 82 -18.69 20.24 4.16
C VAL B 82 -19.43 19.13 4.91
N ASP B 83 -18.76 18.53 5.88
CA ASP B 83 -19.31 17.46 6.70
C ASP B 83 -20.57 17.94 7.40
N GLN B 84 -20.48 19.09 8.05
CA GLN B 84 -21.61 19.65 8.74
C GLN B 84 -22.82 19.82 7.79
N VAL B 85 -22.61 20.41 6.61
CA VAL B 85 -23.67 20.61 5.62
C VAL B 85 -24.34 19.29 5.26
N VAL B 86 -23.53 18.27 4.99
CA VAL B 86 -24.05 16.95 4.65
C VAL B 86 -24.84 16.43 5.84
N GLN B 87 -24.32 16.66 7.05
CA GLN B 87 -24.99 16.21 8.25
C GLN B 87 -26.35 16.87 8.39
N ARG B 88 -26.44 18.13 7.96
CA ARG B 88 -27.70 18.85 8.00
C ARG B 88 -28.65 18.47 6.86
N GLY B 89 -28.29 17.45 6.08
CA GLY B 89 -29.13 17.01 4.96
C GLY B 89 -29.19 17.96 3.78
N ARG B 90 -28.14 18.78 3.62
CA ARG B 90 -28.07 19.73 2.53
C ARG B 90 -26.97 19.32 1.53
N PHE B 91 -27.14 19.72 0.28
CA PHE B 91 -26.19 19.45 -0.81
C PHE B 91 -25.08 20.51 -0.71
N PRO B 92 -23.82 20.08 -0.58
CA PRO B 92 -22.69 21.01 -0.49
C PRO B 92 -22.18 21.46 -1.87
N LEU B 93 -22.27 22.76 -2.14
CA LEU B 93 -21.81 23.31 -3.42
C LEU B 93 -20.60 24.16 -3.06
N VAL B 94 -19.43 23.64 -3.40
CA VAL B 94 -18.15 24.29 -3.12
C VAL B 94 -17.58 25.10 -4.30
N LEU B 95 -17.25 26.35 -4.04
CA LEU B 95 -16.71 27.23 -5.07
C LEU B 95 -15.24 27.58 -4.85
N GLY B 96 -14.39 27.28 -5.84
CA GLY B 96 -12.97 27.56 -5.71
C GLY B 96 -12.50 28.75 -6.55
N GLY B 97 -11.21 29.10 -6.48
CA GLY B 97 -10.26 28.37 -5.65
C GLY B 97 -9.57 27.33 -6.51
N ASP B 98 -8.28 27.16 -6.32
CA ASP B 98 -7.57 26.16 -7.09
C ASP B 98 -8.03 24.75 -6.70
N HIS B 99 -7.78 23.78 -7.57
CA HIS B 99 -8.24 22.43 -7.39
C HIS B 99 -7.80 21.67 -6.17
N SER B 100 -6.82 22.19 -5.42
CA SER B 100 -6.39 21.45 -4.23
C SER B 100 -7.54 21.36 -3.21
N ILE B 101 -8.53 22.25 -3.32
CA ILE B 101 -9.66 22.22 -2.41
C ILE B 101 -10.49 20.94 -2.49
N ALA B 102 -10.32 20.17 -3.58
CA ALA B 102 -11.03 18.92 -3.76
C ALA B 102 -10.70 17.97 -2.62
N ILE B 103 -9.50 18.12 -2.06
CA ILE B 103 -9.03 17.30 -0.94
C ILE B 103 -9.95 17.51 0.27
N GLY B 104 -10.30 18.76 0.54
CA GLY B 104 -11.18 19.06 1.65
C GLY B 104 -12.63 18.67 1.35
N THR B 105 -13.11 18.96 0.14
CA THR B 105 -14.48 18.63 -0.23
C THR B 105 -14.73 17.13 -0.13
N LEU B 106 -13.87 16.34 -0.75
CA LEU B 106 -14.03 14.89 -0.72
C LEU B 106 -13.91 14.34 0.69
N ALA B 107 -13.10 14.99 1.51
CA ALA B 107 -12.91 14.55 2.89
C ALA B 107 -14.19 14.74 3.70
N GLY B 108 -14.92 15.81 3.41
CA GLY B 108 -16.15 16.06 4.14
C GLY B 108 -17.35 15.26 3.65
N VAL B 109 -17.29 14.82 2.40
CA VAL B 109 -18.38 14.09 1.79
C VAL B 109 -18.28 12.59 1.85
N ALA B 110 -17.16 12.07 1.39
CA ALA B 110 -16.90 10.65 1.30
C ALA B 110 -17.29 9.78 2.49
N LYS B 111 -16.89 10.19 3.69
CA LYS B 111 -17.23 9.43 4.89
C LYS B 111 -18.72 9.14 5.00
N HIS B 112 -19.56 9.87 4.25
CA HIS B 112 -21.01 9.66 4.31
C HIS B 112 -21.55 8.68 3.28
N TYR B 113 -20.67 8.05 2.50
CA TYR B 113 -21.14 7.14 1.48
C TYR B 113 -20.38 5.86 1.56
N GLU B 114 -21.04 4.77 1.20
CA GLU B 114 -20.41 3.46 1.22
C GLU B 114 -19.47 3.40 0.05
N ARG B 115 -19.94 3.85 -1.11
CA ARG B 115 -19.13 3.86 -2.34
C ARG B 115 -19.35 5.16 -3.12
N LEU B 116 -18.66 6.21 -2.73
CA LEU B 116 -18.76 7.49 -3.40
C LEU B 116 -18.05 7.47 -4.73
N GLY B 117 -18.74 7.94 -5.76
CA GLY B 117 -18.19 8.01 -7.09
C GLY B 117 -17.76 9.43 -7.38
N VAL B 118 -16.87 9.60 -8.33
CA VAL B 118 -16.38 10.91 -8.67
C VAL B 118 -16.25 11.11 -10.18
N ILE B 119 -16.79 12.24 -10.64
CA ILE B 119 -16.65 12.64 -12.03
C ILE B 119 -15.69 13.84 -11.99
N TRP B 120 -14.51 13.66 -12.58
CA TRP B 120 -13.48 14.69 -12.61
C TRP B 120 -13.47 15.26 -14.04
N TYR B 121 -14.17 16.38 -14.20
CA TYR B 121 -14.32 17.08 -15.48
C TYR B 121 -13.13 18.04 -15.50
N ASP B 122 -12.16 17.77 -16.37
CA ASP B 122 -10.91 18.50 -16.35
C ASP B 122 -10.04 18.25 -17.59
N ALA B 123 -9.08 19.14 -17.80
CA ALA B 123 -8.11 18.99 -18.88
C ALA B 123 -6.95 18.15 -18.35
N HIS B 124 -6.83 18.12 -17.01
CA HIS B 124 -5.75 17.42 -16.29
C HIS B 124 -6.24 16.22 -15.47
N GLY B 125 -5.32 15.37 -15.06
CA GLY B 125 -5.66 14.22 -14.25
C GLY B 125 -5.64 14.52 -12.75
N ASP B 126 -4.82 15.50 -12.36
CA ASP B 126 -4.66 15.90 -10.97
C ASP B 126 -4.31 14.70 -10.08
N VAL B 127 -3.51 13.80 -10.62
CA VAL B 127 -3.10 12.61 -9.90
C VAL B 127 -1.60 12.54 -9.64
N ASN B 128 -0.97 13.69 -9.51
CA ASN B 128 0.46 13.72 -9.21
C ASN B 128 0.73 13.52 -7.73
N THR B 129 1.99 13.23 -7.42
CA THR B 129 2.48 13.03 -6.05
C THR B 129 3.75 13.86 -6.01
N ALA B 130 4.30 14.07 -4.82
CA ALA B 130 5.54 14.83 -4.69
C ALA B 130 6.58 14.22 -5.61
N GLU B 131 6.51 12.90 -5.76
CA GLU B 131 7.45 12.20 -6.60
C GLU B 131 7.25 12.49 -8.06
N THR B 132 6.01 12.48 -8.52
CA THR B 132 5.74 12.68 -9.95
C THR B 132 5.49 14.10 -10.42
N SER B 133 5.12 14.99 -9.51
CA SER B 133 4.81 16.36 -9.87
C SER B 133 5.95 17.15 -10.47
N PRO B 134 5.75 17.69 -11.65
CA PRO B 134 6.81 18.48 -12.27
C PRO B 134 6.79 19.93 -11.75
N SER B 135 5.82 20.27 -10.92
CA SER B 135 5.71 21.63 -10.42
C SER B 135 5.79 21.80 -8.91
N GLY B 136 5.41 20.77 -8.16
CA GLY B 136 5.41 20.90 -6.72
C GLY B 136 4.14 21.59 -6.29
N ASN B 137 3.22 21.78 -7.25
CA ASN B 137 1.94 22.43 -6.99
C ASN B 137 0.87 21.42 -6.59
N ILE B 138 0.35 21.59 -5.38
CA ILE B 138 -0.63 20.69 -4.83
C ILE B 138 -1.94 20.68 -5.56
N HIS B 139 -2.21 21.72 -6.35
CA HIS B 139 -3.46 21.74 -7.11
C HIS B 139 -3.45 20.69 -8.20
N GLY B 140 -2.30 20.05 -8.42
CA GLY B 140 -2.21 18.99 -9.41
C GLY B 140 -2.13 17.62 -8.73
N MET B 141 -2.47 17.57 -7.45
CA MET B 141 -2.44 16.34 -6.65
C MET B 141 -3.74 15.91 -5.92
N PRO B 142 -4.81 16.74 -5.92
CA PRO B 142 -6.03 16.36 -5.20
C PRO B 142 -6.67 15.00 -5.49
N LEU B 143 -6.73 14.59 -6.75
CA LEU B 143 -7.34 13.28 -7.06
C LEU B 143 -6.47 12.12 -6.49
N ALA B 144 -5.16 12.20 -6.69
CA ALA B 144 -4.25 11.18 -6.18
C ALA B 144 -4.37 11.13 -4.66
N ALA B 145 -4.32 12.28 -4.00
CA ALA B 145 -4.42 12.35 -2.55
C ALA B 145 -5.75 11.76 -2.01
N SER B 146 -6.84 12.04 -2.71
CA SER B 146 -8.14 11.52 -2.30
C SER B 146 -8.18 10.01 -2.43
N LEU B 147 -7.45 9.47 -3.39
CA LEU B 147 -7.35 8.03 -3.60
C LEU B 147 -6.38 7.37 -2.60
N GLY B 148 -5.82 8.18 -1.71
CA GLY B 148 -4.90 7.67 -0.71
C GLY B 148 -3.45 7.62 -1.13
N PHE B 149 -3.09 8.38 -2.17
CA PHE B 149 -1.71 8.44 -2.65
C PHE B 149 -1.08 9.82 -2.53
N GLY B 150 -0.14 9.95 -1.59
CA GLY B 150 0.53 11.21 -1.40
C GLY B 150 0.94 11.44 0.04
N HIS B 151 1.32 12.68 0.33
CA HIS B 151 1.77 13.05 1.66
C HIS B 151 0.61 12.84 2.61
N PRO B 152 0.89 12.24 3.77
CA PRO B 152 -0.14 11.97 4.78
C PRO B 152 -0.85 13.23 5.25
N ALA B 153 -0.17 14.37 5.17
CA ALA B 153 -0.80 15.62 5.57
C ALA B 153 -2.00 15.88 4.64
N LEU B 154 -1.94 15.32 3.44
CA LEU B 154 -3.02 15.48 2.48
C LEU B 154 -3.98 14.28 2.44
N THR B 155 -3.43 13.07 2.53
CA THR B 155 -4.24 11.86 2.46
C THR B 155 -5.08 11.61 3.70
N GLN B 156 -4.67 12.18 4.81
CA GLN B 156 -5.38 11.98 6.06
C GLN B 156 -6.32 13.09 6.49
N ILE B 157 -6.57 14.07 5.64
CA ILE B 157 -7.49 15.16 6.01
C ILE B 157 -8.81 14.49 6.37
N GLY B 158 -9.43 14.96 7.45
CA GLY B 158 -10.68 14.36 7.86
C GLY B 158 -10.52 13.14 8.74
N GLY B 159 -9.28 12.72 8.95
CA GLY B 159 -8.99 11.57 9.77
C GLY B 159 -9.25 10.19 9.18
N TYR B 160 -9.22 10.07 7.86
CA TYR B 160 -9.45 8.77 7.24
C TYR B 160 -8.91 8.80 5.83
N SER B 161 -8.76 7.64 5.23
CA SER B 161 -8.22 7.54 3.89
C SER B 161 -8.38 6.08 3.44
N PRO B 162 -8.64 5.83 2.13
CA PRO B 162 -8.79 6.84 1.09
C PRO B 162 -10.22 7.31 1.11
N LYS B 163 -10.52 8.40 0.42
CA LYS B 163 -11.88 8.89 0.39
C LYS B 163 -12.70 8.09 -0.62
N ILE B 164 -12.11 7.76 -1.76
CA ILE B 164 -12.81 7.01 -2.81
C ILE B 164 -11.88 5.96 -3.43
N LYS B 165 -12.46 5.07 -4.23
CA LYS B 165 -11.73 4.00 -4.92
C LYS B 165 -11.57 4.35 -6.39
N PRO B 166 -10.42 3.99 -6.99
CA PRO B 166 -10.08 4.26 -8.39
C PRO B 166 -11.16 3.82 -9.37
N GLU B 167 -11.77 2.67 -9.09
CA GLU B 167 -12.80 2.12 -9.96
C GLU B 167 -14.10 2.91 -9.88
N HIS B 168 -14.13 3.91 -9.02
CA HIS B 168 -15.33 4.71 -8.89
C HIS B 168 -15.11 6.12 -9.41
N VAL B 169 -14.02 6.28 -10.15
CA VAL B 169 -13.64 7.57 -10.70
C VAL B 169 -13.72 7.56 -12.22
N VAL B 170 -14.23 8.65 -12.78
CA VAL B 170 -14.33 8.79 -14.23
C VAL B 170 -13.79 10.18 -14.59
N LEU B 171 -12.71 10.20 -15.36
CA LEU B 171 -12.09 11.45 -15.79
C LEU B 171 -12.70 11.80 -17.13
N ILE B 172 -13.07 13.07 -17.34
CA ILE B 172 -13.66 13.51 -18.60
C ILE B 172 -13.06 14.82 -19.09
N GLY B 173 -12.61 14.82 -20.34
CA GLY B 173 -12.03 16.01 -20.95
C GLY B 173 -10.52 16.15 -20.88
N VAL B 174 -9.85 15.15 -20.31
CA VAL B 174 -8.40 15.17 -20.15
C VAL B 174 -7.62 15.31 -21.46
N ARG B 175 -6.63 16.18 -21.44
CA ARG B 175 -5.80 16.38 -22.61
C ARG B 175 -4.40 16.84 -22.22
N SER B 176 -4.06 16.73 -20.95
CA SER B 176 -2.75 17.14 -20.50
C SER B 176 -2.36 16.33 -19.26
N LEU B 177 -1.65 15.23 -19.48
CA LEU B 177 -1.23 14.38 -18.37
C LEU B 177 0.28 14.30 -18.27
N ASP B 178 0.81 14.31 -17.06
CA ASP B 178 2.25 14.18 -16.89
C ASP B 178 2.51 12.68 -16.98
N GLU B 179 3.72 12.31 -17.41
CA GLU B 179 4.08 10.90 -17.58
C GLU B 179 3.74 10.05 -16.38
N GLY B 180 4.10 10.54 -15.21
CA GLY B 180 3.79 9.81 -14.00
C GLY B 180 2.31 9.60 -13.84
N GLU B 181 1.53 10.59 -14.25
CA GLU B 181 0.08 10.52 -14.15
C GLU B 181 -0.47 9.49 -15.10
N LYS B 182 0.10 9.40 -16.30
CA LYS B 182 -0.35 8.43 -17.28
C LYS B 182 -0.21 7.04 -16.70
N LYS B 183 0.92 6.84 -16.04
CA LYS B 183 1.25 5.58 -15.40
C LYS B 183 0.28 5.28 -14.28
N PHE B 184 0.03 6.29 -13.43
CA PHE B 184 -0.91 6.16 -12.30
C PHE B 184 -2.29 5.74 -12.76
N ILE B 185 -2.86 6.48 -13.71
CA ILE B 185 -4.18 6.20 -14.24
C ILE B 185 -4.24 4.80 -14.82
N ARG B 186 -3.24 4.48 -15.62
CA ARG B 186 -3.09 3.18 -16.26
C ARG B 186 -3.06 2.07 -15.21
N GLU B 187 -2.17 2.19 -14.23
CA GLU B 187 -2.02 1.20 -13.20
C GLU B 187 -3.15 1.15 -12.20
N LYS B 188 -3.71 2.30 -11.82
CA LYS B 188 -4.79 2.29 -10.84
C LYS B 188 -6.10 1.87 -11.49
N GLY B 189 -6.10 1.78 -12.82
CA GLY B 189 -7.29 1.39 -13.56
C GLY B 189 -8.45 2.39 -13.47
N ILE B 190 -8.13 3.67 -13.55
CA ILE B 190 -9.13 4.73 -13.49
C ILE B 190 -9.75 4.92 -14.89
N LYS B 191 -11.07 5.02 -14.95
CA LYS B 191 -11.79 5.19 -16.20
C LYS B 191 -11.58 6.61 -16.68
N ILE B 192 -11.13 6.75 -17.92
CA ILE B 192 -10.83 8.06 -18.49
C ILE B 192 -11.29 8.30 -19.93
N TYR B 193 -11.88 9.47 -20.17
CA TYR B 193 -12.29 9.84 -21.51
C TYR B 193 -11.48 11.09 -21.87
N THR B 194 -10.39 10.91 -22.60
CA THR B 194 -9.62 12.06 -23.00
C THR B 194 -10.40 12.71 -24.15
N MET B 195 -9.88 13.81 -24.65
CA MET B 195 -10.51 14.51 -25.75
C MET B 195 -10.61 13.59 -26.96
N HIS B 196 -9.72 12.60 -27.06
CA HIS B 196 -9.78 11.65 -28.18
C HIS B 196 -11.10 10.89 -28.11
N GLU B 197 -11.49 10.46 -26.91
CA GLU B 197 -12.75 9.74 -26.76
C GLU B 197 -13.95 10.64 -26.93
N VAL B 198 -13.83 11.87 -26.47
CA VAL B 198 -14.93 12.81 -26.64
C VAL B 198 -15.16 13.04 -28.14
N ASP B 199 -14.09 13.29 -28.87
CA ASP B 199 -14.18 13.51 -30.30
C ASP B 199 -14.67 12.26 -31.01
N ARG B 200 -14.15 11.12 -30.60
CA ARG B 200 -14.51 9.87 -31.24
C ARG B 200 -15.90 9.35 -30.96
N LEU B 201 -16.32 9.39 -29.69
CA LEU B 201 -17.62 8.87 -29.30
C LEU B 201 -18.68 9.94 -29.18
N GLY B 202 -18.25 11.16 -28.89
CA GLY B 202 -19.18 12.27 -28.73
C GLY B 202 -19.54 12.39 -27.29
N MET B 203 -19.91 13.59 -26.87
CA MET B 203 -20.27 13.82 -25.50
C MET B 203 -21.47 13.02 -24.99
N THR B 204 -22.44 12.74 -25.87
CA THR B 204 -23.62 11.98 -25.45
C THR B 204 -23.24 10.60 -24.99
N ARG B 205 -22.48 9.92 -25.82
CA ARG B 205 -22.00 8.58 -25.57
C ARG B 205 -21.16 8.56 -24.27
N VAL B 206 -20.19 9.47 -24.22
CA VAL B 206 -19.33 9.55 -23.06
C VAL B 206 -20.11 9.69 -21.76
N MET B 207 -21.09 10.58 -21.73
CA MET B 207 -21.90 10.81 -20.53
C MET B 207 -22.79 9.63 -20.22
N GLU B 208 -23.33 9.00 -21.25
CA GLU B 208 -24.20 7.83 -21.05
C GLU B 208 -23.40 6.70 -20.38
N GLU B 209 -22.22 6.43 -20.91
CA GLU B 209 -21.35 5.40 -20.37
C GLU B 209 -20.94 5.76 -18.96
N THR B 210 -20.60 7.01 -18.73
CA THR B 210 -20.19 7.46 -17.40
C THR B 210 -21.30 7.29 -16.37
N ILE B 211 -22.50 7.76 -16.70
CA ILE B 211 -23.62 7.66 -15.78
C ILE B 211 -23.97 6.21 -15.47
N ALA B 212 -24.04 5.39 -16.49
CA ALA B 212 -24.36 3.97 -16.29
C ALA B 212 -23.28 3.29 -15.44
N TYR B 213 -22.02 3.59 -15.73
CA TYR B 213 -20.89 3.03 -15.01
C TYR B 213 -20.95 3.31 -13.51
N LEU B 214 -21.13 4.58 -13.16
CA LEU B 214 -21.18 4.96 -11.76
C LEU B 214 -22.46 4.54 -11.05
N LYS B 215 -23.60 4.78 -11.70
CA LYS B 215 -24.91 4.44 -11.13
C LYS B 215 -24.96 2.96 -10.77
N GLU B 216 -24.16 2.19 -11.48
CA GLU B 216 -24.09 0.77 -11.31
C GLU B 216 -23.20 0.32 -10.16
N ARG B 217 -22.49 1.23 -9.51
CA ARG B 217 -21.61 0.79 -8.43
C ARG B 217 -21.26 1.77 -7.32
N THR B 218 -22.02 2.85 -7.22
CA THR B 218 -21.75 3.84 -6.18
C THR B 218 -23.07 4.22 -5.53
N ASP B 219 -23.01 4.84 -4.36
CA ASP B 219 -24.21 5.26 -3.69
C ASP B 219 -24.34 6.79 -3.63
N GLY B 220 -23.45 7.44 -4.37
CA GLY B 220 -23.45 8.89 -4.44
C GLY B 220 -22.37 9.23 -5.44
N VAL B 221 -22.46 10.40 -6.06
CA VAL B 221 -21.46 10.84 -7.02
C VAL B 221 -21.14 12.32 -6.81
N HIS B 222 -19.86 12.61 -6.72
CA HIS B 222 -19.40 13.96 -6.52
C HIS B 222 -18.90 14.49 -7.86
N LEU B 223 -19.37 15.67 -8.24
CA LEU B 223 -18.92 16.31 -9.46
C LEU B 223 -17.82 17.34 -9.10
N SER B 224 -16.61 17.08 -9.58
CA SER B 224 -15.49 17.98 -9.33
C SER B 224 -15.19 18.60 -10.69
N LEU B 225 -15.83 19.75 -10.97
CA LEU B 225 -15.66 20.42 -12.26
C LEU B 225 -14.64 21.56 -12.27
N ASP B 226 -13.58 21.34 -13.04
CA ASP B 226 -12.51 22.30 -13.24
C ASP B 226 -12.85 23.04 -14.54
N LEU B 227 -13.05 24.35 -14.45
CA LEU B 227 -13.36 25.12 -15.64
C LEU B 227 -12.37 25.00 -16.78
N ASP B 228 -11.10 24.64 -16.48
CA ASP B 228 -10.08 24.47 -17.52
C ASP B 228 -10.36 23.23 -18.37
N GLY B 229 -11.39 22.49 -18.00
CA GLY B 229 -11.80 21.33 -18.78
C GLY B 229 -12.38 21.87 -20.08
N LEU B 230 -13.01 23.06 -20.02
CA LEU B 230 -13.55 23.69 -21.23
C LEU B 230 -12.40 24.34 -22.01
N ASP B 231 -12.58 24.48 -23.31
CA ASP B 231 -11.55 25.11 -24.11
C ASP B 231 -11.30 26.56 -23.64
N PRO B 232 -10.03 27.04 -23.74
CA PRO B 232 -9.63 28.39 -23.33
C PRO B 232 -10.44 29.53 -24.01
N SER B 233 -11.01 29.24 -25.17
CA SER B 233 -11.80 30.25 -25.84
C SER B 233 -13.12 30.39 -25.12
N ASP B 234 -13.59 29.31 -24.49
CA ASP B 234 -14.86 29.32 -23.78
C ASP B 234 -14.66 29.75 -22.34
N ALA B 235 -13.59 29.25 -21.72
CA ALA B 235 -13.26 29.57 -20.33
C ALA B 235 -11.83 30.11 -20.27
N PRO B 236 -11.64 31.37 -20.69
CA PRO B 236 -10.29 31.95 -20.69
C PRO B 236 -9.62 32.17 -19.34
N GLY B 237 -10.42 32.45 -18.32
CA GLY B 237 -9.88 32.70 -16.98
C GLY B 237 -9.50 31.51 -16.13
N VAL B 238 -8.43 30.84 -16.50
CA VAL B 238 -7.95 29.68 -15.76
C VAL B 238 -6.43 29.77 -15.70
N GLY B 239 -5.84 29.23 -14.63
CA GLY B 239 -4.40 29.26 -14.44
C GLY B 239 -3.59 28.38 -15.37
N THR B 240 -4.14 27.23 -15.77
CA THR B 240 -3.38 26.34 -16.65
C THR B 240 -4.28 25.88 -17.80
N PRO B 241 -4.53 26.76 -18.77
CA PRO B 241 -5.38 26.48 -19.93
C PRO B 241 -4.68 25.53 -20.87
N VAL B 242 -5.46 24.73 -21.60
CA VAL B 242 -4.92 23.79 -22.54
C VAL B 242 -5.94 23.82 -23.67
N ILE B 243 -5.47 24.12 -24.87
CA ILE B 243 -6.31 24.19 -26.04
C ILE B 243 -6.90 22.83 -26.45
N GLY B 244 -7.91 22.89 -27.32
CA GLY B 244 -8.56 21.69 -27.80
C GLY B 244 -9.45 21.09 -26.73
N GLY B 245 -10.19 21.95 -26.05
CA GLY B 245 -11.06 21.50 -24.99
C GLY B 245 -12.52 21.34 -25.32
N LEU B 246 -13.28 21.03 -24.28
CA LEU B 246 -14.71 20.82 -24.34
C LEU B 246 -15.39 22.15 -24.63
N THR B 247 -16.42 22.12 -25.48
CA THR B 247 -17.13 23.34 -25.85
C THR B 247 -18.16 23.74 -24.79
N TYR B 248 -18.68 24.94 -24.93
CA TYR B 248 -19.71 25.46 -24.03
C TYR B 248 -20.96 24.59 -24.10
N ARG B 249 -21.34 24.18 -25.32
CA ARG B 249 -22.51 23.32 -25.51
C ARG B 249 -22.30 21.92 -24.95
N GLU B 250 -21.14 21.32 -25.20
CA GLU B 250 -20.83 19.99 -24.66
C GLU B 250 -20.97 19.98 -23.15
N SER B 251 -20.47 21.02 -22.50
CA SER B 251 -20.52 21.12 -21.06
C SER B 251 -21.98 21.23 -20.58
N HIS B 252 -22.81 21.96 -21.31
CA HIS B 252 -24.21 22.10 -20.92
C HIS B 252 -24.92 20.78 -21.07
N LEU B 253 -24.61 20.07 -22.15
CA LEU B 253 -25.19 18.77 -22.37
C LEU B 253 -24.84 17.86 -21.20
N ALA B 254 -23.54 17.85 -20.83
CA ALA B 254 -23.02 17.01 -19.72
C ALA B 254 -23.79 17.27 -18.42
N MET B 255 -23.94 18.55 -18.07
CA MET B 255 -24.66 18.96 -16.88
C MET B 255 -26.14 18.58 -16.97
N GLU B 256 -26.71 18.71 -18.15
CA GLU B 256 -28.12 18.39 -18.38
C GLU B 256 -28.37 16.91 -18.24
N MET B 257 -27.45 16.10 -18.71
CA MET B 257 -27.63 14.68 -18.58
C MET B 257 -27.43 14.22 -17.13
N LEU B 258 -26.49 14.83 -16.41
CA LEU B 258 -26.26 14.49 -15.01
C LEU B 258 -27.50 14.83 -14.18
N ALA B 259 -28.07 16.00 -14.44
CA ALA B 259 -29.27 16.44 -13.73
C ALA B 259 -30.36 15.42 -14.01
N GLU B 260 -30.50 15.08 -15.29
CA GLU B 260 -31.50 14.11 -15.70
C GLU B 260 -31.34 12.80 -14.96
N ALA B 261 -30.09 12.35 -14.81
CA ALA B 261 -29.81 11.08 -14.15
C ALA B 261 -30.00 11.14 -12.65
N GLN B 262 -29.98 12.34 -12.10
CA GLN B 262 -30.16 12.51 -10.66
C GLN B 262 -29.16 11.72 -9.84
N ILE B 263 -27.91 11.68 -10.27
CA ILE B 263 -26.87 10.96 -9.53
C ILE B 263 -25.90 11.84 -8.75
N ILE B 264 -25.84 13.14 -9.06
CA ILE B 264 -24.91 14.01 -8.36
C ILE B 264 -25.34 14.36 -6.93
N THR B 265 -24.54 14.00 -5.94
CA THR B 265 -24.85 14.27 -4.54
C THR B 265 -24.03 15.40 -3.89
N SER B 266 -23.02 15.89 -4.59
CA SER B 266 -22.21 16.99 -4.11
C SER B 266 -21.46 17.53 -5.31
N ALA B 267 -21.00 18.78 -5.25
CA ALA B 267 -20.26 19.34 -6.38
C ALA B 267 -19.37 20.53 -6.03
N GLU B 268 -18.39 20.76 -6.90
CA GLU B 268 -17.47 21.89 -6.74
C GLU B 268 -17.02 22.39 -8.11
N PHE B 269 -16.98 23.71 -8.23
CA PHE B 269 -16.57 24.36 -9.47
C PHE B 269 -15.31 25.12 -9.13
N VAL B 270 -14.22 24.70 -9.75
CA VAL B 270 -12.92 25.27 -9.43
C VAL B 270 -12.09 25.92 -10.52
N GLU B 271 -10.99 26.54 -10.10
CA GLU B 271 -10.02 27.17 -10.97
C GLU B 271 -10.46 28.43 -11.70
N VAL B 272 -11.54 29.04 -11.26
CA VAL B 272 -12.01 30.27 -11.89
C VAL B 272 -11.06 31.40 -11.43
N ASN B 273 -10.45 32.09 -12.38
CA ASN B 273 -9.54 33.19 -12.07
C ASN B 273 -9.93 34.45 -12.85
N PRO B 274 -10.60 35.41 -12.18
CA PRO B 274 -11.05 36.67 -12.77
C PRO B 274 -9.91 37.47 -13.37
N ILE B 275 -8.74 37.35 -12.76
CA ILE B 275 -7.57 38.09 -13.18
C ILE B 275 -6.95 37.66 -14.49
N LEU B 276 -7.32 36.48 -14.99
CA LEU B 276 -6.80 35.99 -16.26
C LEU B 276 -7.93 35.88 -17.28
N ASP B 277 -9.10 36.36 -16.88
CA ASP B 277 -10.33 36.30 -17.66
C ASP B 277 -10.63 37.53 -18.51
N GLU B 278 -11.72 37.44 -19.25
CA GLU B 278 -12.21 38.51 -20.11
C GLU B 278 -13.61 38.83 -19.60
N ARG B 279 -13.72 39.87 -18.77
CA ARG B 279 -15.00 40.30 -18.22
C ARG B 279 -15.86 39.23 -17.53
N ASN B 280 -15.26 38.49 -16.61
CA ASN B 280 -15.99 37.47 -15.85
C ASN B 280 -16.64 36.34 -16.66
N LYS B 281 -16.21 36.20 -17.91
CA LYS B 281 -16.74 35.16 -18.78
C LYS B 281 -16.70 33.75 -18.18
N THR B 282 -15.57 33.42 -17.57
CA THR B 282 -15.40 32.11 -16.99
C THR B 282 -16.30 31.85 -15.78
N ALA B 283 -16.41 32.82 -14.89
CA ALA B 283 -17.30 32.67 -13.73
C ALA B 283 -18.73 32.55 -14.26
N SER B 284 -19.04 33.28 -15.34
CA SER B 284 -20.36 33.21 -15.94
C SER B 284 -20.67 31.80 -16.51
N VAL B 285 -19.72 31.21 -17.23
CA VAL B 285 -19.93 29.87 -17.74
C VAL B 285 -20.22 28.92 -16.57
N ALA B 286 -19.46 29.06 -15.49
CA ALA B 286 -19.61 28.22 -14.31
C ALA B 286 -21.03 28.31 -13.73
N VAL B 287 -21.52 29.53 -13.57
CA VAL B 287 -22.86 29.75 -13.04
C VAL B 287 -23.90 29.13 -13.97
N ALA B 288 -23.71 29.31 -15.27
CA ALA B 288 -24.61 28.76 -16.27
C ALA B 288 -24.62 27.22 -16.16
N LEU B 289 -23.43 26.62 -16.04
CA LEU B 289 -23.32 25.16 -15.93
C LEU B 289 -23.96 24.70 -14.64
N MET B 290 -23.84 25.48 -13.58
CA MET B 290 -24.45 25.11 -12.31
C MET B 290 -25.98 25.09 -12.47
N GLY B 291 -26.53 26.08 -13.18
CA GLY B 291 -27.97 26.11 -13.45
C GLY B 291 -28.45 24.82 -14.12
N SER B 292 -27.74 24.37 -15.15
CA SER B 292 -28.07 23.15 -15.85
C SER B 292 -27.97 21.96 -14.92
N LEU B 293 -26.86 21.88 -14.18
CA LEU B 293 -26.63 20.78 -13.23
C LEU B 293 -27.78 20.68 -12.26
N PHE B 294 -28.23 21.81 -11.75
CA PHE B 294 -29.31 21.79 -10.80
C PHE B 294 -30.71 21.74 -11.38
N GLY B 295 -30.82 21.34 -12.66
CA GLY B 295 -32.12 21.17 -13.29
C GLY B 295 -32.66 22.18 -14.27
N GLU B 296 -31.95 23.27 -14.52
CA GLU B 296 -32.43 24.27 -15.45
C GLU B 296 -32.56 23.62 -16.83
N LYS B 297 -33.74 23.73 -17.44
CA LYS B 297 -33.97 23.16 -18.76
C LYS B 297 -34.41 24.19 -19.78
N LEU B 298 -34.20 23.88 -21.06
CA LEU B 298 -34.57 24.80 -22.12
C LEU B 298 -36.07 24.77 -22.40
N MET B 299 -36.69 23.61 -22.19
CA MET B 299 -38.12 23.44 -22.40
C MET B 299 -38.77 23.10 -21.06
N LYS C 2 -38.47 25.96 -59.57
CA LYS C 2 -39.57 26.98 -59.54
C LYS C 2 -38.91 28.35 -59.39
N PRO C 3 -39.40 29.34 -60.15
CA PRO C 3 -38.85 30.70 -60.09
C PRO C 3 -39.01 31.26 -58.70
N ILE C 4 -38.15 32.19 -58.34
CA ILE C 4 -38.20 32.80 -57.03
C ILE C 4 -38.50 34.30 -57.12
N SER C 5 -39.30 34.79 -56.17
CA SER C 5 -39.61 36.20 -56.09
C SER C 5 -39.16 36.65 -54.70
N ILE C 6 -38.39 37.72 -54.65
CA ILE C 6 -37.89 38.25 -53.40
C ILE C 6 -38.75 39.43 -52.97
N ILE C 7 -39.13 39.42 -51.70
CA ILE C 7 -39.93 40.48 -51.13
C ILE C 7 -39.24 40.90 -49.87
N GLY C 8 -38.84 42.16 -49.85
CA GLY C 8 -38.19 42.72 -48.68
C GLY C 8 -39.24 43.36 -47.77
N VAL C 9 -39.10 43.14 -46.48
CA VAL C 9 -40.02 43.70 -45.51
C VAL C 9 -39.16 44.41 -44.47
N PRO C 10 -38.84 45.69 -44.71
CA PRO C 10 -38.01 46.48 -43.78
C PRO C 10 -38.79 46.82 -42.50
N MET C 11 -39.09 45.78 -41.73
CA MET C 11 -39.87 45.88 -40.51
C MET C 11 -39.08 45.94 -39.22
N ASP C 12 -39.40 46.91 -38.38
CA ASP C 12 -38.78 47.01 -37.06
C ASP C 12 -39.83 47.39 -36.02
N LEU C 13 -41.10 47.36 -36.43
CA LEU C 13 -42.21 47.70 -35.54
C LEU C 13 -42.53 46.62 -34.53
N GLY C 14 -42.15 45.38 -34.83
CA GLY C 14 -42.42 44.28 -33.93
C GLY C 14 -41.46 44.21 -32.76
N GLN C 15 -40.59 45.22 -32.63
CA GLN C 15 -39.60 45.27 -31.58
C GLN C 15 -39.20 46.72 -31.31
N THR C 16 -38.19 46.92 -30.47
CA THR C 16 -37.73 48.26 -30.11
C THR C 16 -36.31 48.70 -30.48
N ARG C 17 -35.49 47.81 -31.00
CA ARG C 17 -34.14 48.18 -31.36
C ARG C 17 -34.08 48.59 -32.81
N ARG C 18 -33.53 49.78 -33.07
CA ARG C 18 -33.42 50.25 -34.45
C ARG C 18 -32.39 49.46 -35.26
N GLY C 19 -32.63 49.34 -36.56
CA GLY C 19 -31.70 48.63 -37.42
C GLY C 19 -32.18 47.41 -38.16
N VAL C 20 -33.06 46.61 -37.56
CA VAL C 20 -33.54 45.39 -38.20
C VAL C 20 -34.29 45.64 -39.51
N ASP C 21 -34.74 46.88 -39.67
CA ASP C 21 -35.41 47.29 -40.89
C ASP C 21 -34.42 47.31 -42.07
N MET C 22 -33.11 47.33 -41.75
CA MET C 22 -32.04 47.37 -42.76
C MET C 22 -31.66 45.97 -43.21
N GLY C 23 -32.27 44.97 -42.58
CA GLY C 23 -31.98 43.60 -42.92
C GLY C 23 -32.13 43.26 -44.39
N PRO C 24 -33.29 43.55 -45.01
CA PRO C 24 -33.52 43.25 -46.43
C PRO C 24 -32.41 43.74 -47.36
N SER C 25 -32.00 44.98 -47.20
CA SER C 25 -30.95 45.47 -48.08
C SER C 25 -29.55 44.99 -47.74
N ALA C 26 -29.31 44.64 -46.48
CA ALA C 26 -27.99 44.11 -46.12
C ALA C 26 -27.84 42.78 -46.84
N MET C 27 -28.92 42.00 -46.89
CA MET C 27 -28.88 40.71 -47.56
C MET C 27 -28.76 40.87 -49.06
N ARG C 28 -29.36 41.93 -49.58
CA ARG C 28 -29.28 42.21 -51.02
C ARG C 28 -27.82 42.54 -51.31
N TYR C 29 -27.24 43.40 -50.46
CA TYR C 29 -25.85 43.80 -50.60
C TYR C 29 -24.91 42.62 -50.33
N ALA C 30 -25.36 41.64 -49.55
CA ALA C 30 -24.51 40.49 -49.31
C ALA C 30 -24.57 39.59 -50.55
N GLY C 31 -25.33 40.01 -51.56
CA GLY C 31 -25.40 39.27 -52.80
C GLY C 31 -26.42 38.18 -52.98
N VAL C 32 -27.61 38.36 -52.44
CA VAL C 32 -28.62 37.31 -52.58
C VAL C 32 -29.03 36.97 -54.01
N ILE C 33 -29.21 37.98 -54.87
CA ILE C 33 -29.64 37.73 -56.24
C ILE C 33 -28.61 36.95 -57.03
N GLU C 34 -27.38 37.39 -56.90
CA GLU C 34 -26.26 36.81 -57.63
C GLU C 34 -26.06 35.37 -57.20
N ARG C 35 -26.16 35.15 -55.91
CA ARG C 35 -25.98 33.81 -55.37
C ARG C 35 -26.96 32.82 -55.96
N LEU C 36 -28.22 33.27 -56.12
CA LEU C 36 -29.28 32.43 -56.63
C LEU C 36 -29.30 32.32 -58.16
N GLU C 37 -28.92 33.40 -58.84
CA GLU C 37 -28.88 33.37 -60.30
C GLU C 37 -27.87 32.32 -60.74
N ARG C 38 -26.76 32.26 -59.99
CA ARG C 38 -25.65 31.33 -60.23
C ARG C 38 -26.16 29.89 -60.21
N LEU C 39 -27.19 29.65 -59.41
CA LEU C 39 -27.78 28.33 -59.30
C LEU C 39 -28.77 28.12 -60.44
N HIS C 40 -28.77 29.04 -61.38
CA HIS C 40 -29.63 28.94 -62.54
C HIS C 40 -31.09 29.18 -62.25
N TYR C 41 -31.40 30.01 -61.26
CA TYR C 41 -32.79 30.31 -60.95
C TYR C 41 -33.31 31.52 -61.69
N ASP C 42 -34.62 31.54 -61.89
CA ASP C 42 -35.29 32.68 -62.48
C ASP C 42 -35.65 33.40 -61.17
N ILE C 43 -34.87 34.43 -60.86
CA ILE C 43 -35.05 35.17 -59.64
C ILE C 43 -35.52 36.57 -59.97
N GLU C 44 -36.47 37.04 -59.17
CA GLU C 44 -37.09 38.32 -59.37
C GLU C 44 -37.13 39.04 -58.03
N ASP C 45 -36.80 40.32 -58.00
CA ASP C 45 -36.84 41.09 -56.76
C ASP C 45 -38.03 42.05 -56.81
N LEU C 46 -39.10 41.73 -56.09
CA LEU C 46 -40.30 42.57 -56.08
C LEU C 46 -40.18 43.85 -55.25
N GLY C 47 -39.03 44.08 -54.63
CA GLY C 47 -38.87 45.28 -53.82
C GLY C 47 -39.28 45.10 -52.37
N ASP C 48 -39.53 46.22 -51.69
CA ASP C 48 -39.93 46.22 -50.27
C ASP C 48 -41.36 46.64 -49.99
N ILE C 49 -41.96 45.98 -49.01
CA ILE C 49 -43.31 46.31 -48.56
C ILE C 49 -43.20 47.62 -47.77
N PRO C 50 -44.08 48.59 -48.06
CA PRO C 50 -44.07 49.88 -47.37
C PRO C 50 -44.50 49.67 -45.93
N ILE C 51 -43.72 50.16 -44.98
CA ILE C 51 -44.04 50.01 -43.57
C ILE C 51 -44.39 51.41 -43.04
N GLY C 52 -45.57 51.53 -42.42
CA GLY C 52 -45.97 52.81 -41.88
C GLY C 52 -45.19 53.21 -40.63
N LYS C 53 -45.56 54.34 -40.05
CA LYS C 53 -44.90 54.82 -38.83
C LYS C 53 -45.87 54.48 -37.69
N ALA C 54 -45.31 54.19 -36.51
CA ALA C 54 -46.14 53.85 -35.34
C ALA C 54 -46.79 55.10 -34.74
N GLU C 55 -48.04 54.96 -34.31
CA GLU C 55 -48.77 56.07 -33.70
C GLU C 55 -48.35 56.25 -32.23
N ARG C 56 -48.60 57.44 -31.69
CA ARG C 56 -48.26 57.77 -30.30
C ARG C 56 -48.57 56.62 -29.35
N LEU C 57 -47.57 56.18 -28.60
CA LEU C 57 -47.76 55.08 -27.67
C LEU C 57 -48.95 55.33 -26.73
N HIS C 58 -49.04 56.55 -26.22
CA HIS C 58 -50.15 56.89 -25.32
C HIS C 58 -51.49 56.83 -26.04
N GLU C 59 -51.45 56.90 -27.37
CA GLU C 59 -52.66 56.85 -28.16
C GLU C 59 -52.98 55.42 -28.55
N GLN C 60 -51.97 54.55 -28.41
CA GLN C 60 -52.15 53.14 -28.73
C GLN C 60 -53.03 52.55 -27.63
N GLY C 61 -53.87 51.58 -28.00
CA GLY C 61 -54.78 50.97 -27.04
C GLY C 61 -54.37 49.72 -26.26
N ASP C 62 -53.08 49.43 -26.14
CA ASP C 62 -52.62 48.25 -25.40
C ASP C 62 -51.09 48.15 -25.41
N SER C 63 -50.47 48.29 -24.23
CA SER C 63 -49.01 48.22 -24.14
C SER C 63 -48.44 46.80 -24.33
N ARG C 64 -49.28 45.78 -24.20
CA ARG C 64 -48.85 44.40 -24.37
C ARG C 64 -48.70 44.06 -25.84
N LEU C 65 -49.11 45.00 -26.70
CA LEU C 65 -49.03 44.79 -28.12
C LEU C 65 -48.55 46.07 -28.77
N ARG C 66 -47.26 46.36 -28.60
CA ARG C 66 -46.66 47.56 -29.17
C ARG C 66 -46.85 47.60 -30.68
N ASN C 67 -47.17 48.79 -31.19
CA ASN C 67 -47.36 49.04 -32.63
C ASN C 67 -48.32 48.10 -33.37
N LEU C 68 -49.31 47.58 -32.65
CA LEU C 68 -50.28 46.65 -33.22
C LEU C 68 -50.84 47.04 -34.57
N LYS C 69 -51.33 48.27 -34.68
CA LYS C 69 -51.92 48.77 -35.91
C LYS C 69 -50.95 48.77 -37.08
N ALA C 70 -49.78 49.36 -36.86
CA ALA C 70 -48.78 49.44 -37.91
C ALA C 70 -48.25 48.09 -38.28
N VAL C 71 -48.11 47.22 -37.29
CA VAL C 71 -47.61 45.86 -37.54
C VAL C 71 -48.65 45.08 -38.34
N ALA C 72 -49.92 45.18 -37.94
CA ALA C 72 -51.00 44.48 -38.62
C ALA C 72 -51.14 44.95 -40.07
N GLU C 73 -51.14 46.27 -40.23
CA GLU C 73 -51.24 46.95 -41.51
C GLU C 73 -50.19 46.43 -42.51
N ALA C 74 -48.91 46.49 -42.09
CA ALA C 74 -47.79 46.05 -42.90
C ALA C 74 -47.90 44.55 -43.21
N ASN C 75 -48.35 43.76 -42.23
CA ASN C 75 -48.50 42.34 -42.45
C ASN C 75 -49.58 42.00 -43.47
N GLU C 76 -50.61 42.83 -43.52
CA GLU C 76 -51.67 42.65 -44.50
C GLU C 76 -51.09 42.81 -45.87
N LYS C 77 -50.28 43.86 -46.03
CA LYS C 77 -49.63 44.14 -47.29
C LYS C 77 -48.75 42.98 -47.72
N LEU C 78 -47.91 42.52 -46.79
CA LEU C 78 -47.04 41.39 -47.07
C LEU C 78 -47.83 40.16 -47.54
N ALA C 79 -48.90 39.83 -46.81
CA ALA C 79 -49.75 38.70 -47.14
C ALA C 79 -50.24 38.81 -48.57
N ALA C 80 -50.67 40.00 -48.97
CA ALA C 80 -51.17 40.19 -50.33
C ALA C 80 -50.07 39.91 -51.33
N ALA C 81 -48.90 40.48 -51.07
CA ALA C 81 -47.78 40.31 -51.96
C ALA C 81 -47.38 38.84 -52.07
N VAL C 82 -47.26 38.16 -50.95
CA VAL C 82 -46.88 36.77 -50.96
C VAL C 82 -47.91 35.95 -51.72
N ASP C 83 -49.19 36.22 -51.47
CA ASP C 83 -50.28 35.51 -52.13
C ASP C 83 -50.13 35.62 -53.64
N GLN C 84 -49.93 36.86 -54.09
CA GLN C 84 -49.75 37.16 -55.50
C GLN C 84 -48.65 36.27 -56.11
N VAL C 85 -47.50 36.22 -55.44
CA VAL C 85 -46.37 35.42 -55.88
C VAL C 85 -46.69 33.94 -56.01
N VAL C 86 -47.37 33.39 -54.99
CA VAL C 86 -47.74 31.98 -54.99
C VAL C 86 -48.73 31.76 -56.13
N GLN C 87 -49.67 32.67 -56.28
CA GLN C 87 -50.64 32.56 -57.36
C GLN C 87 -49.93 32.50 -58.72
N ARG C 88 -48.84 33.24 -58.84
CA ARG C 88 -48.08 33.25 -60.09
C ARG C 88 -47.21 31.99 -60.31
N GLY C 89 -47.28 31.06 -59.37
CA GLY C 89 -46.50 29.85 -59.48
C GLY C 89 -45.03 30.04 -59.15
N ARG C 90 -44.72 31.05 -58.34
CA ARG C 90 -43.34 31.29 -57.96
C ARG C 90 -43.17 31.03 -56.46
N PHE C 91 -41.93 30.78 -56.07
CA PHE C 91 -41.60 30.53 -54.67
C PHE C 91 -41.36 31.89 -54.00
N PRO C 92 -42.06 32.18 -52.89
CA PRO C 92 -41.87 33.45 -52.18
C PRO C 92 -40.67 33.37 -51.21
N LEU C 93 -39.66 34.21 -51.42
CA LEU C 93 -38.49 34.28 -50.55
C LEU C 93 -38.57 35.65 -49.85
N VAL C 94 -38.97 35.66 -48.60
CA VAL C 94 -39.17 36.90 -47.86
C VAL C 94 -37.96 37.29 -46.97
N LEU C 95 -37.53 38.54 -47.08
CA LEU C 95 -36.38 38.99 -46.29
C LEU C 95 -36.76 40.02 -45.24
N GLY C 96 -36.40 39.74 -43.99
CA GLY C 96 -36.70 40.66 -42.90
C GLY C 96 -35.49 41.43 -42.34
N GLY C 97 -35.68 42.33 -41.38
CA GLY C 97 -37.00 42.62 -40.84
C GLY C 97 -37.24 41.74 -39.63
N ASP C 98 -37.85 42.29 -38.57
CA ASP C 98 -38.09 41.48 -37.39
C ASP C 98 -39.05 40.33 -37.65
N HIS C 99 -39.02 39.33 -36.79
CA HIS C 99 -39.84 38.15 -36.98
C HIS C 99 -41.36 38.30 -37.05
N SER C 100 -41.88 39.48 -36.70
CA SER C 100 -43.33 39.68 -36.76
C SER C 100 -43.85 39.54 -38.19
N ILE C 101 -42.96 39.63 -39.17
CA ILE C 101 -43.36 39.50 -40.57
C ILE C 101 -43.81 38.11 -40.94
N ALA C 102 -43.49 37.12 -40.12
CA ALA C 102 -43.91 35.72 -40.37
C ALA C 102 -45.44 35.65 -40.42
N ILE C 103 -46.10 36.57 -39.70
CA ILE C 103 -47.57 36.63 -39.66
C ILE C 103 -48.08 36.90 -41.08
N GLY C 104 -47.46 37.88 -41.75
CA GLY C 104 -47.85 38.20 -43.12
C GLY C 104 -47.46 37.10 -44.10
N THR C 105 -46.24 36.59 -43.97
CA THR C 105 -45.77 35.55 -44.87
C THR C 105 -46.68 34.32 -44.79
N LEU C 106 -46.93 33.84 -43.57
CA LEU C 106 -47.77 32.67 -43.38
C LEU C 106 -49.19 32.89 -43.89
N ALA C 107 -49.68 34.12 -43.73
CA ALA C 107 -51.03 34.44 -44.18
C ALA C 107 -51.15 34.34 -45.71
N GLY C 108 -50.10 34.74 -46.43
CA GLY C 108 -50.15 34.69 -47.89
C GLY C 108 -49.92 33.32 -48.47
N VAL C 109 -49.24 32.47 -47.71
CA VAL C 109 -48.90 31.15 -48.17
C VAL C 109 -49.90 30.08 -47.78
N ALA C 110 -50.16 30.01 -46.49
CA ALA C 110 -51.02 29.00 -45.90
C ALA C 110 -52.28 28.70 -46.67
N LYS C 111 -53.02 29.74 -47.04
CA LYS C 111 -54.26 29.58 -47.79
C LYS C 111 -54.13 28.69 -49.03
N HIS C 112 -52.91 28.48 -49.51
CA HIS C 112 -52.70 27.67 -50.68
C HIS C 112 -52.41 26.21 -50.42
N TYR C 113 -52.38 25.79 -49.16
CA TYR C 113 -52.07 24.40 -48.86
C TYR C 113 -53.09 23.79 -47.95
N GLU C 114 -53.30 22.49 -48.09
CA GLU C 114 -54.25 21.77 -47.24
C GLU C 114 -53.69 21.68 -45.83
N ARG C 115 -52.42 21.31 -45.74
CA ARG C 115 -51.76 21.15 -44.46
C ARG C 115 -50.34 21.68 -44.56
N LEU C 116 -50.19 22.99 -44.38
CA LEU C 116 -48.87 23.60 -44.47
C LEU C 116 -48.07 23.30 -43.22
N GLY C 117 -46.83 22.91 -43.41
CA GLY C 117 -45.94 22.62 -42.30
C GLY C 117 -45.02 23.82 -42.15
N VAL C 118 -44.44 23.95 -40.96
CA VAL C 118 -43.54 25.05 -40.66
C VAL C 118 -42.34 24.58 -39.85
N ILE C 119 -41.16 25.00 -40.28
CA ILE C 119 -39.93 24.69 -39.57
C ILE C 119 -39.51 26.05 -39.04
N TRP C 120 -39.50 26.18 -37.72
CA TRP C 120 -39.13 27.42 -37.07
C TRP C 120 -37.72 27.24 -36.49
N TYR C 121 -36.72 27.70 -37.24
CA TYR C 121 -35.31 27.61 -36.89
C TYR C 121 -35.06 28.89 -36.09
N ASP C 122 -34.90 28.76 -34.79
CA ASP C 122 -34.78 29.95 -33.97
C ASP C 122 -34.25 29.61 -32.58
N ALA C 123 -33.87 30.63 -31.82
CA ALA C 123 -33.40 30.46 -30.44
C ALA C 123 -34.61 30.61 -29.52
N HIS C 124 -35.67 31.23 -30.05
CA HIS C 124 -36.92 31.51 -29.34
C HIS C 124 -38.12 30.75 -29.96
N GLY C 125 -39.20 30.62 -29.20
CA GLY C 125 -40.40 29.94 -29.67
C GLY C 125 -41.36 30.87 -30.41
N ASP C 126 -41.25 32.16 -30.12
CA ASP C 126 -42.09 33.17 -30.73
C ASP C 126 -43.57 32.80 -30.65
N VAL C 127 -43.94 32.26 -29.49
CA VAL C 127 -45.31 31.84 -29.22
C VAL C 127 -45.98 32.60 -28.07
N ASN C 128 -45.60 33.86 -27.87
CA ASN C 128 -46.19 34.66 -26.81
C ASN C 128 -47.51 35.27 -27.28
N THR C 129 -48.26 35.84 -26.33
CA THR C 129 -49.53 36.50 -26.57
C THR C 129 -49.45 37.74 -25.71
N ALA C 130 -50.43 38.62 -25.81
CA ALA C 130 -50.45 39.82 -24.98
C ALA C 130 -50.41 39.39 -23.52
N GLU C 131 -51.02 38.26 -23.23
CA GLU C 131 -51.06 37.75 -21.88
C GLU C 131 -49.75 37.21 -21.40
N THR C 132 -49.04 36.48 -22.25
CA THR C 132 -47.78 35.91 -21.78
C THR C 132 -46.53 36.70 -22.09
N SER C 133 -46.60 37.63 -23.04
CA SER C 133 -45.41 38.37 -23.42
C SER C 133 -44.80 39.20 -22.33
N PRO C 134 -43.51 39.01 -22.07
CA PRO C 134 -42.85 39.80 -21.02
C PRO C 134 -42.38 41.13 -21.57
N SER C 135 -42.58 41.35 -22.87
CA SER C 135 -42.09 42.57 -23.49
C SER C 135 -43.13 43.45 -24.18
N GLY C 136 -44.19 42.83 -24.70
CA GLY C 136 -45.21 43.56 -25.44
C GLY C 136 -44.79 43.73 -26.90
N ASN C 137 -43.68 43.06 -27.26
CA ASN C 137 -43.11 43.10 -28.61
C ASN C 137 -43.71 42.00 -29.46
N ILE C 138 -44.42 42.40 -30.50
CA ILE C 138 -45.08 41.47 -31.38
C ILE C 138 -44.16 40.51 -32.12
N HIS C 139 -42.88 40.86 -32.24
CA HIS C 139 -41.93 39.96 -32.90
C HIS C 139 -41.76 38.65 -32.13
N GLY C 140 -42.25 38.61 -30.89
CA GLY C 140 -42.16 37.39 -30.09
C GLY C 140 -43.49 36.63 -30.06
N MET C 141 -44.39 37.00 -30.97
CA MET C 141 -45.73 36.39 -31.07
C MET C 141 -46.15 35.79 -32.43
N PRO C 142 -45.33 36.00 -33.50
CA PRO C 142 -45.76 35.45 -34.78
C PRO C 142 -46.16 33.98 -34.89
N LEU C 143 -45.48 33.07 -34.21
CA LEU C 143 -45.86 31.65 -34.31
C LEU C 143 -47.20 31.38 -33.60
N ALA C 144 -47.40 31.99 -32.44
CA ALA C 144 -48.66 31.83 -31.72
C ALA C 144 -49.78 32.37 -32.57
N ALA C 145 -49.63 33.62 -33.05
CA ALA C 145 -50.66 34.26 -33.88
C ALA C 145 -51.00 33.45 -35.11
N SER C 146 -50.00 32.88 -35.77
CA SER C 146 -50.26 32.09 -36.96
C SER C 146 -51.03 30.82 -36.62
N LEU C 147 -50.89 30.34 -35.39
CA LEU C 147 -51.59 29.15 -34.91
C LEU C 147 -53.00 29.54 -34.43
N GLY C 148 -53.31 30.83 -34.53
CA GLY C 148 -54.62 31.29 -34.11
C GLY C 148 -54.69 31.74 -32.67
N PHE C 149 -53.55 32.00 -32.03
CA PHE C 149 -53.56 32.45 -30.65
C PHE C 149 -52.99 33.83 -30.44
N GLY C 150 -53.89 34.76 -30.13
CA GLY C 150 -53.51 36.14 -29.90
C GLY C 150 -54.58 37.14 -30.31
N HIS C 151 -54.19 38.39 -30.42
CA HIS C 151 -55.10 39.44 -30.81
C HIS C 151 -55.59 39.19 -32.24
N PRO C 152 -56.90 39.25 -32.43
CA PRO C 152 -57.51 39.03 -33.74
C PRO C 152 -56.89 39.89 -34.83
N ALA C 153 -56.41 41.09 -34.47
CA ALA C 153 -55.76 41.99 -35.43
C ALA C 153 -54.58 41.27 -36.07
N LEU C 154 -54.03 40.31 -35.33
CA LEU C 154 -52.90 39.52 -35.79
C LEU C 154 -53.31 38.13 -36.30
N THR C 155 -54.28 37.50 -35.63
CA THR C 155 -54.71 36.18 -36.02
C THR C 155 -55.54 36.15 -37.28
N GLN C 156 -56.14 37.28 -37.63
CA GLN C 156 -57.00 37.37 -38.80
C GLN C 156 -56.43 37.97 -40.08
N ILE C 157 -55.12 38.24 -40.09
CA ILE C 157 -54.46 38.80 -41.28
C ILE C 157 -54.76 37.87 -42.45
N GLY C 158 -55.12 38.44 -43.58
CA GLY C 158 -55.44 37.60 -44.72
C GLY C 158 -56.90 37.14 -44.69
N GLY C 159 -57.62 37.50 -43.62
CA GLY C 159 -59.03 37.14 -43.49
C GLY C 159 -59.35 35.70 -43.11
N TYR C 160 -58.40 35.00 -42.52
CA TYR C 160 -58.66 33.62 -42.13
C TYR C 160 -57.74 33.24 -40.99
N SER C 161 -58.07 32.15 -40.30
CA SER C 161 -57.26 31.66 -39.20
C SER C 161 -57.74 30.27 -38.82
N PRO C 162 -56.85 29.41 -38.34
CA PRO C 162 -55.42 29.68 -38.15
C PRO C 162 -54.76 29.40 -39.47
N LYS C 163 -53.48 29.74 -39.60
CA LYS C 163 -52.79 29.46 -40.85
C LYS C 163 -52.27 28.03 -40.88
N ILE C 164 -51.75 27.54 -39.74
CA ILE C 164 -51.22 26.19 -39.65
C ILE C 164 -51.70 25.54 -38.35
N LYS C 165 -51.47 24.23 -38.25
CA LYS C 165 -51.84 23.45 -37.09
C LYS C 165 -50.57 23.15 -36.28
N PRO C 166 -50.67 23.11 -34.95
CA PRO C 166 -49.56 22.85 -34.03
C PRO C 166 -48.77 21.58 -34.33
N GLU C 167 -49.49 20.54 -34.73
CA GLU C 167 -48.89 19.26 -35.06
C GLU C 167 -48.09 19.28 -36.36
N HIS C 168 -48.08 20.41 -37.03
CA HIS C 168 -47.35 20.52 -38.27
C HIS C 168 -46.19 21.48 -38.12
N VAL C 169 -45.86 21.80 -36.87
CA VAL C 169 -44.76 22.73 -36.61
C VAL C 169 -43.61 22.00 -35.94
N VAL C 170 -42.40 22.35 -36.33
CA VAL C 170 -41.21 21.79 -35.71
C VAL C 170 -40.26 22.96 -35.41
N LEU C 171 -39.96 23.13 -34.13
CA LEU C 171 -39.05 24.16 -33.65
C LEU C 171 -37.65 23.55 -33.57
N ILE C 172 -36.65 24.27 -34.08
CA ILE C 172 -35.28 23.80 -34.04
C ILE C 172 -34.33 24.88 -33.58
N GLY C 173 -33.51 24.54 -32.59
CA GLY C 173 -32.49 25.45 -32.08
C GLY C 173 -32.89 26.27 -30.89
N VAL C 174 -34.06 25.99 -30.33
CA VAL C 174 -34.60 26.76 -29.22
C VAL C 174 -33.74 26.68 -27.96
N ARG C 175 -33.54 27.83 -27.32
CA ARG C 175 -32.75 27.90 -26.10
C ARG C 175 -33.17 29.08 -25.23
N SER C 176 -34.27 29.73 -25.58
CA SER C 176 -34.72 30.84 -24.77
C SER C 176 -36.24 30.98 -24.84
N LEU C 177 -36.94 30.33 -23.91
CA LEU C 177 -38.42 30.35 -23.88
C LEU C 177 -38.95 30.98 -22.62
N ASP C 178 -39.96 31.84 -22.76
CA ASP C 178 -40.58 32.45 -21.61
C ASP C 178 -41.45 31.37 -20.99
N GLU C 179 -41.73 31.48 -19.69
CA GLU C 179 -42.53 30.46 -19.01
C GLU C 179 -43.84 30.14 -19.71
N GLY C 180 -44.55 31.20 -20.11
CA GLY C 180 -45.82 31.04 -20.80
C GLY C 180 -45.64 30.29 -22.09
N GLU C 181 -44.52 30.50 -22.75
CA GLU C 181 -44.25 29.82 -24.01
C GLU C 181 -44.02 28.35 -23.79
N LYS C 182 -43.35 27.98 -22.70
CA LYS C 182 -43.08 26.57 -22.42
C LYS C 182 -44.40 25.85 -22.22
N LYS C 183 -45.30 26.53 -21.52
CA LYS C 183 -46.62 26.00 -21.27
C LYS C 183 -47.35 25.82 -22.60
N PHE C 184 -47.30 26.86 -23.45
CA PHE C 184 -47.92 26.84 -24.77
C PHE C 184 -47.45 25.67 -25.62
N ILE C 185 -46.15 25.54 -25.75
CA ILE C 185 -45.56 24.48 -26.55
C ILE C 185 -45.98 23.13 -26.02
N ARG C 186 -45.87 22.98 -24.70
CA ARG C 186 -46.23 21.73 -24.03
C ARG C 186 -47.67 21.34 -24.30
N GLU C 187 -48.57 22.28 -24.02
CA GLU C 187 -49.99 22.05 -24.20
C GLU C 187 -50.45 21.95 -25.65
N LYS C 188 -49.90 22.76 -26.55
CA LYS C 188 -50.31 22.70 -27.92
C LYS C 188 -49.69 21.50 -28.61
N GLY C 189 -48.78 20.83 -27.92
CA GLY C 189 -48.11 19.66 -28.48
C GLY C 189 -47.21 19.93 -29.71
N ILE C 190 -46.48 21.04 -29.69
CA ILE C 190 -45.62 21.40 -30.81
C ILE C 190 -44.28 20.68 -30.71
N LYS C 191 -43.87 20.08 -31.82
CA LYS C 191 -42.61 19.35 -31.87
C LYS C 191 -41.48 20.37 -31.74
N ILE C 192 -40.56 20.13 -30.81
CA ILE C 192 -39.46 21.06 -30.57
C ILE C 192 -38.12 20.37 -30.29
N TYR C 193 -37.05 20.86 -30.90
CA TYR C 193 -35.71 20.35 -30.68
C TYR C 193 -34.92 21.50 -30.13
N THR C 194 -34.74 21.53 -28.83
CA THR C 194 -33.97 22.61 -28.20
C THR C 194 -32.50 22.26 -28.39
N MET C 195 -31.62 23.16 -27.96
CA MET C 195 -30.19 22.92 -28.08
C MET C 195 -29.79 21.60 -27.38
N HIS C 196 -30.55 21.20 -26.36
CA HIS C 196 -30.29 19.95 -25.67
C HIS C 196 -30.40 18.79 -26.64
N GLU C 197 -31.45 18.79 -27.47
CA GLU C 197 -31.63 17.72 -28.45
C GLU C 197 -30.64 17.80 -29.55
N VAL C 198 -30.30 19.01 -29.97
CA VAL C 198 -29.30 19.17 -31.03
C VAL C 198 -27.97 18.61 -30.53
N ASP C 199 -27.61 18.93 -29.29
CA ASP C 199 -26.37 18.45 -28.69
C ASP C 199 -26.41 16.95 -28.49
N ARG C 200 -27.53 16.46 -27.97
CA ARG C 200 -27.69 15.05 -27.70
C ARG C 200 -27.84 14.14 -28.91
N LEU C 201 -28.62 14.57 -29.90
CA LEU C 201 -28.88 13.76 -31.08
C LEU C 201 -28.03 14.07 -32.29
N GLY C 202 -27.59 15.33 -32.39
CA GLY C 202 -26.80 15.73 -33.55
C GLY C 202 -27.74 16.34 -34.57
N MET C 203 -27.26 17.30 -35.35
CA MET C 203 -28.11 17.96 -36.30
C MET C 203 -28.61 17.00 -37.34
N THR C 204 -27.81 16.02 -37.72
CA THR C 204 -28.25 15.10 -38.74
C THR C 204 -29.51 14.36 -38.31
N ARG C 205 -29.52 13.81 -37.10
CA ARG C 205 -30.71 13.11 -36.64
C ARG C 205 -31.90 14.05 -36.50
N VAL C 206 -31.67 15.23 -35.94
CA VAL C 206 -32.73 16.22 -35.78
C VAL C 206 -33.38 16.56 -37.13
N MET C 207 -32.56 16.78 -38.14
CA MET C 207 -33.08 17.10 -39.47
C MET C 207 -33.75 15.92 -40.14
N GLU C 208 -33.23 14.72 -39.94
CA GLU C 208 -33.83 13.52 -40.51
C GLU C 208 -35.24 13.31 -39.94
N GLU C 209 -35.35 13.40 -38.61
CA GLU C 209 -36.63 13.24 -37.92
C GLU C 209 -37.64 14.32 -38.33
N THR C 210 -37.16 15.56 -38.42
CA THR C 210 -37.98 16.71 -38.81
C THR C 210 -38.53 16.56 -40.23
N ILE C 211 -37.67 16.17 -41.16
CA ILE C 211 -38.08 16.00 -42.54
C ILE C 211 -39.08 14.86 -42.68
N ALA C 212 -38.80 13.76 -42.00
CA ALA C 212 -39.68 12.60 -42.05
C ALA C 212 -41.05 12.92 -41.44
N TYR C 213 -41.03 13.62 -40.32
CA TYR C 213 -42.24 14.01 -39.61
C TYR C 213 -43.19 14.84 -40.46
N LEU C 214 -42.65 15.88 -41.07
CA LEU C 214 -43.43 16.79 -41.90
C LEU C 214 -43.82 16.22 -43.24
N LYS C 215 -42.88 15.56 -43.91
CA LYS C 215 -43.12 14.96 -45.22
C LYS C 215 -44.29 13.97 -45.13
N GLU C 216 -44.43 13.42 -43.94
CA GLU C 216 -45.45 12.44 -43.61
C GLU C 216 -46.85 13.01 -43.32
N ARG C 217 -47.02 14.33 -43.28
CA ARG C 217 -48.33 14.87 -42.96
C ARG C 217 -48.68 16.27 -43.44
N THR C 218 -47.88 16.81 -44.33
CA THR C 218 -48.11 18.15 -44.83
C THR C 218 -48.02 18.16 -46.37
N ASP C 219 -48.59 19.17 -47.02
CA ASP C 219 -48.49 19.23 -48.45
C ASP C 219 -47.62 20.38 -48.94
N GLY C 220 -46.90 21.00 -48.00
CA GLY C 220 -46.00 22.09 -48.29
C GLY C 220 -45.32 22.44 -46.97
N VAL C 221 -44.09 22.94 -47.00
CA VAL C 221 -43.41 23.30 -45.76
C VAL C 221 -42.75 24.67 -45.90
N HIS C 222 -43.05 25.54 -44.94
CA HIS C 222 -42.50 26.89 -44.93
C HIS C 222 -41.32 26.95 -43.94
N LEU C 223 -40.18 27.47 -44.40
CA LEU C 223 -39.00 27.62 -43.54
C LEU C 223 -38.94 29.07 -43.02
N SER C 224 -39.11 29.22 -41.73
CA SER C 224 -39.03 30.54 -41.15
C SER C 224 -37.71 30.56 -40.38
N LEU C 225 -36.65 31.06 -41.02
CA LEU C 225 -35.35 31.08 -40.37
C LEU C 225 -34.95 32.41 -39.76
N ASP C 226 -34.79 32.39 -38.45
CA ASP C 226 -34.37 33.56 -37.69
C ASP C 226 -32.86 33.38 -37.49
N LEU C 227 -32.08 34.33 -37.99
CA LEU C 227 -30.62 34.25 -37.83
C LEU C 227 -30.12 34.12 -36.38
N ASP C 228 -30.91 34.57 -35.39
CA ASP C 228 -30.51 34.43 -33.99
C ASP C 228 -30.54 32.97 -33.55
N GLY C 229 -30.98 32.08 -34.44
CA GLY C 229 -30.98 30.67 -34.14
C GLY C 229 -29.52 30.23 -34.06
N LEU C 230 -28.69 30.87 -34.88
CA LEU C 230 -27.25 30.57 -34.88
C LEU C 230 -26.58 31.29 -33.72
N ASP C 231 -25.45 30.75 -33.30
CA ASP C 231 -24.72 31.33 -32.20
C ASP C 231 -24.34 32.76 -32.55
N PRO C 232 -24.36 33.66 -31.56
CA PRO C 232 -24.00 35.06 -31.76
C PRO C 232 -22.61 35.24 -32.33
N SER C 233 -21.73 34.25 -32.14
CA SER C 233 -20.39 34.36 -32.68
C SER C 233 -20.44 34.17 -34.18
N ASP C 234 -21.41 33.40 -34.66
CA ASP C 234 -21.59 33.17 -36.09
C ASP C 234 -22.49 34.23 -36.70
N ALA C 235 -23.53 34.60 -35.97
CA ALA C 235 -24.49 35.61 -36.42
C ALA C 235 -24.61 36.68 -35.36
N PRO C 236 -23.64 37.61 -35.30
CA PRO C 236 -23.66 38.68 -34.31
C PRO C 236 -24.74 39.75 -34.48
N GLY C 237 -25.12 40.02 -35.73
CA GLY C 237 -26.11 41.04 -35.99
C GLY C 237 -27.57 40.70 -35.78
N VAL C 238 -27.97 40.47 -34.53
CA VAL C 238 -29.36 40.16 -34.22
C VAL C 238 -29.80 40.98 -32.99
N GLY C 239 -31.09 41.25 -32.90
CA GLY C 239 -31.60 42.05 -31.81
C GLY C 239 -31.65 41.35 -30.47
N THR C 240 -31.89 40.05 -30.48
CA THR C 240 -31.96 39.32 -29.21
C THR C 240 -31.14 38.05 -29.28
N PRO C 241 -29.80 38.18 -29.21
CA PRO C 241 -28.85 37.08 -29.26
C PRO C 241 -28.91 36.25 -27.99
N VAL C 242 -28.63 34.96 -28.14
CA VAL C 242 -28.63 34.03 -27.03
C VAL C 242 -27.48 33.09 -27.33
N ILE C 243 -26.56 33.00 -26.39
CA ILE C 243 -25.38 32.14 -26.53
C ILE C 243 -25.69 30.66 -26.53
N GLY C 244 -24.75 29.87 -27.02
CA GLY C 244 -24.93 28.44 -27.07
C GLY C 244 -25.85 28.07 -28.20
N GLY C 245 -25.62 28.68 -29.36
CA GLY C 245 -26.45 28.41 -30.51
C GLY C 245 -25.88 27.47 -31.55
N LEU C 246 -26.63 27.34 -32.64
CA LEU C 246 -26.27 26.48 -33.75
C LEU C 246 -25.06 27.07 -34.45
N THR C 247 -24.16 26.20 -34.92
CA THR C 247 -22.95 26.66 -35.60
C THR C 247 -23.22 26.94 -37.07
N TYR C 248 -22.25 27.56 -37.72
CA TYR C 248 -22.36 27.86 -39.13
C TYR C 248 -22.51 26.55 -39.91
N ARG C 249 -21.69 25.56 -39.59
CA ARG C 249 -21.75 24.27 -40.28
C ARG C 249 -23.06 23.51 -40.08
N GLU C 250 -23.59 23.48 -38.87
CA GLU C 250 -24.87 22.80 -38.61
C GLU C 250 -25.97 23.41 -39.48
N SER C 251 -25.97 24.74 -39.56
CA SER C 251 -26.97 25.45 -40.36
C SER C 251 -26.84 25.12 -41.85
N HIS C 252 -25.62 24.98 -42.35
CA HIS C 252 -25.45 24.62 -43.76
C HIS C 252 -25.94 23.20 -43.98
N LEU C 253 -25.60 22.29 -43.05
CA LEU C 253 -26.04 20.90 -43.17
C LEU C 253 -27.58 20.86 -43.20
N ALA C 254 -28.22 21.63 -42.31
CA ALA C 254 -29.67 21.70 -42.23
C ALA C 254 -30.27 22.14 -43.56
N MET C 255 -29.74 23.22 -44.12
CA MET C 255 -30.24 23.74 -45.38
C MET C 255 -30.02 22.71 -46.49
N GLU C 256 -28.85 22.07 -46.48
CA GLU C 256 -28.50 21.07 -47.49
C GLU C 256 -29.40 19.86 -47.43
N MET C 257 -29.80 19.47 -46.23
CA MET C 257 -30.68 18.33 -46.11
C MET C 257 -32.10 18.71 -46.55
N LEU C 258 -32.51 19.94 -46.26
CA LEU C 258 -33.84 20.40 -46.67
C LEU C 258 -33.91 20.43 -48.20
N ALA C 259 -32.88 20.98 -48.81
CA ALA C 259 -32.82 21.07 -50.26
C ALA C 259 -32.92 19.66 -50.82
N GLU C 260 -32.17 18.76 -50.23
CA GLU C 260 -32.13 17.40 -50.67
C GLU C 260 -33.52 16.76 -50.61
N ALA C 261 -34.26 17.07 -49.54
CA ALA C 261 -35.60 16.52 -49.32
C ALA C 261 -36.64 17.11 -50.24
N GLN C 262 -36.34 18.30 -50.76
CA GLN C 262 -37.24 18.98 -51.66
C GLN C 262 -38.63 19.23 -51.06
N ILE C 263 -38.69 19.56 -49.76
CA ILE C 263 -39.98 19.82 -49.10
C ILE C 263 -40.29 21.30 -48.83
N ILE C 264 -39.29 22.17 -48.92
CA ILE C 264 -39.52 23.59 -48.64
C ILE C 264 -40.25 24.30 -49.79
N THR C 265 -41.43 24.84 -49.52
CA THR C 265 -42.24 25.52 -50.54
C THR C 265 -42.30 27.04 -50.43
N SER C 266 -41.74 27.57 -49.34
CA SER C 266 -41.64 29.02 -49.14
C SER C 266 -40.63 29.23 -48.04
N ALA C 267 -40.06 30.43 -47.95
CA ALA C 267 -39.08 30.67 -46.89
C ALA C 267 -38.92 32.15 -46.59
N GLU C 268 -38.38 32.43 -45.41
CA GLU C 268 -38.13 33.81 -44.99
C GLU C 268 -36.95 33.78 -44.07
N PHE C 269 -36.09 34.78 -44.24
CA PHE C 269 -34.87 34.93 -43.44
C PHE C 269 -35.06 36.23 -42.71
N VAL C 270 -35.08 36.15 -41.39
CA VAL C 270 -35.35 37.33 -40.58
C VAL C 270 -34.36 37.72 -39.49
N GLU C 271 -34.67 38.85 -38.86
CA GLU C 271 -33.91 39.40 -37.75
C GLU C 271 -32.49 39.86 -38.02
N VAL C 272 -32.13 40.02 -39.29
CA VAL C 272 -30.80 40.50 -39.60
C VAL C 272 -30.71 41.99 -39.29
N ASN C 273 -29.76 42.39 -38.46
CA ASN C 273 -29.59 43.79 -38.12
C ASN C 273 -28.15 44.22 -38.36
N PRO C 274 -27.90 44.96 -39.45
CA PRO C 274 -26.59 45.46 -39.85
C PRO C 274 -25.95 46.34 -38.78
N ILE C 275 -26.79 47.09 -38.09
CA ILE C 275 -26.33 48.01 -37.08
C ILE C 275 -25.80 47.35 -35.80
N LEU C 276 -26.04 46.06 -35.63
CA LEU C 276 -25.56 45.35 -34.45
C LEU C 276 -24.52 44.33 -34.88
N ASP C 277 -24.24 44.32 -36.18
CA ASP C 277 -23.32 43.38 -36.83
C ASP C 277 -21.84 43.79 -36.92
N GLU C 278 -21.03 42.88 -37.43
CA GLU C 278 -19.60 43.09 -37.65
C GLU C 278 -19.41 42.92 -39.15
N ARG C 279 -19.38 44.05 -39.85
CA ARG C 279 -19.18 44.05 -41.30
C ARG C 279 -20.09 43.16 -42.15
N ASN C 280 -21.39 43.25 -41.90
CA ASN C 280 -22.38 42.50 -42.65
C ASN C 280 -22.25 40.98 -42.54
N LYS C 281 -21.49 40.49 -41.56
CA LYS C 281 -21.30 39.05 -41.37
C LYS C 281 -22.59 38.24 -41.34
N THR C 282 -23.55 38.73 -40.55
CA THR C 282 -24.83 38.07 -40.38
C THR C 282 -25.63 37.98 -41.69
N ALA C 283 -25.67 39.07 -42.46
CA ALA C 283 -26.39 39.09 -43.73
C ALA C 283 -25.73 38.09 -44.71
N SER C 284 -24.41 37.99 -44.60
CA SER C 284 -23.64 37.08 -45.43
C SER C 284 -23.96 35.65 -45.07
N VAL C 285 -24.09 35.33 -43.78
CA VAL C 285 -24.42 33.97 -43.38
C VAL C 285 -25.77 33.60 -43.99
N ALA C 286 -26.73 34.52 -43.92
CA ALA C 286 -28.08 34.32 -44.44
C ALA C 286 -28.03 34.01 -45.93
N VAL C 287 -27.23 34.78 -46.66
CA VAL C 287 -27.11 34.56 -48.07
C VAL C 287 -26.51 33.18 -48.40
N ALA C 288 -25.48 32.79 -47.66
CA ALA C 288 -24.83 31.50 -47.86
C ALA C 288 -25.80 30.36 -47.51
N LEU C 289 -26.61 30.56 -46.47
CA LEU C 289 -27.58 29.53 -46.09
C LEU C 289 -28.65 29.44 -47.17
N MET C 290 -29.03 30.57 -47.75
CA MET C 290 -30.02 30.57 -48.80
C MET C 290 -29.47 29.78 -49.98
N GLY C 291 -28.17 29.96 -50.28
CA GLY C 291 -27.53 29.24 -51.36
C GLY C 291 -27.72 27.74 -51.19
N SER C 292 -27.38 27.25 -50.00
CA SER C 292 -27.55 25.85 -49.66
C SER C 292 -29.00 25.39 -49.75
N LEU C 293 -29.92 26.21 -49.22
CA LEU C 293 -31.34 25.88 -49.24
C LEU C 293 -31.81 25.67 -50.66
N PHE C 294 -31.36 26.53 -51.56
CA PHE C 294 -31.75 26.44 -52.94
C PHE C 294 -30.93 25.48 -53.79
N GLY C 295 -30.24 24.57 -53.15
CA GLY C 295 -29.49 23.55 -53.88
C GLY C 295 -28.00 23.65 -54.08
N GLU C 296 -27.38 24.72 -53.62
CA GLU C 296 -25.95 24.86 -53.78
C GLU C 296 -25.28 23.67 -53.10
N LYS C 297 -24.38 22.98 -53.81
CA LYS C 297 -23.70 21.84 -53.21
C LYS C 297 -22.20 21.99 -53.35
N LEU C 298 -21.46 21.33 -52.47
CA LEU C 298 -20.00 21.38 -52.46
C LEU C 298 -19.38 20.53 -53.58
N MET C 299 -19.97 19.37 -53.85
CA MET C 299 -19.49 18.51 -54.92
C MET C 299 -20.55 18.57 -56.02
N LYS D 2 29.81 -30.89 1.80
CA LYS D 2 29.27 -30.24 0.58
C LYS D 2 29.49 -28.74 0.74
N PRO D 3 29.85 -28.06 -0.36
CA PRO D 3 30.08 -26.60 -0.29
C PRO D 3 28.78 -25.90 0.09
N ILE D 4 28.89 -24.70 0.63
CA ILE D 4 27.72 -23.94 1.04
C ILE D 4 27.61 -22.62 0.28
N SER D 5 26.38 -22.22 -0.04
CA SER D 5 26.08 -20.96 -0.71
C SER D 5 25.08 -20.21 0.16
N ILE D 6 25.44 -18.99 0.54
CA ILE D 6 24.61 -18.17 1.38
C ILE D 6 23.80 -17.23 0.53
N ILE D 7 22.52 -17.14 0.82
CA ILE D 7 21.62 -16.25 0.12
C ILE D 7 20.88 -15.50 1.19
N GLY D 8 21.04 -14.19 1.18
CA GLY D 8 20.37 -13.34 2.15
C GLY D 8 19.03 -12.92 1.55
N VAL D 9 18.01 -12.84 2.38
CA VAL D 9 16.69 -12.44 1.94
C VAL D 9 16.20 -11.41 2.95
N PRO D 10 16.53 -10.14 2.71
CA PRO D 10 16.16 -9.04 3.59
C PRO D 10 14.64 -8.77 3.49
N MET D 11 13.88 -9.74 3.95
CA MET D 11 12.43 -9.68 3.87
C MET D 11 11.72 -9.24 5.14
N ASP D 12 10.84 -8.27 5.00
CA ASP D 12 10.00 -7.81 6.12
C ASP D 12 8.54 -7.59 5.69
N LEU D 13 8.23 -7.97 4.45
CA LEU D 13 6.89 -7.83 3.88
C LEU D 13 5.92 -8.83 4.46
N GLY D 14 6.43 -9.95 4.96
CA GLY D 14 5.57 -10.97 5.54
C GLY D 14 5.04 -10.62 6.93
N GLN D 15 5.34 -9.41 7.38
CA GLN D 15 4.92 -8.96 8.70
C GLN D 15 4.89 -7.43 8.70
N THR D 16 4.64 -6.84 9.87
CA THR D 16 4.53 -5.39 10.01
C THR D 16 5.59 -4.62 10.84
N ARG D 17 6.44 -5.32 11.56
CA ARG D 17 7.46 -4.66 12.37
C ARG D 17 8.71 -4.45 11.56
N ARG D 18 9.19 -3.23 11.55
CA ARG D 18 10.40 -2.91 10.81
C ARG D 18 11.67 -3.50 11.46
N GLY D 19 12.63 -3.88 10.63
CA GLY D 19 13.87 -4.41 11.17
C GLY D 19 14.31 -5.82 10.79
N VAL D 20 13.35 -6.74 10.65
CA VAL D 20 13.71 -8.13 10.33
C VAL D 20 14.45 -8.23 9.01
N ASP D 21 14.35 -7.21 8.18
CA ASP D 21 15.03 -7.20 6.91
C ASP D 21 16.52 -7.03 7.13
N MET D 22 16.90 -6.61 8.34
CA MET D 22 18.30 -6.40 8.71
C MET D 22 18.94 -7.69 9.21
N GLY D 23 18.14 -8.74 9.33
CA GLY D 23 18.64 -10.02 9.80
C GLY D 23 19.79 -10.59 9.02
N PRO D 24 19.69 -10.70 7.69
CA PRO D 24 20.80 -11.25 6.90
C PRO D 24 22.15 -10.64 7.24
N SER D 25 22.23 -9.31 7.26
CA SER D 25 23.51 -8.70 7.54
C SER D 25 23.97 -8.67 8.98
N ALA D 26 23.03 -8.80 9.92
CA ALA D 26 23.37 -8.87 11.34
C ALA D 26 24.08 -10.23 11.57
N MET D 27 23.61 -11.26 10.87
CA MET D 27 24.20 -12.60 10.95
C MET D 27 25.54 -12.60 10.25
N ARG D 28 25.64 -11.91 9.12
CA ARG D 28 26.92 -11.81 8.43
C ARG D 28 27.91 -11.11 9.38
N TYR D 29 27.44 -10.03 10.04
CA TYR D 29 28.26 -9.26 10.98
C TYR D 29 28.56 -10.08 12.22
N ALA D 30 27.70 -11.04 12.53
CA ALA D 30 27.95 -11.91 13.67
C ALA D 30 29.04 -12.92 13.29
N GLY D 31 29.52 -12.87 12.05
CA GLY D 31 30.59 -13.74 11.61
C GLY D 31 30.26 -15.09 11.02
N VAL D 32 29.17 -15.20 10.28
CA VAL D 32 28.78 -16.49 9.73
C VAL D 32 29.81 -17.10 8.77
N ILE D 33 30.39 -16.29 7.89
CA ILE D 33 31.37 -16.78 6.92
C ILE D 33 32.61 -17.32 7.58
N GLU D 34 33.13 -16.51 8.50
CA GLU D 34 34.31 -16.86 9.24
C GLU D 34 34.12 -18.15 10.03
N ARG D 35 32.98 -18.28 10.67
CA ARG D 35 32.63 -19.45 11.48
C ARG D 35 32.70 -20.73 10.63
N LEU D 36 32.12 -20.66 9.44
CA LEU D 36 32.08 -21.81 8.54
C LEU D 36 33.43 -22.07 7.84
N GLU D 37 34.14 -21.02 7.47
CA GLU D 37 35.44 -21.20 6.85
C GLU D 37 36.39 -21.94 7.80
N ARG D 38 36.27 -21.63 9.09
CA ARG D 38 37.06 -22.26 10.13
C ARG D 38 36.81 -23.77 10.15
N LEU D 39 35.59 -24.20 9.83
CA LEU D 39 35.26 -25.63 9.80
C LEU D 39 35.74 -26.27 8.48
N HIS D 40 36.48 -25.48 7.72
CA HIS D 40 37.05 -25.86 6.41
C HIS D 40 36.07 -26.00 5.26
N TYR D 41 35.04 -25.17 5.29
CA TYR D 41 34.03 -25.20 4.25
C TYR D 41 34.34 -24.29 3.09
N ASP D 42 33.85 -24.65 1.91
CA ASP D 42 33.96 -23.85 0.73
C ASP D 42 32.64 -23.11 0.90
N ILE D 43 32.72 -21.91 1.42
CA ILE D 43 31.54 -21.12 1.68
C ILE D 43 31.53 -19.96 0.72
N GLU D 44 30.37 -19.75 0.09
CA GLU D 44 30.15 -18.72 -0.90
C GLU D 44 28.95 -17.86 -0.55
N ASP D 45 29.12 -16.54 -0.54
CA ASP D 45 28.00 -15.66 -0.23
C ASP D 45 27.44 -15.11 -1.52
N LEU D 46 26.26 -15.56 -1.91
CA LEU D 46 25.64 -15.09 -3.15
C LEU D 46 24.96 -13.74 -3.02
N GLY D 47 25.00 -13.15 -1.84
CA GLY D 47 24.40 -11.84 -1.68
C GLY D 47 22.94 -11.89 -1.28
N ASP D 48 22.20 -10.80 -1.52
CA ASP D 48 20.80 -10.71 -1.13
C ASP D 48 19.79 -10.66 -2.29
N ILE D 49 18.64 -11.29 -2.09
CA ILE D 49 17.56 -11.29 -3.07
C ILE D 49 16.94 -9.90 -3.00
N PRO D 50 16.71 -9.25 -4.14
CA PRO D 50 16.11 -7.91 -4.17
C PRO D 50 14.66 -8.02 -3.77
N ILE D 51 14.23 -7.21 -2.81
CA ILE D 51 12.85 -7.26 -2.34
C ILE D 51 12.16 -5.97 -2.79
N GLY D 52 11.00 -6.10 -3.42
CA GLY D 52 10.25 -4.95 -3.91
C GLY D 52 9.55 -4.18 -2.81
N LYS D 53 8.95 -3.04 -3.14
CA LYS D 53 8.25 -2.23 -2.12
C LYS D 53 6.79 -2.60 -2.19
N ALA D 54 6.21 -2.88 -1.03
CA ALA D 54 4.82 -3.30 -1.01
C ALA D 54 3.92 -2.17 -1.46
N GLU D 55 2.81 -2.52 -2.09
CA GLU D 55 1.90 -1.48 -2.50
C GLU D 55 1.00 -1.09 -1.34
N ARG D 56 0.44 0.11 -1.40
CA ARG D 56 -0.42 0.63 -0.34
C ARG D 56 -1.40 -0.44 0.15
N LEU D 57 -1.51 -0.56 1.46
CA LEU D 57 -2.39 -1.55 2.03
C LEU D 57 -3.81 -1.42 1.49
N HIS D 58 -4.30 -0.18 1.40
CA HIS D 58 -5.66 0.09 0.93
C HIS D 58 -5.96 -0.34 -0.48
N GLU D 59 -4.92 -0.57 -1.28
CA GLU D 59 -5.10 -0.98 -2.67
C GLU D 59 -4.79 -2.47 -2.81
N GLN D 60 -4.47 -3.13 -1.71
CA GLN D 60 -4.16 -4.54 -1.76
C GLN D 60 -5.44 -5.35 -1.96
N GLY D 61 -5.27 -6.53 -2.54
CA GLY D 61 -6.41 -7.38 -2.81
C GLY D 61 -7.17 -8.05 -1.68
N ASP D 62 -6.54 -8.24 -0.52
CA ASP D 62 -7.22 -8.92 0.58
C ASP D 62 -6.48 -8.58 1.85
N SER D 63 -7.19 -8.05 2.83
CA SER D 63 -6.56 -7.67 4.10
C SER D 63 -5.98 -8.88 4.84
N ARG D 64 -6.37 -10.07 4.39
CA ARG D 64 -5.95 -11.31 5.00
C ARG D 64 -4.64 -11.80 4.43
N LEU D 65 -4.13 -11.13 3.40
CA LEU D 65 -2.88 -11.53 2.80
C LEU D 65 -2.13 -10.28 2.46
N ARG D 66 -1.61 -9.62 3.49
CA ARG D 66 -0.89 -8.37 3.29
C ARG D 66 0.39 -8.52 2.47
N ASN D 67 0.58 -7.62 1.51
CA ASN D 67 1.75 -7.60 0.63
C ASN D 67 1.93 -8.86 -0.20
N LEU D 68 0.84 -9.53 -0.53
CA LEU D 68 0.86 -10.77 -1.30
C LEU D 68 1.72 -10.73 -2.57
N LYS D 69 1.57 -9.68 -3.36
CA LYS D 69 2.31 -9.55 -4.62
C LYS D 69 3.81 -9.46 -4.42
N ALA D 70 4.22 -8.56 -3.54
CA ALA D 70 5.62 -8.34 -3.25
C ALA D 70 6.25 -9.55 -2.57
N VAL D 71 5.50 -10.21 -1.71
CA VAL D 71 5.98 -11.41 -1.00
C VAL D 71 6.10 -12.54 -2.02
N ALA D 72 5.11 -12.64 -2.91
CA ALA D 72 5.13 -13.67 -3.92
C ALA D 72 6.31 -13.45 -4.86
N GLU D 73 6.46 -12.21 -5.33
CA GLU D 73 7.56 -11.83 -6.24
C GLU D 73 8.90 -12.24 -5.68
N ALA D 74 9.17 -11.75 -4.47
CA ALA D 74 10.42 -12.01 -3.78
C ALA D 74 10.70 -13.50 -3.63
N ASN D 75 9.67 -14.25 -3.26
CA ASN D 75 9.79 -15.68 -3.07
C ASN D 75 10.09 -16.43 -4.36
N GLU D 76 9.63 -15.88 -5.49
CA GLU D 76 9.91 -16.50 -6.80
C GLU D 76 11.40 -16.39 -7.07
N LYS D 77 11.91 -15.18 -6.82
CA LYS D 77 13.33 -14.90 -7.01
C LYS D 77 14.16 -15.83 -6.14
N LEU D 78 13.78 -15.95 -4.88
CA LEU D 78 14.47 -16.82 -3.94
C LEU D 78 14.45 -18.26 -4.42
N ALA D 79 13.29 -18.74 -4.85
CA ALA D 79 13.19 -20.10 -5.34
C ALA D 79 14.19 -20.36 -6.46
N ALA D 80 14.27 -19.42 -7.40
CA ALA D 80 15.20 -19.54 -8.52
C ALA D 80 16.65 -19.64 -8.06
N ALA D 81 17.03 -18.76 -7.13
CA ALA D 81 18.38 -18.74 -6.60
C ALA D 81 18.73 -20.03 -5.88
N VAL D 82 17.81 -20.50 -5.05
CA VAL D 82 18.00 -21.73 -4.28
C VAL D 82 18.14 -22.92 -5.22
N ASP D 83 17.27 -22.97 -6.22
CA ASP D 83 17.30 -24.03 -7.21
C ASP D 83 18.67 -24.13 -7.87
N GLN D 84 19.16 -22.99 -8.36
CA GLN D 84 20.46 -22.90 -9.02
C GLN D 84 21.52 -23.47 -8.10
N VAL D 85 21.52 -23.05 -6.84
CA VAL D 85 22.49 -23.51 -5.87
C VAL D 85 22.45 -25.02 -5.75
N VAL D 86 21.26 -25.59 -5.61
CA VAL D 86 21.12 -27.03 -5.49
C VAL D 86 21.62 -27.69 -6.77
N GLN D 87 21.29 -27.10 -7.91
CA GLN D 87 21.72 -27.64 -9.18
C GLN D 87 23.25 -27.68 -9.25
N ARG D 88 23.89 -26.67 -8.69
CA ARG D 88 25.35 -26.64 -8.69
C ARG D 88 25.96 -27.61 -7.69
N GLY D 89 25.13 -28.39 -7.00
CA GLY D 89 25.61 -29.34 -6.00
C GLY D 89 26.08 -28.77 -4.68
N ARG D 90 25.60 -27.58 -4.32
CA ARG D 90 26.00 -26.95 -3.08
C ARG D 90 24.79 -26.95 -2.12
N PHE D 91 25.07 -26.80 -0.84
CA PHE D 91 24.06 -26.74 0.20
C PHE D 91 23.58 -25.28 0.30
N PRO D 92 22.27 -25.06 0.18
CA PRO D 92 21.75 -23.68 0.28
C PRO D 92 21.50 -23.24 1.73
N LEU D 93 22.21 -22.20 2.17
CA LEU D 93 22.03 -21.68 3.52
C LEU D 93 21.36 -20.31 3.37
N VAL D 94 20.08 -20.24 3.71
CA VAL D 94 19.29 -19.03 3.56
C VAL D 94 19.13 -18.23 4.84
N LEU D 95 19.41 -16.94 4.76
CA LEU D 95 19.33 -16.08 5.94
C LEU D 95 18.21 -15.07 5.81
N GLY D 96 17.34 -14.99 6.81
CA GLY D 96 16.22 -14.08 6.79
C GLY D 96 16.38 -12.98 7.82
N GLY D 97 15.41 -12.06 7.90
CA GLY D 97 14.24 -12.07 7.05
C GLY D 97 13.10 -12.81 7.75
N ASP D 98 11.87 -12.32 7.60
CA ASP D 98 10.76 -12.99 8.24
C ASP D 98 10.54 -14.36 7.62
N HIS D 99 9.79 -15.19 8.33
CA HIS D 99 9.56 -16.55 7.92
C HIS D 99 8.82 -16.80 6.61
N SER D 100 8.28 -15.76 5.99
CA SER D 100 7.56 -15.99 4.75
C SER D 100 8.53 -16.45 3.64
N ILE D 101 9.84 -16.27 3.88
CA ILE D 101 10.84 -16.68 2.89
C ILE D 101 10.96 -18.20 2.74
N ALA D 102 10.40 -18.95 3.70
CA ALA D 102 10.45 -20.42 3.65
C ALA D 102 9.71 -20.91 2.41
N ILE D 103 8.72 -20.13 1.97
CA ILE D 103 7.96 -20.43 0.78
C ILE D 103 8.94 -20.49 -0.40
N GLY D 104 9.80 -19.48 -0.52
CA GLY D 104 10.80 -19.49 -1.59
C GLY D 104 11.85 -20.59 -1.42
N THR D 105 12.39 -20.73 -0.22
CA THR D 105 13.41 -21.74 0.02
C THR D 105 12.89 -23.15 -0.33
N LEU D 106 11.73 -23.51 0.21
CA LEU D 106 11.17 -24.82 -0.03
C LEU D 106 10.86 -25.05 -1.51
N ALA D 107 10.42 -24.01 -2.20
CA ALA D 107 10.13 -24.12 -3.62
C ALA D 107 11.39 -24.42 -4.45
N GLY D 108 12.54 -23.88 -4.05
CA GLY D 108 13.79 -24.12 -4.77
C GLY D 108 14.44 -25.46 -4.47
N VAL D 109 14.15 -25.98 -3.29
CA VAL D 109 14.72 -27.24 -2.83
C VAL D 109 13.89 -28.47 -3.12
N ALA D 110 12.65 -28.46 -2.67
CA ALA D 110 11.73 -29.58 -2.78
C ALA D 110 11.75 -30.33 -4.10
N LYS D 111 11.68 -29.59 -5.21
CA LYS D 111 11.69 -30.20 -6.53
C LYS D 111 12.84 -31.18 -6.75
N HIS D 112 13.91 -31.05 -5.98
CA HIS D 112 15.05 -31.93 -6.13
C HIS D 112 15.01 -33.22 -5.29
N TYR D 113 13.94 -33.43 -4.55
CA TYR D 113 13.85 -34.62 -3.72
C TYR D 113 12.56 -35.37 -3.93
N GLU D 114 12.62 -36.68 -3.78
CA GLU D 114 11.45 -37.52 -3.90
C GLU D 114 10.54 -37.24 -2.73
N ARG D 115 11.09 -37.30 -1.52
CA ARG D 115 10.32 -37.05 -0.31
C ARG D 115 11.12 -36.16 0.62
N LEU D 116 11.00 -34.85 0.46
CA LEU D 116 11.73 -33.93 1.31
C LEU D 116 11.08 -33.84 2.67
N GLY D 117 11.91 -33.91 3.71
CA GLY D 117 11.43 -33.77 5.07
C GLY D 117 11.67 -32.33 5.55
N VAL D 118 10.96 -31.91 6.58
CA VAL D 118 11.11 -30.57 7.12
C VAL D 118 11.06 -30.58 8.63
N ILE D 119 12.01 -29.90 9.26
CA ILE D 119 12.03 -29.74 10.71
C ILE D 119 11.80 -28.25 10.91
N TRP D 120 10.66 -27.90 11.49
CA TRP D 120 10.27 -26.52 11.74
C TRP D 120 10.49 -26.23 13.23
N TYR D 121 11.65 -25.64 13.53
CA TYR D 121 12.10 -25.29 14.90
C TYR D 121 11.48 -23.89 15.16
N ASP D 122 10.47 -23.81 16.00
CA ASP D 122 9.76 -22.55 16.12
C ASP D 122 8.82 -22.55 17.32
N ALA D 123 8.35 -21.36 17.69
CA ALA D 123 7.38 -21.20 18.78
C ALA D 123 5.95 -21.23 18.19
N HIS D 124 5.86 -21.05 16.87
CA HIS D 124 4.61 -21.01 16.12
C HIS D 124 4.54 -22.15 15.08
N GLY D 125 3.34 -22.46 14.60
CA GLY D 125 3.19 -23.51 13.62
C GLY D 125 3.34 -23.03 12.20
N ASP D 126 3.07 -21.74 12.00
CA ASP D 126 3.17 -21.08 10.69
C ASP D 126 2.32 -21.79 9.64
N VAL D 127 1.15 -22.27 10.07
CA VAL D 127 0.22 -22.99 9.21
C VAL D 127 -1.12 -22.30 9.00
N ASN D 128 -1.12 -20.98 9.07
CA ASN D 128 -2.34 -20.21 8.85
C ASN D 128 -2.63 -20.02 7.36
N THR D 129 -3.88 -19.69 7.06
CA THR D 129 -4.35 -19.39 5.71
C THR D 129 -5.07 -18.05 5.85
N ALA D 130 -5.49 -17.46 4.73
CA ALA D 130 -6.21 -16.18 4.78
C ALA D 130 -7.45 -16.36 5.64
N GLU D 131 -8.00 -17.55 5.61
CA GLU D 131 -9.18 -17.85 6.38
C GLU D 131 -8.93 -17.93 7.85
N THR D 132 -7.83 -18.56 8.24
CA THR D 132 -7.55 -18.72 9.66
C THR D 132 -6.65 -17.67 10.28
N SER D 133 -5.90 -16.94 9.47
CA SER D 133 -4.98 -15.98 10.02
C SER D 133 -5.62 -14.86 10.81
N PRO D 134 -5.19 -14.68 12.08
CA PRO D 134 -5.75 -13.60 12.89
C PRO D 134 -5.04 -12.27 12.58
N SER D 135 -4.02 -12.29 11.73
CA SER D 135 -3.24 -11.10 11.42
C SER D 135 -3.22 -10.67 9.96
N GLY D 136 -3.23 -11.64 9.06
CA GLY D 136 -3.17 -11.32 7.66
C GLY D 136 -1.71 -11.24 7.27
N ASN D 137 -0.84 -11.61 8.21
CA ASN D 137 0.60 -11.57 7.97
C ASN D 137 1.08 -12.89 7.39
N ILE D 138 1.62 -12.84 6.19
CA ILE D 138 2.07 -14.02 5.51
C ILE D 138 3.21 -14.78 6.19
N HIS D 139 3.93 -14.15 7.11
CA HIS D 139 5.02 -14.86 7.79
C HIS D 139 4.48 -15.97 8.71
N GLY D 140 3.17 -16.01 8.89
CA GLY D 140 2.55 -17.02 9.73
C GLY D 140 1.86 -18.05 8.85
N MET D 141 2.15 -18.02 7.57
CA MET D 141 1.57 -18.94 6.61
C MET D 141 2.53 -19.81 5.78
N PRO D 142 3.85 -19.57 5.83
CA PRO D 142 4.77 -20.39 5.02
C PRO D 142 4.68 -21.92 5.05
N LEU D 143 4.50 -22.53 6.22
CA LEU D 143 4.40 -23.98 6.29
C LEU D 143 3.12 -24.46 5.59
N ALA D 144 2.00 -23.80 5.87
CA ALA D 144 0.75 -24.19 5.25
C ALA D 144 0.86 -24.11 3.73
N ALA D 145 1.30 -22.96 3.21
CA ALA D 145 1.44 -22.76 1.77
C ALA D 145 2.36 -23.79 1.13
N SER D 146 3.44 -24.16 1.81
CA SER D 146 4.36 -25.15 1.29
C SER D 146 3.72 -26.54 1.26
N LEU D 147 2.73 -26.75 2.11
CA LEU D 147 2.01 -28.01 2.13
C LEU D 147 0.94 -27.95 1.06
N GLY D 148 0.81 -26.79 0.42
CA GLY D 148 -0.17 -26.60 -0.63
C GLY D 148 -1.47 -25.98 -0.17
N PHE D 149 -1.47 -25.39 1.03
CA PHE D 149 -2.68 -24.78 1.54
C PHE D 149 -2.58 -23.29 1.68
N GLY D 150 -3.30 -22.57 0.83
CA GLY D 150 -3.28 -21.13 0.88
C GLY D 150 -3.50 -20.50 -0.48
N HIS D 151 -3.22 -19.22 -0.58
CA HIS D 151 -3.42 -18.54 -1.83
C HIS D 151 -2.49 -19.12 -2.90
N PRO D 152 -3.03 -19.34 -4.13
CA PRO D 152 -2.23 -19.90 -5.22
C PRO D 152 -0.97 -19.10 -5.53
N ALA D 153 -1.01 -17.80 -5.29
CA ALA D 153 0.17 -16.96 -5.55
C ALA D 153 1.33 -17.46 -4.70
N LEU D 154 1.00 -18.03 -3.55
CA LEU D 154 2.00 -18.55 -2.64
C LEU D 154 2.23 -20.07 -2.79
N THR D 155 1.15 -20.83 -3.02
CA THR D 155 1.26 -22.28 -3.14
C THR D 155 1.90 -22.73 -4.43
N GLN D 156 1.90 -21.86 -5.43
CA GLN D 156 2.44 -22.21 -6.73
C GLN D 156 3.84 -21.68 -7.05
N ILE D 157 4.48 -21.00 -6.10
CA ILE D 157 5.82 -20.47 -6.31
C ILE D 157 6.67 -21.63 -6.84
N GLY D 158 7.47 -21.38 -7.86
CA GLY D 158 8.27 -22.46 -8.41
C GLY D 158 7.54 -23.27 -9.48
N GLY D 159 6.25 -22.99 -9.68
CA GLY D 159 5.49 -23.71 -10.68
C GLY D 159 5.04 -25.10 -10.31
N TYR D 160 4.97 -25.41 -9.03
CA TYR D 160 4.53 -26.74 -8.61
C TYR D 160 4.04 -26.68 -7.19
N SER D 161 3.25 -27.69 -6.80
CA SER D 161 2.68 -27.78 -5.46
C SER D 161 2.21 -29.19 -5.20
N PRO D 162 2.29 -29.67 -3.95
CA PRO D 162 2.83 -28.96 -2.80
C PRO D 162 4.32 -29.21 -2.82
N LYS D 163 5.05 -28.61 -1.90
CA LYS D 163 6.49 -28.85 -1.87
C LYS D 163 6.81 -30.04 -1.00
N ILE D 164 6.07 -30.21 0.09
CA ILE D 164 6.29 -31.35 0.99
C ILE D 164 4.96 -31.93 1.48
N LYS D 165 5.05 -33.10 2.11
CA LYS D 165 3.90 -33.80 2.64
C LYS D 165 3.86 -33.62 4.15
N PRO D 166 2.66 -33.48 4.74
CA PRO D 166 2.44 -33.29 6.18
C PRO D 166 3.11 -34.35 7.05
N GLU D 167 3.11 -35.57 6.57
CA GLU D 167 3.72 -36.68 7.28
C GLU D 167 5.24 -36.61 7.28
N HIS D 168 5.80 -35.64 6.56
CA HIS D 168 7.24 -35.50 6.49
C HIS D 168 7.66 -34.23 7.21
N VAL D 169 6.78 -33.68 8.02
CA VAL D 169 7.09 -32.48 8.76
C VAL D 169 7.13 -32.75 10.25
N VAL D 170 8.11 -32.17 10.93
CA VAL D 170 8.19 -32.29 12.38
C VAL D 170 8.36 -30.88 12.97
N LEU D 171 7.41 -30.47 13.81
CA LEU D 171 7.44 -29.16 14.47
C LEU D 171 8.11 -29.35 15.81
N ILE D 172 9.01 -28.45 16.17
CA ILE D 172 9.71 -28.51 17.45
C ILE D 172 9.77 -27.19 18.17
N GLY D 173 9.36 -27.20 19.44
CA GLY D 173 9.39 -26.01 20.27
C GLY D 173 8.14 -25.17 20.28
N VAL D 174 7.08 -25.66 19.64
CA VAL D 174 5.83 -24.89 19.55
C VAL D 174 5.17 -24.55 20.89
N ARG D 175 4.72 -23.30 20.98
CA ARG D 175 4.05 -22.89 22.20
C ARG D 175 3.06 -21.76 21.94
N SER D 176 2.73 -21.54 20.68
CA SER D 176 1.78 -20.49 20.37
C SER D 176 1.13 -20.81 19.04
N LEU D 177 -0.03 -21.45 19.11
CA LEU D 177 -0.79 -21.84 17.92
C LEU D 177 -2.15 -21.19 17.91
N ASP D 178 -2.57 -20.66 16.77
CA ASP D 178 -3.90 -20.07 16.67
C ASP D 178 -4.85 -21.26 16.59
N GLU D 179 -6.11 -21.05 16.94
CA GLU D 179 -7.08 -22.14 16.92
C GLU D 179 -7.18 -22.86 15.60
N GLY D 180 -7.16 -22.10 14.52
CA GLY D 180 -7.24 -22.71 13.22
C GLY D 180 -6.05 -23.61 12.95
N GLU D 181 -4.89 -23.18 13.45
CA GLU D 181 -3.64 -23.91 13.28
C GLU D 181 -3.64 -25.22 14.01
N LYS D 182 -4.20 -25.22 15.21
CA LYS D 182 -4.29 -26.43 16.01
C LYS D 182 -5.13 -27.46 15.24
N LYS D 183 -6.18 -26.96 14.59
CA LYS D 183 -7.07 -27.80 13.82
C LYS D 183 -6.33 -28.36 12.63
N PHE D 184 -5.60 -27.49 11.94
CA PHE D 184 -4.80 -27.86 10.76
C PHE D 184 -3.79 -28.96 11.10
N ILE D 185 -3.01 -28.74 12.14
CA ILE D 185 -1.99 -29.70 12.54
C ILE D 185 -2.64 -31.04 12.89
N ARG D 186 -3.71 -30.97 13.67
CA ARG D 186 -4.47 -32.14 14.11
C ARG D 186 -4.97 -32.92 12.90
N GLU D 187 -5.71 -32.23 12.04
CA GLU D 187 -6.26 -32.86 10.86
C GLU D 187 -5.25 -33.27 9.78
N LYS D 188 -4.23 -32.46 9.53
CA LYS D 188 -3.27 -32.87 8.51
C LYS D 188 -2.33 -33.94 9.04
N GLY D 189 -2.38 -34.18 10.35
CA GLY D 189 -1.54 -35.18 10.97
C GLY D 189 -0.06 -34.87 11.02
N ILE D 190 0.27 -33.62 11.28
CA ILE D 190 1.65 -33.20 11.34
C ILE D 190 2.28 -33.56 12.70
N LYS D 191 3.49 -34.09 12.69
CA LYS D 191 4.18 -34.47 13.93
C LYS D 191 4.64 -33.19 14.63
N ILE D 192 4.33 -33.06 15.91
CA ILE D 192 4.67 -31.85 16.62
C ILE D 192 5.11 -32.10 18.05
N TYR D 193 6.16 -31.39 18.46
CA TYR D 193 6.64 -31.48 19.82
C TYR D 193 6.54 -30.07 20.41
N THR D 194 5.48 -29.81 21.16
CA THR D 194 5.32 -28.52 21.81
C THR D 194 6.25 -28.50 23.01
N MET D 195 6.34 -27.35 23.66
CA MET D 195 7.18 -27.20 24.84
C MET D 195 6.82 -28.21 25.92
N HIS D 196 5.58 -28.70 25.87
CA HIS D 196 5.14 -29.71 26.83
C HIS D 196 5.95 -30.98 26.63
N GLU D 197 6.11 -31.39 25.37
CA GLU D 197 6.89 -32.60 25.06
C GLU D 197 8.37 -32.38 25.31
N VAL D 198 8.88 -31.19 25.00
CA VAL D 198 10.29 -30.91 25.25
C VAL D 198 10.57 -31.00 26.75
N ASP D 199 9.69 -30.42 27.56
CA ASP D 199 9.82 -30.47 29.02
C ASP D 199 9.62 -31.91 29.54
N ARG D 200 8.66 -32.62 28.96
CA ARG D 200 8.34 -33.97 29.42
C ARG D 200 9.32 -35.06 29.01
N LEU D 201 9.76 -35.02 27.75
CA LEU D 201 10.68 -36.02 27.21
C LEU D 201 12.13 -35.57 27.23
N GLY D 202 12.36 -34.27 27.15
CA GLY D 202 13.72 -33.77 27.12
C GLY D 202 14.13 -33.65 25.66
N MET D 203 14.98 -32.69 25.35
CA MET D 203 15.43 -32.47 23.98
C MET D 203 16.14 -33.66 23.35
N THR D 204 16.88 -34.45 24.11
CA THR D 204 17.55 -35.61 23.53
C THR D 204 16.56 -36.58 22.89
N ARG D 205 15.53 -36.96 23.66
CA ARG D 205 14.48 -37.87 23.18
C ARG D 205 13.70 -37.30 21.99
N VAL D 206 13.35 -36.02 22.09
CA VAL D 206 12.64 -35.32 21.00
C VAL D 206 13.47 -35.40 19.70
N MET D 207 14.75 -35.06 19.80
CA MET D 207 15.62 -35.08 18.64
C MET D 207 15.81 -36.49 18.09
N GLU D 208 16.00 -37.45 18.99
CA GLU D 208 16.17 -38.84 18.60
C GLU D 208 14.95 -39.34 17.83
N GLU D 209 13.77 -39.09 18.37
CA GLU D 209 12.53 -39.49 17.72
C GLU D 209 12.35 -38.80 16.37
N THR D 210 12.65 -37.50 16.31
CA THR D 210 12.54 -36.72 15.07
C THR D 210 13.48 -37.23 13.97
N ILE D 211 14.74 -37.44 14.32
CA ILE D 211 15.72 -37.93 13.36
C ILE D 211 15.33 -39.33 12.85
N ALA D 212 14.95 -40.21 13.76
CA ALA D 212 14.56 -41.55 13.36
C ALA D 212 13.34 -41.50 12.48
N TYR D 213 12.37 -40.67 12.85
CA TYR D 213 11.15 -40.52 12.08
C TYR D 213 11.38 -40.09 10.62
N LEU D 214 12.17 -39.05 10.43
CA LEU D 214 12.41 -38.54 9.09
C LEU D 214 13.41 -39.36 8.28
N LYS D 215 14.45 -39.84 8.93
CA LYS D 215 15.47 -40.64 8.26
C LYS D 215 14.84 -41.91 7.66
N GLU D 216 13.73 -42.30 8.26
CA GLU D 216 13.01 -43.49 7.88
C GLU D 216 12.06 -43.29 6.71
N ARG D 217 11.88 -42.06 6.25
CA ARG D 217 10.93 -41.86 5.16
C ARG D 217 11.14 -40.70 4.21
N THR D 218 12.28 -40.04 4.30
CA THR D 218 12.57 -38.91 3.41
C THR D 218 13.93 -39.09 2.74
N ASP D 219 14.16 -38.38 1.66
CA ASP D 219 15.44 -38.48 1.00
C ASP D 219 16.26 -37.22 1.14
N GLY D 220 15.82 -36.35 2.05
CA GLY D 220 16.50 -35.10 2.32
C GLY D 220 15.70 -34.43 3.40
N VAL D 221 16.33 -33.56 4.18
CA VAL D 221 15.61 -32.84 5.24
C VAL D 221 16.04 -31.39 5.29
N HIS D 222 15.06 -30.51 5.23
CA HIS D 222 15.27 -29.08 5.30
C HIS D 222 15.03 -28.57 6.71
N LEU D 223 16.01 -27.87 7.28
CA LEU D 223 15.87 -27.29 8.61
C LEU D 223 15.42 -25.83 8.43
N SER D 224 14.24 -25.51 8.95
CA SER D 224 13.74 -24.15 8.88
C SER D 224 13.76 -23.66 10.32
N LEU D 225 14.82 -22.97 10.71
CA LEU D 225 14.95 -22.54 12.08
C LEU D 225 14.59 -21.09 12.32
N ASP D 226 13.53 -20.89 13.10
CA ASP D 226 13.06 -19.57 13.45
C ASP D 226 13.68 -19.27 14.82
N LEU D 227 14.44 -18.18 14.92
CA LEU D 227 15.06 -17.84 16.20
C LEU D 227 14.07 -17.64 17.35
N ASP D 228 12.82 -17.27 17.05
CA ASP D 228 11.82 -17.13 18.12
C ASP D 228 11.49 -18.47 18.78
N GLY D 229 12.02 -19.57 18.24
CA GLY D 229 11.82 -20.88 18.85
C GLY D 229 12.54 -20.90 20.18
N LEU D 230 13.62 -20.13 20.30
CA LEU D 230 14.39 -20.05 21.54
C LEU D 230 13.69 -19.07 22.44
N ASP D 231 13.94 -19.19 23.74
CA ASP D 231 13.33 -18.29 24.71
C ASP D 231 13.76 -16.84 24.45
N PRO D 232 12.86 -15.87 24.68
CA PRO D 232 13.18 -14.45 24.44
C PRO D 232 14.40 -13.95 25.23
N SER D 233 14.73 -14.63 26.31
CA SER D 233 15.88 -14.23 27.09
C SER D 233 17.16 -14.62 26.35
N ASP D 234 17.08 -15.69 25.58
CA ASP D 234 18.22 -16.19 24.80
C ASP D 234 18.27 -15.51 23.45
N ALA D 235 17.10 -15.33 22.85
CA ALA D 235 16.98 -14.72 21.55
C ALA D 235 15.99 -13.57 21.62
N PRO D 236 16.41 -12.42 22.19
CA PRO D 236 15.52 -11.27 22.31
C PRO D 236 15.10 -10.56 21.03
N GLY D 237 15.96 -10.55 20.00
CA GLY D 237 15.64 -9.88 18.75
C GLY D 237 14.74 -10.60 17.74
N VAL D 238 13.47 -10.74 18.06
CA VAL D 238 12.51 -11.41 17.17
C VAL D 238 11.22 -10.59 17.21
N GLY D 239 10.48 -10.60 16.11
CA GLY D 239 9.27 -9.82 16.03
C GLY D 239 8.11 -10.34 16.87
N THR D 240 8.02 -11.67 17.04
CA THR D 240 6.92 -12.23 17.83
C THR D 240 7.44 -13.22 18.87
N PRO D 241 8.03 -12.70 19.94
CA PRO D 241 8.58 -13.53 21.03
C PRO D 241 7.48 -14.21 21.86
N VAL D 242 7.82 -15.34 22.43
CA VAL D 242 6.90 -16.07 23.25
C VAL D 242 7.75 -16.68 24.39
N ILE D 243 7.37 -16.39 25.62
CA ILE D 243 8.13 -16.89 26.75
C ILE D 243 7.99 -18.37 26.91
N GLY D 244 8.89 -18.94 27.72
CA GLY D 244 8.88 -20.36 27.96
C GLY D 244 9.38 -21.11 26.75
N GLY D 245 10.49 -20.64 26.17
CA GLY D 245 11.03 -21.30 24.99
C GLY D 245 12.23 -22.17 25.21
N LEU D 246 12.81 -22.62 24.10
CA LEU D 246 13.97 -23.48 24.10
C LEU D 246 15.20 -22.71 24.59
N THR D 247 16.04 -23.37 25.39
CA THR D 247 17.24 -22.75 25.90
C THR D 247 18.35 -22.78 24.85
N TYR D 248 19.40 -21.99 25.10
CA TYR D 248 20.56 -21.90 24.22
C TYR D 248 21.24 -23.27 24.10
N ARG D 249 21.38 -23.96 25.24
CA ARG D 249 21.98 -25.29 25.27
C ARG D 249 21.14 -26.34 24.53
N GLU D 250 19.82 -26.34 24.72
CA GLU D 250 18.96 -27.29 24.03
C GLU D 250 19.11 -27.15 22.53
N SER D 251 19.17 -25.91 22.07
CA SER D 251 19.34 -25.61 20.65
C SER D 251 20.67 -26.11 20.10
N HIS D 252 21.73 -25.99 20.88
CA HIS D 252 23.03 -26.48 20.43
C HIS D 252 22.98 -28.01 20.36
N LEU D 253 22.43 -28.66 21.38
CA LEU D 253 22.31 -30.09 21.38
C LEU D 253 21.53 -30.50 20.14
N ALA D 254 20.39 -29.84 19.88
CA ALA D 254 19.56 -30.13 18.68
C ALA D 254 20.39 -30.05 17.41
N MET D 255 21.18 -28.99 17.25
CA MET D 255 22.03 -28.81 16.06
C MET D 255 23.15 -29.85 16.01
N GLU D 256 23.72 -30.19 17.16
CA GLU D 256 24.79 -31.18 17.22
C GLU D 256 24.26 -32.58 16.87
N MET D 257 23.02 -32.86 17.26
CA MET D 257 22.46 -34.16 16.94
C MET D 257 22.13 -34.26 15.44
N LEU D 258 21.64 -33.17 14.86
CA LEU D 258 21.33 -33.13 13.44
C LEU D 258 22.60 -33.32 12.62
N ALA D 259 23.66 -32.65 13.04
CA ALA D 259 24.96 -32.73 12.37
C ALA D 259 25.45 -34.17 12.43
N GLU D 260 25.30 -34.75 13.60
CA GLU D 260 25.74 -36.11 13.82
C GLU D 260 24.98 -37.08 12.90
N ALA D 261 23.68 -36.84 12.78
CA ALA D 261 22.81 -37.67 11.95
C ALA D 261 23.07 -37.51 10.47
N GLN D 262 23.62 -36.37 10.08
CA GLN D 262 23.91 -36.12 8.68
C GLN D 262 22.69 -36.17 7.78
N ILE D 263 21.54 -35.70 8.26
CA ILE D 263 20.33 -35.71 7.44
C ILE D 263 19.93 -34.35 6.84
N ILE D 264 20.47 -33.25 7.37
CA ILE D 264 20.11 -31.91 6.88
C ILE D 264 20.71 -31.58 5.50
N THR D 265 19.84 -31.37 4.52
CA THR D 265 20.29 -31.07 3.17
C THR D 265 20.12 -29.61 2.70
N SER D 266 19.43 -28.81 3.50
CA SER D 266 19.26 -27.40 3.23
C SER D 266 18.84 -26.76 4.54
N ALA D 267 19.03 -25.45 4.69
CA ALA D 267 18.64 -24.78 5.93
C ALA D 267 18.46 -23.29 5.79
N GLU D 268 17.65 -22.74 6.70
CA GLU D 268 17.40 -21.30 6.74
C GLU D 268 17.23 -20.88 8.19
N PHE D 269 17.79 -19.71 8.52
CA PHE D 269 17.71 -19.13 9.86
C PHE D 269 16.96 -17.83 9.67
N VAL D 270 15.77 -17.75 10.28
CA VAL D 270 14.91 -16.61 10.10
C VAL D 270 14.47 -15.83 11.32
N GLU D 271 13.80 -14.70 11.05
CA GLU D 271 13.23 -13.81 12.04
C GLU D 271 14.20 -13.02 12.91
N VAL D 272 15.46 -12.98 12.53
CA VAL D 272 16.43 -12.22 13.31
C VAL D 272 16.17 -10.74 13.08
N ASN D 273 15.91 -10.01 14.16
CA ASN D 273 15.66 -8.57 14.06
C ASN D 273 16.61 -7.80 14.98
N PRO D 274 17.66 -7.17 14.42
CA PRO D 274 18.64 -6.41 15.18
C PRO D 274 18.04 -5.23 15.91
N ILE D 275 16.95 -4.72 15.37
CA ILE D 275 16.28 -3.57 15.94
C ILE D 275 15.47 -3.86 17.19
N LEU D 276 15.23 -5.13 17.48
CA LEU D 276 14.49 -5.48 18.69
C LEU D 276 15.41 -6.27 19.62
N ASP D 277 16.69 -6.28 19.27
CA ASP D 277 17.72 -7.05 19.97
C ASP D 277 18.57 -6.27 20.97
N GLU D 278 19.44 -6.99 21.68
CA GLU D 278 20.36 -6.43 22.64
C GLU D 278 21.74 -6.76 22.13
N ARG D 279 22.36 -5.81 21.46
CA ARG D 279 23.71 -5.97 20.96
C ARG D 279 24.01 -7.17 20.07
N ASN D 280 23.12 -7.41 19.10
CA ASN D 280 23.29 -8.51 18.12
C ASN D 280 23.32 -9.90 18.73
N LYS D 281 22.82 -10.03 19.95
CA LYS D 281 22.78 -11.31 20.65
C LYS D 281 22.09 -12.43 19.86
N THR D 282 20.95 -12.10 19.27
CA THR D 282 20.17 -13.05 18.49
C THR D 282 20.89 -13.52 17.21
N ALA D 283 21.48 -12.58 16.47
CA ALA D 283 22.22 -12.96 15.28
C ALA D 283 23.41 -13.83 15.70
N SER D 284 23.98 -13.53 16.86
CA SER D 284 25.11 -14.31 17.37
C SER D 284 24.68 -15.74 17.70
N VAL D 285 23.52 -15.91 18.34
CA VAL D 285 23.05 -17.24 18.66
C VAL D 285 22.89 -18.05 17.36
N ALA D 286 22.29 -17.41 16.36
CA ALA D 286 22.08 -18.03 15.07
C ALA D 286 23.38 -18.54 14.47
N VAL D 287 24.41 -17.70 14.48
CA VAL D 287 25.69 -18.09 13.91
C VAL D 287 26.29 -19.24 14.69
N ALA D 288 26.16 -19.21 16.01
CA ALA D 288 26.69 -20.27 16.84
C ALA D 288 25.97 -21.57 16.51
N LEU D 289 24.64 -21.50 16.39
CA LEU D 289 23.82 -22.67 16.06
C LEU D 289 24.20 -23.22 14.68
N MET D 290 24.49 -22.31 13.74
CA MET D 290 24.92 -22.71 12.40
C MET D 290 26.24 -23.48 12.52
N GLY D 291 27.14 -23.00 13.39
CA GLY D 291 28.41 -23.67 13.59
C GLY D 291 28.23 -25.11 13.99
N SER D 292 27.38 -25.35 14.99
CA SER D 292 27.07 -26.69 15.46
C SER D 292 26.41 -27.53 14.36
N LEU D 293 25.43 -26.94 13.66
CA LEU D 293 24.74 -27.66 12.61
C LEU D 293 25.72 -28.18 11.58
N PHE D 294 26.69 -27.33 11.21
CA PHE D 294 27.67 -27.70 10.22
C PHE D 294 28.86 -28.48 10.76
N GLY D 295 28.70 -29.07 11.94
CA GLY D 295 29.74 -29.91 12.48
C GLY D 295 30.69 -29.48 13.59
N GLU D 296 30.59 -28.23 14.01
CA GLU D 296 31.45 -27.72 15.06
C GLU D 296 31.23 -28.58 16.30
N LYS D 297 32.30 -29.06 16.90
CA LYS D 297 32.19 -29.89 18.09
C LYS D 297 33.05 -29.37 19.23
N LEU D 298 32.68 -29.69 20.45
CA LEU D 298 33.43 -29.24 21.62
C LEU D 298 34.72 -30.04 21.85
N MET D 299 34.71 -31.32 21.53
CA MET D 299 35.87 -32.18 21.67
C MET D 299 36.34 -32.53 20.26
N LYS E 2 36.01 -35.90 58.71
CA LYS E 2 37.45 -35.54 58.78
C LYS E 2 37.57 -34.02 58.88
N PRO E 3 38.47 -33.53 59.74
CA PRO E 3 38.66 -32.09 59.92
C PRO E 3 39.16 -31.51 58.61
N ILE E 4 38.86 -30.23 58.40
CA ILE E 4 39.26 -29.55 57.18
C ILE E 4 40.27 -28.46 57.51
N SER E 5 41.22 -28.25 56.60
CA SER E 5 42.19 -27.17 56.74
C SER E 5 42.07 -26.37 55.46
N ILE E 6 41.96 -25.05 55.59
CA ILE E 6 41.84 -24.18 54.44
C ILE E 6 43.18 -23.55 54.14
N ILE E 7 43.57 -23.57 52.89
CA ILE E 7 44.81 -22.94 52.50
C ILE E 7 44.46 -22.04 51.34
N GLY E 8 44.69 -20.75 51.52
CA GLY E 8 44.39 -19.78 50.47
C GLY E 8 45.62 -19.63 49.62
N VAL E 9 45.42 -19.50 48.32
CA VAL E 9 46.55 -19.33 47.43
C VAL E 9 46.22 -18.17 46.52
N PRO E 10 46.62 -16.95 46.92
CA PRO E 10 46.36 -15.71 46.16
C PRO E 10 47.26 -15.64 44.92
N MET E 11 47.05 -16.59 44.02
CA MET E 11 47.83 -16.70 42.78
C MET E 11 47.17 -16.07 41.53
N ASP E 12 47.93 -15.22 40.83
CA ASP E 12 47.50 -14.61 39.56
C ASP E 12 48.63 -14.63 38.52
N LEU E 13 49.74 -15.31 38.85
CA LEU E 13 50.91 -15.43 37.99
C LEU E 13 50.69 -16.39 36.83
N GLY E 14 49.73 -17.29 36.97
CA GLY E 14 49.45 -18.25 35.91
C GLY E 14 48.62 -17.66 34.78
N GLN E 15 48.34 -16.36 34.87
CA GLN E 15 47.54 -15.67 33.88
C GLN E 15 47.92 -14.18 33.85
N THR E 16 47.16 -13.38 33.10
CA THR E 16 47.46 -11.95 32.94
C THR E 16 46.47 -10.90 33.45
N ARG E 17 45.25 -11.31 33.79
CA ARG E 17 44.24 -10.37 34.27
C ARG E 17 44.35 -10.24 35.78
N ARG E 18 44.40 -9.00 36.24
CA ARG E 18 44.49 -8.76 37.67
C ARG E 18 43.17 -9.04 38.42
N GLY E 19 43.27 -9.51 39.66
CA GLY E 19 42.09 -9.78 40.46
C GLY E 19 41.89 -11.18 41.01
N VAL E 20 42.29 -12.21 40.26
CA VAL E 20 42.09 -13.59 40.69
C VAL E 20 42.81 -13.91 41.99
N ASP E 21 43.80 -13.10 42.31
CA ASP E 21 44.53 -13.25 43.55
C ASP E 21 43.63 -12.89 44.76
N MET E 22 42.53 -12.19 44.50
CA MET E 22 41.59 -11.80 45.55
C MET E 22 40.55 -12.89 45.80
N GLY E 23 40.62 -13.94 44.99
CA GLY E 23 39.70 -15.05 45.11
C GLY E 23 39.62 -15.66 46.49
N PRO E 24 40.74 -16.04 47.14
CA PRO E 24 40.70 -16.64 48.47
C PRO E 24 39.94 -15.82 49.49
N SER E 25 40.21 -14.53 49.55
CA SER E 25 39.53 -13.72 50.54
C SER E 25 38.08 -13.36 50.20
N ALA E 26 37.74 -13.37 48.93
CA ALA E 26 36.36 -13.10 48.53
C ALA E 26 35.47 -14.28 49.02
N MET E 27 36.01 -15.49 48.94
CA MET E 27 35.31 -16.69 49.40
C MET E 27 35.24 -16.71 50.90
N ARG E 28 36.30 -16.26 51.57
CA ARG E 28 36.32 -16.18 53.02
C ARG E 28 35.26 -15.17 53.40
N TYR E 29 35.22 -14.05 52.69
CA TYR E 29 34.23 -13.03 52.97
C TYR E 29 32.84 -13.52 52.62
N ALA E 30 32.75 -14.48 51.71
CA ALA E 30 31.44 -15.04 51.33
C ALA E 30 30.98 -16.03 52.44
N GLY E 31 31.81 -16.19 53.47
CA GLY E 31 31.45 -17.04 54.59
C GLY E 31 31.77 -18.52 54.56
N VAL E 32 32.89 -18.90 53.95
CA VAL E 32 33.28 -20.30 53.86
C VAL E 32 33.44 -21.00 55.23
N ILE E 33 34.08 -20.34 56.19
CA ILE E 33 34.28 -20.94 57.49
C ILE E 33 32.96 -21.21 58.20
N GLU E 34 32.13 -20.20 58.31
CA GLU E 34 30.86 -20.33 58.99
C GLU E 34 29.97 -21.36 58.32
N ARG E 35 29.97 -21.40 56.99
CA ARG E 35 29.16 -22.36 56.27
C ARG E 35 29.52 -23.80 56.64
N LEU E 36 30.82 -24.06 56.77
CA LEU E 36 31.31 -25.39 57.12
C LEU E 36 31.21 -25.71 58.61
N GLU E 37 31.37 -24.69 59.48
CA GLU E 37 31.26 -24.90 60.92
C GLU E 37 29.85 -25.35 61.27
N ARG E 38 28.88 -24.74 60.58
CA ARG E 38 27.46 -25.02 60.71
C ARG E 38 27.19 -26.51 60.44
N LEU E 39 28.00 -27.09 59.57
CA LEU E 39 27.86 -28.51 59.24
C LEU E 39 28.56 -29.39 60.28
N HIS E 40 29.02 -28.77 61.36
CA HIS E 40 29.70 -29.48 62.45
C HIS E 40 31.12 -29.89 62.14
N TYR E 41 31.81 -29.15 61.29
CA TYR E 41 33.18 -29.52 60.97
C TYR E 41 34.16 -28.84 61.85
N ASP E 42 35.32 -29.48 61.99
CA ASP E 42 36.44 -28.91 62.73
C ASP E 42 37.15 -28.29 61.53
N ILE E 43 36.98 -26.98 61.41
CA ILE E 43 37.55 -26.26 60.29
C ILE E 43 38.65 -25.34 60.81
N GLU E 44 39.74 -25.31 60.06
CA GLU E 44 40.90 -24.53 60.42
C GLU E 44 41.34 -23.75 59.19
N ASP E 45 41.71 -22.50 59.36
CA ASP E 45 42.16 -21.69 58.24
C ASP E 45 43.65 -21.48 58.39
N LEU E 46 44.43 -22.13 57.55
CA LEU E 46 45.88 -22.03 57.61
C LEU E 46 46.47 -20.78 56.97
N GLY E 47 45.62 -19.88 56.47
CA GLY E 47 46.13 -18.66 55.86
C GLY E 47 46.43 -18.80 54.37
N ASP E 48 47.25 -17.88 53.85
CA ASP E 48 47.63 -17.84 52.45
C ASP E 48 49.11 -18.14 52.16
N ILE E 49 49.35 -18.86 51.06
CA ILE E 49 50.68 -19.18 50.62
C ILE E 49 51.27 -17.90 50.06
N PRO E 50 52.50 -17.57 50.46
CA PRO E 50 53.15 -16.36 49.96
C PRO E 50 53.45 -16.51 48.48
N ILE E 51 53.01 -15.56 47.68
CA ILE E 51 53.27 -15.61 46.25
C ILE E 51 54.33 -14.58 45.87
N GLY E 52 55.33 -15.02 45.11
CA GLY E 52 56.39 -14.11 44.72
C GLY E 52 56.01 -13.11 43.64
N LYS E 53 56.94 -12.24 43.28
CA LYS E 53 56.71 -11.26 42.22
C LYS E 53 57.47 -11.83 41.05
N ALA E 54 56.88 -11.77 39.86
CA ALA E 54 57.52 -12.31 38.67
C ALA E 54 58.78 -11.54 38.29
N GLU E 55 59.72 -12.23 37.66
CA GLU E 55 60.96 -11.60 37.23
C GLU E 55 60.69 -10.92 35.91
N ARG E 56 61.54 -9.98 35.53
CA ARG E 56 61.35 -9.27 34.29
C ARG E 56 61.17 -10.22 33.13
N LEU E 57 60.16 -9.93 32.32
CA LEU E 57 59.81 -10.71 31.16
C LEU E 57 61.03 -11.07 30.33
N HIS E 58 61.94 -10.11 30.17
CA HIS E 58 63.15 -10.33 29.38
C HIS E 58 64.19 -11.25 30.04
N GLU E 59 63.92 -11.65 31.28
CA GLU E 59 64.84 -12.54 31.99
C GLU E 59 64.27 -13.95 32.01
N GLN E 60 62.95 -14.02 31.85
CA GLN E 60 62.25 -15.29 31.85
C GLN E 60 62.76 -16.26 30.81
N GLY E 61 62.64 -17.54 31.12
CA GLY E 61 63.11 -18.55 30.19
C GLY E 61 62.33 -18.73 28.91
N ASP E 62 61.02 -18.92 29.02
CA ASP E 62 60.18 -19.16 27.85
C ASP E 62 58.95 -18.25 27.82
N SER E 63 58.70 -17.66 26.66
CA SER E 63 57.52 -16.80 26.49
C SER E 63 56.27 -17.65 26.50
N ARG E 64 56.46 -18.95 26.26
CA ARG E 64 55.37 -19.91 26.24
C ARG E 64 55.06 -20.37 27.65
N LEU E 65 55.86 -19.89 28.60
CA LEU E 65 55.67 -20.24 29.99
C LEU E 65 55.86 -19.02 30.86
N ARG E 66 54.93 -18.08 30.77
CA ARG E 66 54.99 -16.85 31.54
C ARG E 66 55.06 -17.09 33.05
N ASN E 67 55.95 -16.36 33.73
CA ASN E 67 56.15 -16.46 35.18
C ASN E 67 56.49 -17.86 35.70
N LEU E 68 57.19 -18.65 34.88
CA LEU E 68 57.54 -20.01 35.23
C LEU E 68 58.14 -20.21 36.61
N LYS E 69 59.17 -19.44 36.93
CA LYS E 69 59.86 -19.57 38.21
C LYS E 69 59.00 -19.18 39.40
N ALA E 70 58.29 -18.07 39.29
CA ALA E 70 57.44 -17.61 40.38
C ALA E 70 56.26 -18.57 40.57
N VAL E 71 55.74 -19.12 39.46
CA VAL E 71 54.63 -20.07 39.52
C VAL E 71 55.14 -21.38 40.15
N ALA E 72 56.31 -21.83 39.70
CA ALA E 72 56.87 -23.06 40.23
C ALA E 72 57.13 -22.93 41.73
N GLU E 73 57.77 -21.83 42.13
CA GLU E 73 58.10 -21.60 43.54
C GLU E 73 56.88 -21.63 44.44
N ALA E 74 55.85 -20.88 44.05
CA ALA E 74 54.63 -20.82 44.83
C ALA E 74 54.00 -22.21 44.94
N ASN E 75 54.01 -22.95 43.83
CA ASN E 75 53.43 -24.29 43.83
C ASN E 75 54.18 -25.24 44.74
N GLU E 76 55.48 -25.03 44.88
CA GLU E 76 56.30 -25.85 45.76
C GLU E 76 55.82 -25.61 47.18
N LYS E 77 55.62 -24.34 47.52
CA LYS E 77 55.15 -23.99 48.86
C LYS E 77 53.80 -24.62 49.12
N LEU E 78 52.91 -24.51 48.15
CA LEU E 78 51.56 -25.07 48.28
C LEU E 78 51.62 -26.57 48.49
N ALA E 79 52.43 -27.23 47.67
CA ALA E 79 52.58 -28.66 47.78
C ALA E 79 52.97 -29.07 49.20
N ALA E 80 53.95 -28.35 49.76
CA ALA E 80 54.44 -28.63 51.11
C ALA E 80 53.34 -28.47 52.16
N ALA E 81 52.59 -27.38 52.05
CA ALA E 81 51.51 -27.10 52.98
C ALA E 81 50.39 -28.15 52.87
N VAL E 82 50.05 -28.51 51.65
CA VAL E 82 48.99 -29.51 51.43
C VAL E 82 49.37 -30.87 52.01
N ASP E 83 50.63 -31.23 51.78
CA ASP E 83 51.20 -32.47 52.26
C ASP E 83 51.08 -32.55 53.78
N GLN E 84 51.52 -31.49 54.46
CA GLN E 84 51.45 -31.40 55.91
C GLN E 84 50.02 -31.66 56.40
N VAL E 85 49.06 -30.97 55.79
CA VAL E 85 47.66 -31.12 56.16
C VAL E 85 47.22 -32.57 56.02
N VAL E 86 47.56 -33.19 54.90
CA VAL E 86 47.21 -34.60 54.67
C VAL E 86 47.91 -35.47 55.73
N GLN E 87 49.19 -35.21 55.99
CA GLN E 87 49.90 -35.97 56.99
C GLN E 87 49.22 -35.84 58.34
N ARG E 88 48.60 -34.71 58.62
CA ARG E 88 47.92 -34.52 59.91
C ARG E 88 46.53 -35.18 59.95
N GLY E 89 46.16 -35.85 58.85
CA GLY E 89 44.86 -36.52 58.75
C GLY E 89 43.66 -35.62 58.53
N ARG E 90 43.90 -34.47 57.92
CA ARG E 90 42.85 -33.51 57.68
C ARG E 90 42.64 -33.40 56.17
N PHE E 91 41.45 -32.94 55.80
CA PHE E 91 41.08 -32.75 54.40
C PHE E 91 41.60 -31.39 53.95
N PRO E 92 42.39 -31.36 52.89
CA PRO E 92 42.91 -30.07 52.42
C PRO E 92 41.92 -29.39 51.47
N LEU E 93 41.44 -28.21 51.85
CA LEU E 93 40.52 -27.40 51.05
C LEU E 93 41.30 -26.17 50.56
N VAL E 94 41.73 -26.20 49.31
CA VAL E 94 42.52 -25.12 48.73
C VAL E 94 41.66 -24.07 47.99
N LEU E 95 41.85 -22.79 48.33
CA LEU E 95 41.12 -21.70 47.68
C LEU E 95 42.00 -20.86 46.75
N GLY E 96 41.61 -20.73 45.48
CA GLY E 96 42.36 -19.94 44.51
C GLY E 96 41.70 -18.61 44.14
N GLY E 97 42.34 -17.80 43.31
CA GLY E 97 43.65 -18.13 42.74
C GLY E 97 43.44 -18.79 41.38
N ASP E 98 44.30 -18.48 40.41
CA ASP E 98 44.16 -19.08 39.10
C ASP E 98 44.46 -20.58 39.16
N HIS E 99 43.92 -21.31 38.18
CA HIS E 99 44.06 -22.75 38.13
C HIS E 99 45.45 -23.38 38.14
N SER E 100 46.51 -22.57 37.99
CA SER E 100 47.87 -23.12 38.01
C SER E 100 48.19 -23.66 39.39
N ILE E 101 47.41 -23.30 40.40
CA ILE E 101 47.67 -23.80 41.73
C ILE E 101 47.38 -25.30 41.85
N ALA E 102 46.65 -25.85 40.89
CA ALA E 102 46.32 -27.28 40.89
C ALA E 102 47.61 -28.11 40.91
N ILE E 103 48.65 -27.56 40.27
CA ILE E 103 49.94 -28.20 40.21
C ILE E 103 50.46 -28.44 41.62
N GLY E 104 50.32 -27.45 42.49
CA GLY E 104 50.76 -27.60 43.86
C GLY E 104 49.85 -28.49 44.68
N THR E 105 48.54 -28.29 44.57
CA THR E 105 47.62 -29.10 45.34
C THR E 105 47.79 -30.57 45.03
N LEU E 106 47.80 -30.94 43.75
CA LEU E 106 47.95 -32.34 43.37
C LEU E 106 49.29 -32.91 43.86
N ALA E 107 50.35 -32.09 43.84
CA ALA E 107 51.67 -32.52 44.28
C ALA E 107 51.68 -32.88 45.75
N GLY E 108 50.93 -32.17 46.57
CA GLY E 108 50.94 -32.47 47.99
C GLY E 108 50.02 -33.61 48.37
N VAL E 109 49.05 -33.87 47.50
CA VAL E 109 48.06 -34.92 47.76
C VAL E 109 48.37 -36.27 47.15
N ALA E 110 48.59 -36.26 45.85
CA ALA E 110 48.84 -37.47 45.08
C ALA E 110 49.76 -38.51 45.72
N LYS E 111 50.91 -38.08 46.21
CA LYS E 111 51.85 -38.99 46.82
C LYS E 111 51.26 -39.80 47.97
N HIS E 112 50.09 -39.44 48.46
CA HIS E 112 49.50 -40.18 49.56
C HIS E 112 48.50 -41.23 49.11
N TYR E 113 48.36 -41.41 47.79
CA TYR E 113 47.39 -42.35 47.27
C TYR E 113 48.02 -43.26 46.24
N GLU E 114 47.55 -44.49 46.24
CA GLU E 114 48.04 -45.48 45.31
C GLU E 114 47.56 -45.12 43.91
N ARG E 115 46.28 -44.75 43.83
CA ARG E 115 45.69 -44.37 42.55
C ARG E 115 44.72 -43.24 42.77
N LEU E 116 45.24 -42.02 42.82
CA LEU E 116 44.39 -40.85 43.01
C LEU E 116 43.60 -40.51 41.75
N GLY E 117 42.33 -40.20 41.94
CA GLY E 117 41.49 -39.82 40.82
C GLY E 117 41.32 -38.31 40.82
N VAL E 118 40.85 -37.77 39.70
CA VAL E 118 40.64 -36.34 39.59
C VAL E 118 39.40 -36.01 38.79
N ILE E 119 38.55 -35.17 39.36
CA ILE E 119 37.36 -34.69 38.67
C ILE E 119 37.70 -33.23 38.36
N TRP E 120 37.81 -32.90 37.09
CA TRP E 120 38.15 -31.56 36.64
C TRP E 120 36.86 -30.92 36.08
N TYR E 121 36.17 -30.18 36.94
CA TYR E 121 34.92 -29.48 36.68
C TYR E 121 35.38 -28.12 36.08
N ASP E 122 35.17 -27.94 34.78
CA ASP E 122 35.72 -26.77 34.12
C ASP E 122 35.12 -26.63 32.73
N ALA E 123 35.34 -25.46 32.13
CA ALA E 123 34.92 -25.15 30.79
C ALA E 123 36.11 -25.49 29.87
N HIS E 124 37.29 -25.54 30.48
CA HIS E 124 38.52 -25.80 29.76
C HIS E 124 39.11 -27.13 30.19
N GLY E 125 40.07 -27.62 29.40
CA GLY E 125 40.74 -28.89 29.70
C GLY E 125 41.99 -28.70 30.54
N ASP E 126 42.62 -27.53 30.41
CA ASP E 126 43.84 -27.18 31.16
C ASP E 126 44.95 -28.21 30.95
N VAL E 127 45.04 -28.70 29.72
CA VAL E 127 46.02 -29.70 29.32
C VAL E 127 47.01 -29.20 28.26
N ASN E 128 47.26 -27.90 28.24
CA ASN E 128 48.21 -27.34 27.27
C ASN E 128 49.65 -27.53 27.75
N THR E 129 50.59 -27.33 26.83
CA THR E 129 52.04 -27.43 27.09
C THR E 129 52.65 -26.19 26.43
N ALA E 130 53.92 -25.93 26.68
CA ALA E 130 54.57 -24.77 26.07
C ALA E 130 54.40 -24.88 24.57
N GLU E 131 54.36 -26.10 24.06
CA GLU E 131 54.20 -26.30 22.63
C GLU E 131 52.80 -26.05 22.09
N THR E 132 51.79 -26.46 22.84
CA THR E 132 50.41 -26.28 22.38
C THR E 132 49.73 -25.00 22.83
N SER E 133 50.20 -24.41 23.93
CA SER E 133 49.56 -23.21 24.47
C SER E 133 49.47 -22.04 23.53
N PRO E 134 48.26 -21.53 23.35
CA PRO E 134 48.12 -20.40 22.45
C PRO E 134 48.40 -19.09 23.21
N SER E 135 48.56 -19.17 24.53
CA SER E 135 48.78 -17.97 25.36
C SER E 135 50.11 -17.86 26.13
N GLY E 136 50.65 -19.00 26.54
CA GLY E 136 51.87 -18.98 27.32
C GLY E 136 51.49 -18.87 28.79
N ASN E 137 50.19 -18.90 29.07
CA ASN E 137 49.68 -18.79 30.43
C ASN E 137 49.62 -20.14 31.10
N ILE E 138 50.42 -20.31 32.15
CA ILE E 138 50.47 -21.57 32.86
C ILE E 138 49.17 -22.03 33.47
N HIS E 139 48.21 -21.14 33.66
CA HIS E 139 46.93 -21.57 34.24
C HIS E 139 46.19 -22.49 33.28
N GLY E 140 46.65 -22.55 32.04
CA GLY E 140 46.04 -23.41 31.06
C GLY E 140 46.80 -24.72 30.88
N MET E 141 47.72 -25.00 31.81
CA MET E 141 48.57 -26.20 31.79
C MET E 141 48.60 -27.09 33.05
N PRO E 142 47.89 -26.75 34.15
CA PRO E 142 47.96 -27.62 35.33
C PRO E 142 47.61 -29.10 35.20
N LEU E 143 46.57 -29.44 34.44
CA LEU E 143 46.18 -30.85 34.29
C LEU E 143 47.24 -31.62 33.53
N ALA E 144 47.74 -31.04 32.43
CA ALA E 144 48.78 -31.68 31.64
C ALA E 144 50.04 -31.88 32.50
N ALA E 145 50.48 -30.84 33.19
CA ALA E 145 51.65 -30.91 34.05
C ALA E 145 51.51 -31.98 35.13
N SER E 146 50.34 -32.06 35.75
CA SER E 146 50.11 -33.05 36.78
C SER E 146 50.15 -34.46 36.21
N LEU E 147 49.89 -34.60 34.91
CA LEU E 147 49.94 -35.90 34.25
C LEU E 147 51.36 -36.20 33.79
N GLY E 148 52.26 -35.27 34.06
CA GLY E 148 53.64 -35.44 33.69
C GLY E 148 53.99 -34.84 32.35
N PHE E 149 53.11 -34.01 31.79
CA PHE E 149 53.39 -33.41 30.50
C PHE E 149 53.58 -31.91 30.56
N GLY E 150 54.83 -31.49 30.46
CA GLY E 150 55.16 -30.08 30.50
C GLY E 150 56.58 -29.84 30.93
N HIS E 151 56.87 -28.58 31.23
CA HIS E 151 58.18 -28.18 31.66
C HIS E 151 58.44 -28.83 33.00
N PRO E 152 59.61 -29.47 33.16
CA PRO E 152 59.98 -30.15 34.40
C PRO E 152 59.85 -29.27 35.63
N ALA E 153 60.00 -27.97 35.46
CA ALA E 153 59.84 -27.07 36.61
C ALA E 153 58.43 -27.24 37.17
N LEU E 154 57.50 -27.63 36.30
CA LEU E 154 56.13 -27.83 36.69
C LEU E 154 55.82 -29.29 36.98
N THR E 155 56.33 -30.19 36.14
CA THR E 155 56.06 -31.61 36.30
C THR E 155 56.70 -32.26 37.51
N GLN E 156 57.79 -31.64 38.01
CA GLN E 156 58.53 -32.19 39.14
C GLN E 156 58.24 -31.60 40.52
N ILE E 157 57.26 -30.69 40.60
CA ILE E 157 56.92 -30.07 41.88
C ILE E 157 56.67 -31.21 42.88
N GLY E 158 57.18 -31.08 44.09
CA GLY E 158 56.96 -32.15 45.04
C GLY E 158 57.99 -33.26 44.89
N GLY E 159 58.87 -33.14 43.91
CA GLY E 159 59.91 -34.14 43.70
C GLY E 159 59.54 -35.46 43.07
N TYR E 160 58.40 -35.51 42.39
CA TYR E 160 57.97 -36.74 41.75
C TYR E 160 57.07 -36.45 40.57
N SER E 161 56.87 -37.45 39.73
CA SER E 161 56.07 -37.29 38.55
C SER E 161 55.72 -38.67 38.01
N PRO E 162 54.48 -38.85 37.50
CA PRO E 162 53.42 -37.85 37.41
C PRO E 162 52.62 -37.99 38.69
N LYS E 163 51.72 -37.06 38.94
CA LYS E 163 50.92 -37.14 40.15
C LYS E 163 49.73 -38.09 40.00
N ILE E 164 49.12 -38.14 38.80
CA ILE E 164 47.98 -39.01 38.55
C ILE E 164 48.07 -39.57 37.13
N LYS E 165 47.27 -40.57 36.82
CA LYS E 165 47.27 -41.16 35.48
C LYS E 165 46.01 -40.73 34.71
N PRO E 166 46.12 -40.57 33.39
CA PRO E 166 45.03 -40.16 32.51
C PRO E 166 43.71 -40.90 32.68
N GLU E 167 43.80 -42.20 32.92
CA GLU E 167 42.61 -43.04 33.07
C GLU E 167 41.93 -42.80 34.40
N HIS E 168 42.51 -41.96 35.24
CA HIS E 168 41.91 -41.67 36.52
C HIS E 168 41.38 -40.27 36.58
N VAL E 169 41.24 -39.66 35.41
CA VAL E 169 40.74 -38.30 35.30
C VAL E 169 39.40 -38.26 34.57
N VAL E 170 38.49 -37.41 35.05
CA VAL E 170 37.22 -37.20 34.38
C VAL E 170 36.99 -35.69 34.29
N LEU E 171 36.85 -35.20 33.06
CA LEU E 171 36.61 -33.79 32.82
C LEU E 171 35.10 -33.60 32.71
N ILE E 172 34.56 -32.57 33.36
CA ILE E 172 33.14 -32.32 33.29
C ILE E 172 32.83 -30.85 33.00
N GLY E 173 31.98 -30.62 32.01
CA GLY E 173 31.57 -29.27 31.68
C GLY E 173 32.39 -28.57 30.64
N VAL E 174 33.32 -29.28 30.03
CA VAL E 174 34.19 -28.69 29.01
C VAL E 174 33.46 -28.13 27.79
N ARG E 175 33.92 -26.99 27.30
CA ARG E 175 33.29 -26.37 26.13
C ARG E 175 34.24 -25.45 25.43
N SER E 176 35.51 -25.50 25.79
CA SER E 176 36.50 -24.64 25.15
C SER E 176 37.89 -25.27 25.18
N LEU E 177 38.19 -26.08 24.17
CA LEU E 177 39.46 -26.78 24.08
C LEU E 177 40.29 -26.28 22.93
N ASP E 178 41.60 -26.13 23.15
CA ASP E 178 42.47 -25.70 22.08
C ASP E 178 42.72 -26.96 21.25
N GLU E 179 43.07 -26.80 19.98
CA GLU E 179 43.29 -27.96 19.11
C GLU E 179 44.24 -28.99 19.68
N GLY E 180 45.34 -28.48 20.26
CA GLY E 180 46.33 -29.37 20.85
C GLY E 180 45.75 -30.14 22.02
N GLU E 181 44.87 -29.48 22.77
CA GLU E 181 44.22 -30.08 23.93
C GLU E 181 43.29 -31.19 23.52
N LYS E 182 42.57 -30.99 22.43
CA LYS E 182 41.63 -32.01 21.95
C LYS E 182 42.43 -33.27 21.58
N LYS E 183 43.59 -33.05 20.97
CA LYS E 183 44.50 -34.13 20.57
C LYS E 183 45.03 -34.85 21.82
N PHE E 184 45.51 -34.06 22.79
CA PHE E 184 46.03 -34.57 24.04
C PHE E 184 45.01 -35.47 24.72
N ILE E 185 43.81 -34.93 24.94
CA ILE E 185 42.74 -35.68 25.59
C ILE E 185 42.47 -36.96 24.82
N ARG E 186 42.37 -36.82 23.50
CA ARG E 186 42.09 -37.93 22.59
C ARG E 186 43.12 -39.04 22.78
N GLU E 187 44.36 -38.65 22.60
CA GLU E 187 45.47 -39.58 22.68
C GLU E 187 45.80 -40.11 24.06
N LYS E 188 45.59 -39.31 25.09
CA LYS E 188 45.89 -39.78 26.45
C LYS E 188 44.73 -40.60 27.01
N GLY E 189 43.62 -40.62 26.29
CA GLY E 189 42.47 -41.39 26.71
C GLY E 189 41.81 -40.91 27.98
N ILE E 190 41.74 -39.59 28.14
CA ILE E 190 41.11 -38.99 29.31
C ILE E 190 39.59 -38.93 29.15
N LYS E 191 38.87 -39.36 30.19
CA LYS E 191 37.42 -39.37 30.18
C LYS E 191 36.91 -37.94 30.25
N ILE E 192 36.06 -37.56 29.30
CA ILE E 192 35.54 -36.21 29.23
C ILE E 192 34.04 -36.08 28.92
N TYR E 193 33.36 -35.25 29.71
CA TYR E 193 31.94 -34.98 29.48
C TYR E 193 31.84 -33.50 29.10
N THR E 194 31.77 -33.19 27.82
CA THR E 194 31.63 -31.83 27.38
C THR E 194 30.18 -31.41 27.59
N MET E 195 29.88 -30.15 27.33
CA MET E 195 28.52 -29.68 27.49
C MET E 195 27.55 -30.48 26.61
N HIS E 196 28.06 -31.07 25.54
CA HIS E 196 27.23 -31.88 24.67
C HIS E 196 26.68 -33.08 25.45
N GLU E 197 27.56 -33.79 26.17
CA GLU E 197 27.14 -34.94 26.96
C GLU E 197 26.25 -34.53 28.11
N VAL E 198 26.55 -33.40 28.74
CA VAL E 198 25.74 -32.92 29.86
C VAL E 198 24.32 -32.66 29.35
N ASP E 199 24.20 -32.01 28.19
CA ASP E 199 22.91 -31.73 27.58
C ASP E 199 22.23 -33.01 27.13
N ARG E 200 23.01 -33.90 26.56
CA ARG E 200 22.48 -35.16 26.07
C ARG E 200 22.07 -36.17 27.11
N LEU E 201 22.93 -36.39 28.10
CA LEU E 201 22.69 -37.37 29.15
C LEU E 201 22.09 -36.82 30.41
N GLY E 202 22.36 -35.54 30.68
CA GLY E 202 21.86 -34.93 31.91
C GLY E 202 22.92 -35.05 33.00
N MET E 203 22.97 -34.08 33.89
CA MET E 203 23.95 -34.07 34.98
C MET E 203 23.87 -35.32 35.87
N THR E 204 22.67 -35.82 36.16
CA THR E 204 22.55 -37.01 37.00
C THR E 204 23.33 -38.20 36.41
N ARG E 205 23.09 -38.51 35.15
CA ARG E 205 23.75 -39.61 34.48
C ARG E 205 25.26 -39.38 34.39
N VAL E 206 25.67 -38.17 34.01
CA VAL E 206 27.08 -37.84 33.94
C VAL E 206 27.75 -38.09 35.31
N MET E 207 27.11 -37.64 36.38
CA MET E 207 27.68 -37.82 37.71
C MET E 207 27.70 -39.28 38.13
N GLU E 208 26.62 -40.00 37.84
CA GLU E 208 26.54 -41.43 38.18
C GLU E 208 27.66 -42.20 37.51
N GLU E 209 27.87 -41.92 36.23
CA GLU E 209 28.92 -42.58 35.48
C GLU E 209 30.30 -42.23 36.02
N THR E 210 30.50 -40.95 36.32
CA THR E 210 31.77 -40.47 36.84
C THR E 210 32.10 -41.09 38.20
N ILE E 211 31.12 -41.12 39.08
CA ILE E 211 31.35 -41.66 40.40
C ILE E 211 31.67 -43.14 40.33
N ALA E 212 30.90 -43.87 39.54
CA ALA E 212 31.13 -45.30 39.36
C ALA E 212 32.51 -45.58 38.73
N TYR E 213 32.84 -44.83 37.69
CA TYR E 213 34.08 -45.00 37.01
C TYR E 213 35.26 -44.87 37.95
N LEU E 214 35.30 -43.79 38.72
CA LEU E 214 36.40 -43.54 39.62
C LEU E 214 36.42 -44.42 40.83
N LYS E 215 35.26 -44.60 41.45
CA LYS E 215 35.12 -45.43 42.65
C LYS E 215 35.65 -46.85 42.38
N GLU E 216 35.60 -47.22 41.12
CA GLU E 216 36.00 -48.52 40.64
C GLU E 216 37.51 -48.69 40.41
N ARG E 217 38.31 -47.61 40.49
CA ARG E 217 39.73 -47.77 40.20
C ARG E 217 40.70 -46.79 40.86
N THR E 218 40.23 -46.09 41.87
CA THR E 218 41.06 -45.12 42.57
C THR E 218 40.91 -45.30 44.07
N ASP E 219 41.88 -44.82 44.84
CA ASP E 219 41.77 -44.93 46.28
C ASP E 219 41.53 -43.56 46.94
N GLY E 220 41.27 -42.56 46.11
CA GLY E 220 41.01 -41.23 46.62
C GLY E 220 40.66 -40.41 45.41
N VAL E 221 39.84 -39.38 45.59
CA VAL E 221 39.47 -38.50 44.47
C VAL E 221 39.59 -37.02 44.82
N HIS E 222 40.34 -36.30 44.00
CA HIS E 222 40.52 -34.87 44.18
C HIS E 222 39.58 -34.09 43.27
N LEU E 223 38.81 -33.17 43.86
CA LEU E 223 37.90 -32.30 43.10
C LEU E 223 38.61 -30.97 42.82
N SER E 224 38.84 -30.69 41.54
CA SER E 224 39.46 -29.45 41.14
C SER E 224 38.36 -28.66 40.41
N LEU E 225 37.64 -27.82 41.16
CA LEU E 225 36.56 -27.07 40.59
C LEU E 225 36.89 -25.64 40.21
N ASP E 226 36.79 -25.36 38.92
CA ASP E 226 37.02 -24.06 38.35
C ASP E 226 35.63 -23.45 38.19
N LEU E 227 35.42 -22.29 38.81
CA LEU E 227 34.12 -21.65 38.74
C LEU E 227 33.68 -21.33 37.31
N ASP E 228 34.63 -21.18 36.39
CA ASP E 228 34.23 -20.88 35.00
C ASP E 228 33.51 -22.07 34.34
N GLY E 229 33.47 -23.20 35.03
CA GLY E 229 32.76 -24.37 34.54
C GLY E 229 31.29 -24.02 34.53
N LEU E 230 30.87 -23.12 35.43
CA LEU E 230 29.49 -22.69 35.48
C LEU E 230 29.30 -21.59 34.45
N ASP E 231 28.06 -21.40 34.00
CA ASP E 231 27.74 -20.38 33.01
C ASP E 231 28.09 -18.99 33.56
N PRO E 232 28.61 -18.10 32.70
CA PRO E 232 28.97 -16.74 33.10
C PRO E 232 27.83 -16.01 33.78
N SER E 233 26.58 -16.36 33.47
CA SER E 233 25.46 -15.70 34.11
C SER E 233 25.34 -16.11 35.56
N ASP E 234 25.79 -17.33 35.85
CA ASP E 234 25.78 -17.88 37.21
C ASP E 234 27.05 -17.51 37.95
N ALA E 235 28.16 -17.55 37.23
CA ALA E 235 29.46 -17.25 37.80
C ALA E 235 30.13 -16.23 36.92
N PRO E 236 29.72 -14.95 37.03
CA PRO E 236 30.33 -13.89 36.22
C PRO E 236 31.79 -13.54 36.54
N GLY E 237 32.18 -13.65 37.81
CA GLY E 237 33.54 -13.31 38.17
C GLY E 237 34.67 -14.27 37.84
N VAL E 238 34.96 -14.48 36.54
CA VAL E 238 36.03 -15.37 36.12
C VAL E 238 36.87 -14.72 35.01
N GLY E 239 38.14 -15.10 34.94
CA GLY E 239 39.02 -14.51 33.97
C GLY E 239 38.75 -14.93 32.55
N THR E 240 38.34 -16.18 32.33
CA THR E 240 38.09 -16.64 30.97
C THR E 240 36.73 -17.35 30.86
N PRO E 241 35.64 -16.58 30.92
CA PRO E 241 34.28 -17.11 30.83
C PRO E 241 33.98 -17.66 29.46
N VAL E 242 33.06 -18.61 29.42
CA VAL E 242 32.66 -19.24 28.17
C VAL E 242 31.18 -19.52 28.34
N ILE E 243 30.40 -18.99 27.41
CA ILE E 243 28.96 -19.16 27.49
C ILE E 243 28.50 -20.61 27.29
N GLY E 244 27.26 -20.88 27.69
CA GLY E 244 26.65 -22.20 27.54
C GLY E 244 27.21 -23.20 28.52
N GLY E 245 27.34 -22.77 29.78
CA GLY E 245 27.87 -23.63 30.81
C GLY E 245 26.87 -24.24 31.76
N LEU E 246 27.41 -24.92 32.74
CA LEU E 246 26.62 -25.58 33.76
C LEU E 246 25.83 -24.55 34.61
N THR E 247 24.60 -24.89 34.97
CA THR E 247 23.76 -24.00 35.76
C THR E 247 24.07 -24.12 37.25
N TYR E 248 23.53 -23.21 38.03
CA TYR E 248 23.71 -23.22 39.47
C TYR E 248 23.17 -24.52 40.09
N ARG E 249 21.99 -24.94 39.63
CA ARG E 249 21.37 -26.16 40.14
C ARG E 249 22.14 -27.44 39.76
N GLU E 250 22.67 -27.49 38.53
CA GLU E 250 23.42 -28.67 38.09
C GLU E 250 24.65 -28.84 38.97
N SER E 251 25.30 -27.72 39.29
CA SER E 251 26.48 -27.74 40.13
C SER E 251 26.14 -28.17 41.54
N HIS E 252 25.00 -27.75 42.06
CA HIS E 252 24.64 -28.20 43.39
C HIS E 252 24.40 -29.71 43.36
N LEU E 253 23.67 -30.19 42.36
CA LEU E 253 23.39 -31.61 42.20
C LEU E 253 24.70 -32.37 42.14
N ALA E 254 25.63 -31.91 41.33
CA ALA E 254 26.92 -32.56 41.21
C ALA E 254 27.58 -32.70 42.57
N MET E 255 27.62 -31.62 43.35
CA MET E 255 28.25 -31.62 44.67
C MET E 255 27.51 -32.53 45.64
N GLU E 256 26.19 -32.52 45.56
CA GLU E 256 25.38 -33.32 46.44
C GLU E 256 25.59 -34.79 46.18
N MET E 257 25.81 -35.15 44.92
CA MET E 257 26.02 -36.55 44.57
C MET E 257 27.40 -36.99 45.01
N LEU E 258 28.38 -36.12 44.86
CA LEU E 258 29.74 -36.43 45.27
C LEU E 258 29.75 -36.65 46.76
N ALA E 259 29.09 -35.76 47.50
CA ALA E 259 29.02 -35.85 48.95
C ALA E 259 28.41 -37.18 49.34
N GLU E 260 27.32 -37.52 48.66
CA GLU E 260 26.60 -38.77 48.90
C GLU E 260 27.48 -39.99 48.67
N ALA E 261 28.28 -39.94 47.61
CA ALA E 261 29.18 -41.04 47.25
C ALA E 261 30.33 -41.18 48.20
N GLN E 262 30.66 -40.11 48.92
CA GLN E 262 31.77 -40.12 49.86
C GLN E 262 33.12 -40.51 49.26
N ILE E 263 33.41 -40.05 48.05
CA ILE E 263 34.69 -40.37 47.41
C ILE E 263 35.70 -39.20 47.37
N ILE E 264 35.25 -37.98 47.63
CA ILE E 264 36.14 -36.81 47.56
C ILE E 264 37.07 -36.74 48.76
N THR E 265 38.37 -36.77 48.50
CA THR E 265 39.37 -36.76 49.56
C THR E 265 40.16 -35.44 49.68
N SER E 266 40.02 -34.59 48.67
CA SER E 266 40.68 -33.29 48.68
C SER E 266 39.94 -32.42 47.66
N ALA E 267 40.02 -31.11 47.79
CA ALA E 267 39.32 -30.23 46.86
C ALA E 267 39.89 -28.83 46.78
N GLU E 268 39.67 -28.18 45.65
CA GLU E 268 40.13 -26.81 45.48
C GLU E 268 39.11 -26.09 44.62
N PHE E 269 38.85 -24.84 44.97
CA PHE E 269 37.91 -24.01 44.25
C PHE E 269 38.73 -22.84 43.70
N VAL E 270 38.79 -22.71 42.38
CA VAL E 270 39.63 -21.70 41.74
C VAL E 270 39.00 -20.72 40.76
N GLU E 271 39.83 -19.78 40.31
CA GLU E 271 39.46 -18.79 39.32
C GLU E 271 38.43 -17.75 39.75
N VAL E 272 38.17 -17.65 41.04
CA VAL E 272 37.22 -16.65 41.50
C VAL E 272 37.91 -15.29 41.41
N ASN E 273 37.31 -14.35 40.69
CA ASN E 273 37.89 -13.01 40.55
C ASN E 273 36.82 -11.96 40.89
N PRO E 274 36.90 -11.36 42.10
CA PRO E 274 35.97 -10.34 42.61
C PRO E 274 35.91 -9.11 41.71
N ILE E 275 37.05 -8.78 41.13
CA ILE E 275 37.18 -7.62 40.27
C ILE E 275 36.41 -7.70 38.95
N LEU E 276 36.03 -8.92 38.54
CA LEU E 276 35.29 -9.11 37.30
C LEU E 276 33.85 -9.56 37.61
N ASP E 277 33.56 -9.63 38.90
CA ASP E 277 32.28 -10.11 39.41
C ASP E 277 31.20 -9.03 39.65
N GLU E 278 30.00 -9.49 40.05
CA GLU E 278 28.87 -8.62 40.37
C GLU E 278 28.55 -8.88 41.82
N ARG E 279 29.05 -8.03 42.70
CA ARG E 279 28.81 -8.14 44.12
C ARG E 279 29.12 -9.50 44.78
N ASN E 280 30.30 -10.04 44.52
CA ASN E 280 30.73 -11.29 45.13
C ASN E 280 29.88 -12.52 44.82
N LYS E 281 29.07 -12.43 43.77
CA LYS E 281 28.21 -13.52 43.37
C LYS E 281 28.97 -14.83 43.16
N THR E 282 30.09 -14.75 42.46
CA THR E 282 30.88 -15.93 42.16
C THR E 282 31.46 -16.60 43.42
N ALA E 283 32.07 -15.81 44.30
CA ALA E 283 32.61 -16.38 45.54
C ALA E 283 31.47 -17.00 46.33
N SER E 284 30.31 -16.39 46.24
CA SER E 284 29.16 -16.90 46.96
C SER E 284 28.76 -18.26 46.42
N VAL E 285 28.72 -18.41 45.10
CA VAL E 285 28.36 -19.67 44.49
C VAL E 285 29.33 -20.74 44.99
N ALA E 286 30.62 -20.42 44.97
CA ALA E 286 31.65 -21.36 45.42
C ALA E 286 31.40 -21.86 46.83
N VAL E 287 31.08 -20.92 47.73
CA VAL E 287 30.81 -21.26 49.12
C VAL E 287 29.58 -22.15 49.24
N ALA E 288 28.54 -21.82 48.47
CA ALA E 288 27.32 -22.63 48.48
C ALA E 288 27.63 -24.05 47.97
N LEU E 289 28.46 -24.16 46.93
CA LEU E 289 28.85 -25.44 46.35
C LEU E 289 29.68 -26.22 47.36
N MET E 290 30.59 -25.54 48.06
CA MET E 290 31.39 -26.21 49.06
C MET E 290 30.45 -26.76 50.14
N GLY E 291 29.42 -25.99 50.52
CA GLY E 291 28.47 -26.45 51.53
C GLY E 291 27.88 -27.78 51.10
N SER E 292 27.45 -27.87 49.84
CA SER E 292 26.86 -29.08 49.31
C SER E 292 27.88 -30.20 49.29
N LEU E 293 29.08 -29.90 48.82
CA LEU E 293 30.15 -30.91 48.73
C LEU E 293 30.39 -31.55 50.10
N PHE E 294 30.40 -30.73 51.14
CA PHE E 294 30.67 -31.24 52.47
C PHE E 294 29.46 -31.78 53.22
N GLY E 295 28.40 -32.09 52.49
CA GLY E 295 27.23 -32.69 53.12
C GLY E 295 25.98 -31.90 53.41
N GLU E 296 25.97 -30.61 53.09
CA GLU E 296 24.79 -29.78 53.34
C GLU E 296 23.63 -30.32 52.51
N LYS E 297 22.51 -30.62 53.14
CA LYS E 297 21.35 -31.15 52.42
C LYS E 297 20.13 -30.28 52.62
N LEU E 298 19.18 -30.39 51.71
CA LEU E 298 17.96 -29.59 51.77
C LEU E 298 16.95 -30.14 52.76
N MET E 299 16.99 -31.44 52.97
CA MET E 299 16.10 -32.11 53.92
C MET E 299 16.98 -32.71 55.02
N LYS F 2 -16.07 -28.72 35.78
CA LYS F 2 -16.79 -28.20 36.98
C LYS F 2 -16.62 -26.69 37.04
N PRO F 3 -17.69 -25.96 37.40
CA PRO F 3 -17.59 -24.50 37.47
C PRO F 3 -16.57 -24.10 38.52
N ILE F 4 -16.04 -22.89 38.38
CA ILE F 4 -15.05 -22.38 39.31
C ILE F 4 -15.56 -21.13 40.02
N SER F 5 -15.19 -21.00 41.29
CA SER F 5 -15.55 -19.84 42.08
C SER F 5 -14.24 -19.29 42.61
N ILE F 6 -14.02 -18.00 42.40
CA ILE F 6 -12.81 -17.36 42.87
C ILE F 6 -13.09 -16.64 44.17
N ILE F 7 -12.21 -16.83 45.13
CA ILE F 7 -12.30 -16.17 46.42
C ILE F 7 -10.95 -15.52 46.68
N GLY F 8 -10.98 -14.19 46.77
CA GLY F 8 -9.76 -13.45 47.03
C GLY F 8 -9.61 -13.36 48.54
N VAL F 9 -8.38 -13.47 49.03
CA VAL F 9 -8.13 -13.40 50.46
C VAL F 9 -6.95 -12.48 50.61
N PRO F 10 -7.22 -11.17 50.73
CA PRO F 10 -6.18 -10.16 50.90
C PRO F 10 -5.54 -10.22 52.28
N MET F 11 -4.81 -11.30 52.51
CA MET F 11 -4.17 -11.55 53.79
C MET F 11 -2.69 -11.22 53.88
N ASP F 12 -2.30 -10.48 54.92
CA ASP F 12 -0.90 -10.15 55.19
C ASP F 12 -0.61 -10.23 56.69
N LEU F 13 -1.56 -10.78 57.44
CA LEU F 13 -1.45 -10.93 58.88
C LEU F 13 -0.55 -12.08 59.31
N GLY F 14 -0.38 -13.04 58.40
CA GLY F 14 0.48 -14.18 58.72
C GLY F 14 1.95 -13.87 58.54
N GLN F 15 2.26 -12.62 58.22
CA GLN F 15 3.63 -12.23 58.02
C GLN F 15 3.80 -10.75 58.37
N THR F 16 4.99 -10.20 58.09
CA THR F 16 5.28 -8.81 58.43
C THR F 16 5.58 -7.83 57.30
N ARG F 17 5.71 -8.32 56.07
CA ARG F 17 6.01 -7.43 54.94
C ARG F 17 4.72 -6.99 54.28
N ARG F 18 4.58 -5.69 54.13
CA ARG F 18 3.38 -5.16 53.49
C ARG F 18 3.33 -5.44 51.98
N GLY F 19 2.13 -5.65 51.45
CA GLY F 19 1.99 -5.88 50.03
C GLY F 19 1.32 -7.16 49.55
N VAL F 20 1.54 -8.26 50.26
CA VAL F 20 0.98 -9.54 49.86
C VAL F 20 -0.53 -9.52 49.86
N ASP F 21 -1.10 -8.59 50.60
CA ASP F 21 -2.53 -8.45 50.64
C ASP F 21 -3.02 -7.99 49.26
N MET F 22 -2.11 -7.45 48.46
CA MET F 22 -2.47 -6.99 47.13
C MET F 22 -2.45 -8.11 46.11
N GLY F 23 -2.00 -9.29 46.53
CA GLY F 23 -1.93 -10.43 45.64
C GLY F 23 -3.21 -10.74 44.87
N PRO F 24 -4.35 -10.95 45.53
CA PRO F 24 -5.60 -11.26 44.83
C PRO F 24 -5.90 -10.35 43.66
N SER F 25 -5.83 -9.04 43.87
CA SER F 25 -6.14 -8.12 42.78
C SER F 25 -5.07 -8.00 41.71
N ALA F 26 -3.85 -8.33 42.05
CA ALA F 26 -2.78 -8.29 41.05
C ALA F 26 -3.06 -9.41 40.07
N MET F 27 -3.49 -10.54 40.60
CA MET F 27 -3.81 -11.70 39.77
C MET F 27 -5.06 -11.43 38.94
N ARG F 28 -6.02 -10.73 39.55
CA ARG F 28 -7.23 -10.37 38.84
C ARG F 28 -6.82 -9.45 37.69
N TYR F 29 -5.93 -8.51 37.99
CA TYR F 29 -5.44 -7.58 36.97
C TYR F 29 -4.55 -8.27 35.93
N ALA F 30 -3.94 -9.39 36.30
CA ALA F 30 -3.12 -10.14 35.34
C ALA F 30 -4.09 -10.94 34.44
N GLY F 31 -5.38 -10.82 34.69
CA GLY F 31 -6.37 -11.48 33.86
C GLY F 31 -6.82 -12.89 34.15
N VAL F 32 -6.92 -13.26 35.42
CA VAL F 32 -7.35 -14.60 35.75
C VAL F 32 -8.74 -15.00 35.19
N ILE F 33 -9.72 -14.10 35.24
CA ILE F 33 -11.07 -14.44 34.78
C ILE F 33 -11.09 -14.76 33.28
N GLU F 34 -10.50 -13.84 32.53
CA GLU F 34 -10.42 -13.91 31.08
C GLU F 34 -9.74 -15.19 30.63
N ARG F 35 -8.64 -15.51 31.31
CA ARG F 35 -7.84 -16.68 31.01
C ARG F 35 -8.65 -17.96 31.13
N LEU F 36 -9.48 -18.02 32.16
CA LEU F 36 -10.32 -19.19 32.44
C LEU F 36 -11.61 -19.22 31.62
N GLU F 37 -12.17 -18.05 31.32
CA GLU F 37 -13.37 -17.98 30.50
C GLU F 37 -13.06 -18.52 29.12
N ARG F 38 -11.86 -18.19 28.65
CA ARG F 38 -11.35 -18.62 27.36
C ARG F 38 -11.36 -20.14 27.27
N LEU F 39 -11.07 -20.80 28.39
CA LEU F 39 -11.06 -22.25 28.40
C LEU F 39 -12.48 -22.79 28.50
N HIS F 40 -13.44 -21.88 28.37
CA HIS F 40 -14.88 -22.18 28.39
C HIS F 40 -15.43 -22.59 29.76
N TYR F 41 -14.89 -21.98 30.80
CA TYR F 41 -15.35 -22.29 32.14
C TYR F 41 -16.47 -21.38 32.58
N ASP F 42 -17.26 -21.87 33.53
CA ASP F 42 -18.29 -21.07 34.14
C ASP F 42 -17.47 -20.62 35.33
N ILE F 43 -16.97 -19.39 35.24
CA ILE F 43 -16.13 -18.85 36.29
C ILE F 43 -16.88 -17.73 37.00
N GLU F 44 -16.81 -17.73 38.32
CA GLU F 44 -17.50 -16.75 39.13
C GLU F 44 -16.51 -16.16 40.15
N ASP F 45 -16.55 -14.86 40.33
CA ASP F 45 -15.67 -14.22 41.30
C ASP F 45 -16.47 -13.83 42.53
N LEU F 46 -16.30 -14.57 43.62
CA LEU F 46 -17.04 -14.28 44.86
C LEU F 46 -16.51 -13.08 45.66
N GLY F 47 -15.44 -12.45 45.18
CA GLY F 47 -14.91 -11.31 45.90
C GLY F 47 -13.85 -11.67 46.91
N ASP F 48 -13.60 -10.77 47.84
CA ASP F 48 -12.59 -10.95 48.84
C ASP F 48 -13.14 -11.14 50.24
N ILE F 49 -12.47 -11.99 51.02
CA ILE F 49 -12.83 -12.22 52.41
C ILE F 49 -12.34 -10.98 53.17
N PRO F 50 -13.18 -10.43 54.04
CA PRO F 50 -12.80 -9.26 54.83
C PRO F 50 -11.75 -9.70 55.87
N ILE F 51 -10.62 -9.01 55.91
CA ILE F 51 -9.56 -9.32 56.85
C ILE F 51 -9.46 -8.24 57.93
N GLY F 52 -9.19 -8.66 59.16
CA GLY F 52 -9.10 -7.72 60.26
C GLY F 52 -7.81 -6.91 60.27
N LYS F 53 -7.69 -6.05 61.27
CA LYS F 53 -6.52 -5.22 61.44
C LYS F 53 -5.65 -5.87 62.50
N ALA F 54 -4.34 -5.75 62.34
CA ALA F 54 -3.39 -6.32 63.28
C ALA F 54 -3.50 -5.55 64.61
N GLU F 55 -3.77 -6.25 65.71
CA GLU F 55 -3.91 -5.56 66.98
C GLU F 55 -2.58 -5.49 67.73
N ARG F 56 -2.49 -4.49 68.60
CA ARG F 56 -1.33 -4.17 69.42
C ARG F 56 -0.38 -5.33 69.67
N LEU F 57 0.87 -5.16 69.27
CA LEU F 57 1.93 -6.15 69.45
C LEU F 57 1.98 -6.58 70.93
N HIS F 58 1.91 -5.59 71.81
CA HIS F 58 1.92 -5.82 73.25
C HIS F 58 0.58 -6.38 73.77
N GLU F 59 -0.44 -6.37 72.91
CA GLU F 59 -1.79 -6.82 73.25
C GLU F 59 -2.43 -7.68 72.14
N GLN F 60 -1.65 -8.56 71.53
CA GLN F 60 -2.17 -9.42 70.45
C GLN F 60 -2.27 -10.89 70.91
N GLY F 61 -2.73 -11.76 70.00
CA GLY F 61 -2.93 -13.17 70.25
C GLY F 61 -1.90 -13.98 70.99
N ASP F 62 -0.72 -14.16 70.39
CA ASP F 62 0.35 -14.93 71.02
C ASP F 62 1.70 -14.47 70.49
N SER F 63 2.72 -14.47 71.34
CA SER F 63 4.06 -14.03 70.95
C SER F 63 4.60 -14.68 69.66
N ARG F 64 4.90 -15.96 69.77
CA ARG F 64 5.41 -16.82 68.71
C ARG F 64 4.28 -17.13 67.73
N LEU F 65 3.18 -16.41 67.90
CA LEU F 65 2.02 -16.53 67.04
C LEU F 65 1.44 -15.14 66.75
N ARG F 66 2.17 -14.36 65.95
CA ARG F 66 1.77 -13.00 65.58
C ARG F 66 0.39 -12.96 64.98
N ASN F 67 -0.41 -11.99 65.41
CA ASN F 67 -1.77 -11.78 64.90
C ASN F 67 -2.67 -13.01 64.93
N LEU F 68 -2.46 -13.88 65.92
CA LEU F 68 -3.21 -15.13 66.05
C LEU F 68 -4.72 -15.02 65.91
N LYS F 69 -5.30 -14.09 66.64
CA LYS F 69 -6.74 -13.92 66.62
C LYS F 69 -7.26 -13.39 65.29
N ALA F 70 -6.57 -12.41 64.71
CA ALA F 70 -6.97 -11.85 63.43
C ALA F 70 -6.82 -12.88 62.30
N VAL F 71 -5.75 -13.68 62.36
CA VAL F 71 -5.50 -14.70 61.36
C VAL F 71 -6.56 -15.79 61.48
N ALA F 72 -6.85 -16.19 62.72
CA ALA F 72 -7.85 -17.21 62.96
C ALA F 72 -9.22 -16.77 62.51
N GLU F 73 -9.60 -15.56 62.86
CA GLU F 73 -10.92 -15.09 62.45
C GLU F 73 -11.08 -15.03 60.93
N ALA F 74 -10.05 -14.55 60.24
CA ALA F 74 -10.10 -14.45 58.78
C ALA F 74 -10.23 -15.84 58.16
N ASN F 75 -9.47 -16.79 58.71
CA ASN F 75 -9.48 -18.18 58.23
C ASN F 75 -10.82 -18.86 58.42
N GLU F 76 -11.50 -18.53 59.52
CA GLU F 76 -12.83 -19.07 59.77
C GLU F 76 -13.75 -18.62 58.67
N LYS F 77 -13.64 -17.34 58.30
CA LYS F 77 -14.45 -16.77 57.25
C LYS F 77 -14.16 -17.47 55.94
N LEU F 78 -12.87 -17.63 55.65
CA LEU F 78 -12.47 -18.28 54.43
C LEU F 78 -13.04 -19.68 54.37
N ALA F 79 -12.91 -20.41 55.47
CA ALA F 79 -13.42 -21.78 55.54
C ALA F 79 -14.91 -21.85 55.17
N ALA F 80 -15.71 -20.95 55.73
CA ALA F 80 -17.14 -20.93 55.46
C ALA F 80 -17.42 -20.69 53.99
N ALA F 81 -16.70 -19.75 53.39
CA ALA F 81 -16.88 -19.41 51.98
C ALA F 81 -16.51 -20.57 51.09
N VAL F 82 -15.38 -21.22 51.41
CA VAL F 82 -14.92 -22.33 50.60
C VAL F 82 -15.92 -23.50 50.71
N ASP F 83 -16.38 -23.75 51.93
CA ASP F 83 -17.34 -24.79 52.20
C ASP F 83 -18.58 -24.59 51.32
N GLN F 84 -19.13 -23.38 51.34
CA GLN F 84 -20.30 -23.04 50.53
C GLN F 84 -20.09 -23.38 49.06
N VAL F 85 -18.94 -22.96 48.51
CA VAL F 85 -18.61 -23.21 47.11
C VAL F 85 -18.61 -24.72 46.81
N VAL F 86 -17.92 -25.50 47.66
CA VAL F 86 -17.86 -26.95 47.49
C VAL F 86 -19.27 -27.55 47.55
N GLN F 87 -20.06 -27.05 48.50
CA GLN F 87 -21.44 -27.51 48.65
C GLN F 87 -22.24 -27.21 47.39
N ARG F 88 -21.92 -26.10 46.73
CA ARG F 88 -22.61 -25.74 45.50
C ARG F 88 -22.10 -26.51 44.30
N GLY F 89 -21.19 -27.45 44.53
CA GLY F 89 -20.65 -28.26 43.44
C GLY F 89 -19.71 -27.54 42.50
N ARG F 90 -19.03 -26.52 43.02
CA ARG F 90 -18.08 -25.75 42.23
C ARG F 90 -16.67 -25.98 42.77
N PHE F 91 -15.68 -25.73 41.92
CA PHE F 91 -14.27 -25.86 42.28
C PHE F 91 -13.83 -24.56 42.95
N PRO F 92 -13.29 -24.64 44.17
CA PRO F 92 -12.86 -23.42 44.84
C PRO F 92 -11.42 -23.02 44.48
N LEU F 93 -11.28 -21.86 43.84
CA LEU F 93 -9.97 -21.31 43.46
C LEU F 93 -9.72 -20.10 44.37
N VAL F 94 -8.83 -20.27 45.34
CA VAL F 94 -8.51 -19.23 46.31
C VAL F 94 -7.24 -18.45 45.95
N LEU F 95 -7.30 -17.13 45.99
CA LEU F 95 -6.13 -16.28 45.66
C LEU F 95 -5.63 -15.54 46.89
N GLY F 96 -4.34 -15.64 47.14
CA GLY F 96 -3.74 -15.01 48.32
C GLY F 96 -2.88 -13.83 47.91
N GLY F 97 -2.31 -13.11 48.89
CA GLY F 97 -2.51 -13.44 50.30
C GLY F 97 -1.40 -14.33 50.81
N ASP F 98 -0.94 -14.12 52.04
CA ASP F 98 0.13 -14.97 52.53
C ASP F 98 -0.39 -16.40 52.75
N HIS F 99 0.52 -17.35 52.82
CA HIS F 99 0.18 -18.75 52.95
C HIS F 99 -0.62 -19.17 54.16
N SER F 100 -0.78 -18.32 55.16
CA SER F 100 -1.57 -18.73 56.32
C SER F 100 -3.01 -19.01 55.92
N ILE F 101 -3.45 -18.50 54.77
CA ILE F 101 -4.82 -18.73 54.28
C ILE F 101 -5.10 -20.21 53.95
N ALA F 102 -4.05 -21.02 53.77
CA ALA F 102 -4.21 -22.45 53.49
C ALA F 102 -5.02 -23.10 54.61
N ILE F 103 -4.84 -22.61 55.83
CA ILE F 103 -5.55 -23.10 57.00
C ILE F 103 -7.06 -23.00 56.76
N GLY F 104 -7.50 -21.86 56.23
CA GLY F 104 -8.92 -21.68 55.95
C GLY F 104 -9.38 -22.48 54.76
N THR F 105 -8.58 -22.51 53.69
CA THR F 105 -8.93 -23.24 52.47
C THR F 105 -9.11 -24.73 52.77
N LEU F 106 -8.12 -25.33 53.43
CA LEU F 106 -8.18 -26.74 53.78
C LEU F 106 -9.34 -27.05 54.73
N ALA F 107 -9.65 -26.13 55.62
CA ALA F 107 -10.76 -26.30 56.56
C ALA F 107 -12.12 -26.39 55.86
N GLY F 108 -12.29 -25.64 54.77
CA GLY F 108 -13.56 -25.67 54.07
C GLY F 108 -13.70 -26.82 53.08
N VAL F 109 -12.56 -27.33 52.63
CA VAL F 109 -12.50 -28.40 51.65
C VAL F 109 -12.45 -29.82 52.25
N ALA F 110 -11.43 -30.06 53.08
CA ALA F 110 -11.17 -31.34 53.71
C ALA F 110 -12.42 -32.07 54.19
N LYS F 111 -13.29 -31.38 54.92
CA LYS F 111 -14.51 -31.99 55.46
C LYS F 111 -15.35 -32.72 54.40
N HIS F 112 -15.12 -32.41 53.11
CA HIS F 112 -15.90 -33.03 52.04
C HIS F 112 -15.25 -34.27 51.44
N TYR F 113 -14.10 -34.66 51.97
CA TYR F 113 -13.40 -35.80 51.43
C TYR F 113 -13.02 -36.80 52.51
N GLU F 114 -13.04 -38.07 52.16
CA GLU F 114 -12.66 -39.09 53.10
C GLU F 114 -11.17 -39.06 53.29
N ARG F 115 -10.42 -38.93 52.20
CA ARG F 115 -8.97 -38.87 52.27
C ARG F 115 -8.46 -37.80 51.30
N LEU F 116 -8.42 -36.56 51.76
CA LEU F 116 -7.96 -35.47 50.90
C LEU F 116 -6.45 -35.44 50.84
N GLY F 117 -5.92 -35.34 49.62
CA GLY F 117 -4.48 -35.26 49.43
C GLY F 117 -4.10 -33.79 49.25
N VAL F 118 -2.82 -33.50 49.45
CA VAL F 118 -2.34 -32.14 49.31
C VAL F 118 -0.99 -32.14 48.64
N ILE F 119 -0.85 -31.27 47.64
CA ILE F 119 0.44 -31.06 46.95
C ILE F 119 0.84 -29.64 47.37
N TRP F 120 1.95 -29.54 48.11
CA TRP F 120 2.44 -28.26 48.59
C TRP F 120 3.66 -27.87 47.74
N TYR F 121 3.41 -27.05 46.71
CA TYR F 121 4.41 -26.58 45.75
C TYR F 121 5.00 -25.32 46.39
N ASP F 122 6.24 -25.42 46.87
CA ASP F 122 6.80 -24.33 47.66
C ASP F 122 8.29 -24.50 47.86
N ALA F 123 8.94 -23.43 48.32
CA ALA F 123 10.37 -23.46 48.62
C ALA F 123 10.51 -23.83 50.10
N HIS F 124 9.40 -23.68 50.83
CA HIS F 124 9.35 -23.94 52.27
C HIS F 124 8.41 -25.09 52.64
N GLY F 125 8.57 -25.64 53.84
CA GLY F 125 7.71 -26.71 54.29
C GLY F 125 6.44 -26.25 54.96
N ASP F 126 6.48 -25.05 55.54
CA ASP F 126 5.33 -24.44 56.23
C ASP F 126 4.73 -25.37 57.30
N VAL F 127 5.63 -26.05 58.01
CA VAL F 127 5.26 -26.99 59.06
C VAL F 127 5.82 -26.62 60.42
N ASN F 128 5.95 -25.33 60.68
CA ASN F 128 6.45 -24.84 61.96
C ASN F 128 5.28 -24.73 62.92
N THR F 129 5.64 -24.56 64.18
CA THR F 129 4.69 -24.41 65.27
C THR F 129 5.26 -23.26 66.09
N ALA F 130 4.52 -22.80 67.10
CA ALA F 130 4.98 -21.72 67.95
C ALA F 130 6.33 -22.12 68.53
N GLU F 131 6.49 -23.41 68.82
CA GLU F 131 7.73 -23.92 69.39
C GLU F 131 8.90 -23.95 68.42
N THR F 132 8.64 -24.23 67.15
CA THR F 132 9.74 -24.32 66.22
C THR F 132 9.95 -23.10 65.35
N SER F 133 8.92 -22.28 65.24
CA SER F 133 9.01 -21.11 64.38
C SER F 133 10.12 -20.15 64.74
N PRO F 134 11.01 -19.85 63.80
CA PRO F 134 12.08 -18.92 64.13
C PRO F 134 11.62 -17.47 63.94
N SER F 135 10.37 -17.29 63.51
CA SER F 135 9.86 -15.95 63.24
C SER F 135 8.58 -15.56 63.98
N GLY F 136 7.77 -16.56 64.33
CA GLY F 136 6.52 -16.29 64.98
C GLY F 136 5.49 -15.91 63.93
N ASN F 137 5.85 -16.06 62.65
CA ASN F 137 4.93 -15.75 61.56
C ASN F 137 4.09 -16.95 61.18
N ILE F 138 2.79 -16.81 61.33
CA ILE F 138 1.87 -17.89 61.04
C ILE F 138 1.87 -18.34 59.57
N HIS F 139 2.42 -17.55 58.68
CA HIS F 139 2.42 -17.97 57.27
C HIS F 139 3.37 -19.15 57.05
N GLY F 140 4.19 -19.43 58.07
CA GLY F 140 5.12 -20.53 57.97
C GLY F 140 4.63 -21.73 58.77
N MET F 141 3.35 -21.76 59.13
CA MET F 141 2.77 -22.85 59.91
C MET F 141 1.47 -23.51 59.37
N PRO F 142 0.91 -23.01 58.24
CA PRO F 142 -0.33 -23.60 57.74
C PRO F 142 -0.38 -25.13 57.46
N LEU F 143 0.71 -25.72 57.01
CA LEU F 143 0.68 -27.15 56.74
C LEU F 143 0.64 -27.91 58.05
N ALA F 144 1.48 -27.50 59.00
CA ALA F 144 1.52 -28.12 60.32
C ALA F 144 0.14 -28.03 60.99
N ALA F 145 -0.44 -26.83 61.01
CA ALA F 145 -1.74 -26.62 61.61
C ALA F 145 -2.80 -27.48 60.96
N SER F 146 -2.76 -27.62 59.64
CA SER F 146 -3.77 -28.41 58.95
C SER F 146 -3.61 -29.90 59.28
N LEU F 147 -2.40 -30.29 59.66
CA LEU F 147 -2.14 -31.68 60.02
C LEU F 147 -2.52 -31.88 61.47
N GLY F 148 -3.01 -30.81 62.10
CA GLY F 148 -3.43 -30.88 63.48
C GLY F 148 -2.33 -30.50 64.46
N PHE F 149 -1.23 -29.94 63.97
CA PHE F 149 -0.13 -29.55 64.87
C PHE F 149 0.07 -28.04 65.04
N GLY F 150 -0.29 -27.57 66.22
CA GLY F 150 -0.14 -26.16 66.54
C GLY F 150 -1.19 -25.64 67.51
N HIS F 151 -1.33 -24.33 67.56
CA HIS F 151 -2.28 -23.69 68.42
C HIS F 151 -3.69 -24.08 68.00
N PRO F 152 -4.52 -24.48 68.96
CA PRO F 152 -5.90 -24.90 68.72
C PRO F 152 -6.67 -23.84 68.00
N ALA F 153 -6.30 -22.58 68.16
CA ALA F 153 -7.01 -21.53 67.43
C ALA F 153 -6.86 -21.74 65.92
N LEU F 154 -5.76 -22.37 65.52
CA LEU F 154 -5.52 -22.62 64.12
C LEU F 154 -5.87 -24.06 63.72
N THR F 155 -5.63 -25.02 64.62
CA THR F 155 -5.91 -26.42 64.29
C THR F 155 -7.40 -26.74 64.27
N GLN F 156 -8.20 -25.92 64.94
CA GLN F 156 -9.62 -26.17 65.03
C GLN F 156 -10.52 -25.38 64.08
N ILE F 157 -9.94 -24.59 63.19
CA ILE F 157 -10.75 -23.80 62.26
C ILE F 157 -11.71 -24.75 61.57
N GLY F 158 -12.96 -24.33 61.42
CA GLY F 158 -13.94 -25.20 60.78
C GLY F 158 -14.56 -26.16 61.77
N GLY F 159 -14.05 -26.18 62.99
CA GLY F 159 -14.59 -27.05 64.01
C GLY F 159 -14.22 -28.52 63.93
N TYR F 160 -13.04 -28.82 63.42
CA TYR F 160 -12.59 -30.20 63.31
C TYR F 160 -11.11 -30.22 63.04
N SER F 161 -10.51 -31.37 63.26
CA SER F 161 -9.10 -31.52 63.00
C SER F 161 -8.73 -32.98 63.10
N PRO F 162 -7.71 -33.43 62.36
CA PRO F 162 -6.91 -32.61 61.44
C PRO F 162 -7.68 -32.57 60.14
N LYS F 163 -7.22 -31.76 59.20
CA LYS F 163 -7.88 -31.66 57.93
C LYS F 163 -7.38 -32.76 56.98
N ILE F 164 -6.08 -33.09 57.05
CA ILE F 164 -5.50 -34.12 56.21
C ILE F 164 -4.51 -34.94 57.02
N LYS F 165 -4.05 -36.05 56.45
CA LYS F 165 -3.07 -36.94 57.09
C LYS F 165 -1.71 -36.78 56.38
N PRO F 166 -0.61 -36.88 57.14
CA PRO F 166 0.78 -36.75 56.66
C PRO F 166 1.12 -37.56 55.43
N GLU F 167 0.58 -38.77 55.40
CA GLU F 167 0.84 -39.69 54.32
C GLU F 167 0.14 -39.28 53.05
N HIS F 168 -0.71 -38.26 53.12
CA HIS F 168 -1.43 -37.80 51.95
C HIS F 168 -0.91 -36.46 51.48
N VAL F 169 0.29 -36.12 51.92
CA VAL F 169 0.91 -34.86 51.57
C VAL F 169 2.20 -35.08 50.79
N VAL F 170 2.39 -34.28 49.74
CA VAL F 170 3.61 -34.32 48.94
C VAL F 170 4.08 -32.87 48.79
N LEU F 171 5.30 -32.62 49.23
CA LEU F 171 5.91 -31.31 49.14
C LEU F 171 6.79 -31.37 47.89
N ILE F 172 6.76 -30.32 47.10
CA ILE F 172 7.54 -30.24 45.88
C ILE F 172 8.27 -28.88 45.74
N GLY F 173 9.57 -28.95 45.48
CA GLY F 173 10.38 -27.76 45.28
C GLY F 173 11.00 -27.15 46.51
N VAL F 174 10.96 -27.88 47.62
CA VAL F 174 11.48 -27.39 48.89
C VAL F 174 12.98 -27.17 48.87
N ARG F 175 13.40 -26.04 49.42
CA ARG F 175 14.81 -25.73 49.50
C ARG F 175 15.16 -24.86 50.69
N SER F 176 14.22 -24.66 51.60
CA SER F 176 14.47 -23.84 52.79
C SER F 176 13.65 -24.30 53.99
N LEU F 177 14.21 -25.23 54.77
CA LEU F 177 13.50 -25.77 55.91
C LEU F 177 14.18 -25.43 57.22
N ASP F 178 13.40 -25.03 58.21
CA ASP F 178 13.99 -24.76 59.52
C ASP F 178 14.29 -26.15 60.13
N GLU F 179 15.28 -26.24 61.03
CA GLU F 179 15.63 -27.50 61.64
C GLU F 179 14.45 -28.27 62.22
N GLY F 180 13.56 -27.55 62.89
CA GLY F 180 12.40 -28.19 63.49
C GLY F 180 11.50 -28.79 62.42
N GLU F 181 11.42 -28.11 61.29
CA GLU F 181 10.59 -28.57 60.18
C GLU F 181 11.18 -29.85 59.59
N LYS F 182 12.49 -29.91 59.47
CA LYS F 182 13.14 -31.11 58.93
C LYS F 182 12.78 -32.30 59.79
N LYS F 183 12.78 -32.05 61.10
CA LYS F 183 12.44 -33.07 62.08
C LYS F 183 10.97 -33.48 61.89
N PHE F 184 10.09 -32.49 61.85
CA PHE F 184 8.66 -32.72 61.68
C PHE F 184 8.36 -33.54 60.43
N ILE F 185 8.93 -33.16 59.30
CA ILE F 185 8.73 -33.87 58.04
C ILE F 185 9.23 -35.31 58.14
N ARG F 186 10.44 -35.47 58.65
CA ARG F 186 11.06 -36.78 58.83
C ARG F 186 10.20 -37.68 59.72
N GLU F 187 9.87 -37.18 60.90
CA GLU F 187 9.07 -37.93 61.85
C GLU F 187 7.64 -38.18 61.39
N LYS F 188 6.94 -37.19 60.86
CA LYS F 188 5.55 -37.38 60.43
C LYS F 188 5.50 -38.16 59.11
N GLY F 189 6.69 -38.40 58.54
CA GLY F 189 6.79 -39.17 57.31
C GLY F 189 6.10 -38.57 56.09
N ILE F 190 6.22 -37.25 55.94
CA ILE F 190 5.62 -36.56 54.81
C ILE F 190 6.50 -36.73 53.57
N LYS F 191 5.87 -37.02 52.44
CA LYS F 191 6.58 -37.21 51.19
C LYS F 191 7.10 -35.84 50.69
N ILE F 192 8.40 -35.75 50.39
CA ILE F 192 9.00 -34.49 49.96
C ILE F 192 10.03 -34.61 48.84
N TYR F 193 9.91 -33.73 47.85
CA TYR F 193 10.86 -33.67 46.75
C TYR F 193 11.53 -32.30 46.82
N THR F 194 12.72 -32.25 47.40
CA THR F 194 13.45 -30.99 47.49
C THR F 194 14.05 -30.69 46.12
N MET F 195 14.72 -29.55 46.00
CA MET F 195 15.33 -29.21 44.72
C MET F 195 16.34 -30.26 44.30
N HIS F 196 16.86 -31.02 45.27
CA HIS F 196 17.81 -32.09 44.97
C HIS F 196 17.12 -33.17 44.14
N GLU F 197 15.93 -33.57 44.56
CA GLU F 197 15.19 -34.59 43.82
C GLU F 197 14.73 -34.06 42.48
N VAL F 198 14.29 -32.80 42.42
CA VAL F 198 13.88 -32.24 41.14
C VAL F 198 15.07 -32.24 40.17
N ASP F 199 16.24 -31.81 40.64
CA ASP F 199 17.44 -31.81 39.79
C ASP F 199 17.86 -33.22 39.44
N ARG F 200 17.81 -34.12 40.41
CA ARG F 200 18.22 -35.49 40.18
C ARG F 200 17.29 -36.33 39.32
N LEU F 201 15.99 -36.25 39.62
CA LEU F 201 15.00 -37.03 38.91
C LEU F 201 14.35 -36.32 37.74
N GLY F 202 14.29 -35.00 37.80
CA GLY F 202 13.65 -34.26 36.73
C GLY F 202 12.19 -34.07 37.12
N MET F 203 11.60 -32.95 36.73
CA MET F 203 10.23 -32.65 37.08
C MET F 203 9.20 -33.67 36.60
N THR F 204 9.42 -34.26 35.43
CA THR F 204 8.47 -35.26 34.92
C THR F 204 8.36 -36.45 35.88
N ARG F 205 9.49 -36.99 36.30
CA ARG F 205 9.51 -38.11 37.22
C ARG F 205 8.84 -37.74 38.53
N VAL F 206 9.25 -36.59 39.07
CA VAL F 206 8.68 -36.13 40.33
C VAL F 206 7.17 -36.06 40.23
N MET F 207 6.66 -35.46 39.15
CA MET F 207 5.22 -35.33 38.97
C MET F 207 4.51 -36.66 38.78
N GLU F 208 5.14 -37.56 38.02
CA GLU F 208 4.59 -38.88 37.80
C GLU F 208 4.45 -39.63 39.13
N GLU F 209 5.52 -39.59 39.93
CA GLU F 209 5.52 -40.26 41.23
C GLU F 209 4.50 -39.65 42.16
N THR F 210 4.40 -38.34 42.15
CA THR F 210 3.45 -37.64 43.00
C THR F 210 2.01 -37.97 42.65
N ILE F 211 1.69 -37.92 41.36
CA ILE F 211 0.34 -38.19 40.90
C ILE F 211 -0.04 -39.63 41.24
N ALA F 212 0.89 -40.55 41.04
CA ALA F 212 0.65 -41.96 41.29
C ALA F 212 0.41 -42.21 42.76
N TYR F 213 1.27 -41.62 43.57
CA TYR F 213 1.19 -41.73 45.02
C TYR F 213 -0.16 -41.30 45.57
N LEU F 214 -0.62 -40.13 45.15
CA LEU F 214 -1.86 -39.63 45.66
C LEU F 214 -3.10 -40.23 45.06
N LYS F 215 -3.09 -40.44 43.75
CA LYS F 215 -4.24 -41.02 43.06
C LYS F 215 -4.53 -42.39 43.68
N GLU F 216 -3.48 -43.01 44.20
CA GLU F 216 -3.52 -44.32 44.80
C GLU F 216 -4.10 -44.38 46.22
N ARG F 217 -4.34 -43.24 46.86
CA ARG F 217 -4.85 -43.31 48.22
C ARG F 217 -5.70 -42.14 48.71
N THR F 218 -6.14 -41.27 47.81
CA THR F 218 -6.93 -40.11 48.19
C THR F 218 -8.16 -40.01 47.33
N ASP F 219 -9.16 -39.30 47.80
CA ASP F 219 -10.37 -39.15 47.01
C ASP F 219 -10.57 -37.73 46.47
N GLY F 220 -9.55 -36.90 46.68
CA GLY F 220 -9.54 -35.52 46.22
C GLY F 220 -8.15 -35.00 46.46
N VAL F 221 -7.69 -34.02 45.69
CA VAL F 221 -6.35 -33.48 45.92
C VAL F 221 -6.40 -31.97 45.81
N HIS F 222 -5.84 -31.32 46.82
CA HIS F 222 -5.79 -29.87 46.88
C HIS F 222 -4.40 -29.41 46.52
N LEU F 223 -4.31 -28.45 45.60
CA LEU F 223 -3.04 -27.88 45.17
C LEU F 223 -2.85 -26.56 45.91
N SER F 224 -1.84 -26.50 46.77
CA SER F 224 -1.56 -25.26 47.48
C SER F 224 -0.26 -24.76 46.86
N LEU F 225 -0.36 -23.85 45.90
CA LEU F 225 0.84 -23.35 45.21
C LEU F 225 1.34 -21.99 45.70
N ASP F 226 2.54 -22.01 46.24
CA ASP F 226 3.20 -20.81 46.72
C ASP F 226 4.12 -20.37 45.58
N LEU F 227 3.89 -19.17 45.06
CA LEU F 227 4.73 -18.66 43.98
C LEU F 227 6.22 -18.61 44.33
N ASP F 228 6.58 -18.58 45.62
CA ASP F 228 8.00 -18.55 45.94
C ASP F 228 8.63 -19.92 45.67
N GLY F 229 7.83 -20.87 45.20
CA GLY F 229 8.35 -22.19 44.87
C GLY F 229 9.21 -22.04 43.64
N LEU F 230 8.82 -21.14 42.74
CA LEU F 230 9.56 -20.86 41.52
C LEU F 230 10.78 -20.00 41.88
N ASP F 231 11.79 -20.03 41.02
CA ASP F 231 12.99 -19.23 41.25
C ASP F 231 12.67 -17.73 41.28
N PRO F 232 13.36 -16.96 42.13
CA PRO F 232 13.13 -15.51 42.24
C PRO F 232 13.27 -14.79 40.90
N SER F 233 14.04 -15.34 39.99
CA SER F 233 14.14 -14.68 38.70
C SER F 233 12.84 -14.84 37.92
N ASP F 234 12.12 -15.93 38.17
CA ASP F 234 10.86 -16.17 37.47
C ASP F 234 9.71 -15.51 38.21
N ALA F 235 9.73 -15.64 39.53
CA ALA F 235 8.67 -15.06 40.36
C ALA F 235 9.33 -14.15 41.41
N PRO F 236 9.77 -12.94 41.00
CA PRO F 236 10.42 -12.00 41.92
C PRO F 236 9.58 -11.41 43.07
N GLY F 237 8.28 -11.24 42.83
CA GLY F 237 7.40 -10.64 43.83
C GLY F 237 6.84 -11.53 44.90
N VAL F 238 7.71 -11.99 45.80
CA VAL F 238 7.36 -12.86 46.94
C VAL F 238 8.09 -12.34 48.18
N GLY F 239 7.47 -12.55 49.33
CA GLY F 239 8.04 -12.07 50.57
C GLY F 239 9.27 -12.79 51.10
N THR F 240 9.38 -14.09 50.82
CA THR F 240 10.54 -14.83 51.30
C THR F 240 11.13 -15.66 50.15
N PRO F 241 11.79 -14.99 49.18
CA PRO F 241 12.39 -15.66 48.02
C PRO F 241 13.58 -16.50 48.42
N VAL F 242 13.81 -17.60 47.70
CA VAL F 242 14.94 -18.48 47.98
C VAL F 242 15.49 -18.88 46.61
N ILE F 243 16.77 -18.60 46.39
CA ILE F 243 17.37 -18.92 45.11
C ILE F 243 17.45 -20.40 44.80
N GLY F 244 17.68 -20.73 43.53
CA GLY F 244 17.80 -22.11 43.09
C GLY F 244 16.47 -22.82 43.07
N GLY F 245 15.45 -22.14 42.58
CA GLY F 245 14.13 -22.73 42.53
C GLY F 245 13.67 -23.26 41.19
N LEU F 246 12.42 -23.69 41.18
CA LEU F 246 11.75 -24.24 40.01
C LEU F 246 11.63 -23.17 38.87
N THR F 247 11.87 -23.61 37.64
CA THR F 247 11.80 -22.73 36.50
C THR F 247 10.35 -22.55 36.06
N TYR F 248 10.15 -21.57 35.18
CA TYR F 248 8.85 -21.27 34.61
C TYR F 248 8.32 -22.48 33.80
N ARG F 249 9.20 -23.13 33.05
CA ARG F 249 8.81 -24.30 32.25
C ARG F 249 8.46 -25.51 33.12
N GLU F 250 9.27 -25.79 34.13
CA GLU F 250 9.02 -26.90 35.04
C GLU F 250 7.64 -26.76 35.68
N SER F 251 7.31 -25.55 36.12
CA SER F 251 6.01 -25.26 36.72
C SER F 251 4.86 -25.45 35.72
N HIS F 252 5.05 -25.07 34.47
CA HIS F 252 3.98 -25.29 33.49
C HIS F 252 3.79 -26.80 33.25
N LEU F 253 4.89 -27.55 33.15
CA LEU F 253 4.81 -28.99 32.96
C LEU F 253 4.04 -29.60 34.13
N ALA F 254 4.39 -29.18 35.35
CA ALA F 254 3.74 -29.66 36.56
C ALA F 254 2.23 -29.47 36.48
N MET F 255 1.81 -28.25 36.14
CA MET F 255 0.38 -27.93 36.03
C MET F 255 -0.27 -28.71 34.88
N GLU F 256 0.46 -28.90 33.80
CA GLU F 256 -0.07 -29.62 32.64
C GLU F 256 -0.25 -31.10 32.96
N MET F 257 0.65 -31.65 33.77
CA MET F 257 0.54 -33.05 34.13
C MET F 257 -0.56 -33.25 35.16
N LEU F 258 -0.79 -32.25 36.01
CA LEU F 258 -1.86 -32.34 37.01
C LEU F 258 -3.20 -32.27 36.31
N ALA F 259 -3.29 -31.41 35.30
CA ALA F 259 -4.52 -31.25 34.54
C ALA F 259 -4.83 -32.56 33.82
N GLU F 260 -3.80 -33.12 33.19
CA GLU F 260 -3.94 -34.38 32.47
C GLU F 260 -4.42 -35.50 33.42
N ALA F 261 -3.86 -35.54 34.63
CA ALA F 261 -4.25 -36.55 35.61
C ALA F 261 -5.65 -36.34 36.15
N GLN F 262 -6.18 -35.14 36.06
CA GLN F 262 -7.50 -34.86 36.54
C GLN F 262 -7.70 -35.20 38.00
N ILE F 263 -6.70 -34.93 38.83
CA ILE F 263 -6.84 -35.23 40.25
C ILE F 263 -7.08 -34.00 41.16
N ILE F 264 -6.84 -32.81 40.65
CA ILE F 264 -6.98 -31.61 41.46
C ILE F 264 -8.42 -31.22 41.69
N THR F 265 -8.83 -31.17 42.95
CA THR F 265 -10.22 -30.82 43.27
C THR F 265 -10.44 -29.44 43.87
N SER F 266 -9.34 -28.79 44.25
CA SER F 266 -9.38 -27.44 44.81
C SER F 266 -7.96 -26.86 44.69
N ALA F 267 -7.82 -25.55 44.66
CA ALA F 267 -6.48 -24.97 44.56
C ALA F 267 -6.39 -23.54 45.07
N GLU F 268 -5.18 -23.17 45.44
CA GLU F 268 -4.91 -21.82 45.92
C GLU F 268 -3.54 -21.38 45.45
N PHE F 269 -3.46 -20.14 44.98
CA PHE F 269 -2.21 -19.55 44.53
C PHE F 269 -1.92 -18.42 45.50
N VAL F 270 -0.80 -18.53 46.22
CA VAL F 270 -0.48 -17.58 47.27
C VAL F 270 0.87 -16.89 47.22
N GLU F 271 1.06 -15.97 48.17
CA GLU F 271 2.30 -15.22 48.34
C GLU F 271 2.69 -14.21 47.26
N VAL F 272 1.75 -13.87 46.40
CA VAL F 272 2.03 -12.91 45.35
C VAL F 272 2.07 -11.52 45.98
N ASN F 273 3.18 -10.83 45.80
CA ASN F 273 3.30 -9.49 46.36
C ASN F 273 3.72 -8.49 45.26
N PRO F 274 2.78 -7.69 44.72
CA PRO F 274 3.02 -6.69 43.66
C PRO F 274 4.06 -5.66 44.04
N ILE F 275 4.12 -5.37 45.33
CA ILE F 275 5.03 -4.38 45.83
C ILE F 275 6.49 -4.81 45.81
N LEU F 276 6.76 -6.10 45.67
CA LEU F 276 8.14 -6.61 45.64
C LEU F 276 8.45 -7.15 44.27
N ASP F 277 7.53 -6.94 43.35
CA ASP F 277 7.60 -7.45 41.99
C ASP F 277 8.22 -6.50 40.98
N GLU F 278 8.27 -6.98 39.74
CA GLU F 278 8.74 -6.26 38.56
C GLU F 278 7.58 -6.29 37.58
N ARG F 279 6.80 -5.22 37.54
CA ARG F 279 5.65 -5.10 36.64
C ARG F 279 4.66 -6.23 36.61
N ASN F 280 4.20 -6.65 37.79
CA ASN F 280 3.21 -7.70 37.92
C ASN F 280 3.61 -9.07 37.37
N LYS F 281 4.90 -9.26 37.13
CA LYS F 281 5.41 -10.51 36.58
C LYS F 281 4.97 -11.74 37.35
N THR F 282 5.01 -11.67 38.66
CA THR F 282 4.64 -12.80 39.49
C THR F 282 3.16 -13.14 39.38
N ALA F 283 2.29 -12.13 39.43
CA ALA F 283 0.85 -12.37 39.30
C ALA F 283 0.57 -12.97 37.93
N SER F 284 1.34 -12.54 36.96
CA SER F 284 1.19 -13.05 35.62
C SER F 284 1.58 -14.52 35.56
N VAL F 285 2.67 -14.90 36.22
CA VAL F 285 3.10 -16.29 36.19
C VAL F 285 1.99 -17.16 36.78
N ALA F 286 1.38 -16.66 37.84
CA ALA F 286 0.31 -17.37 38.54
C ALA F 286 -0.87 -17.61 37.60
N VAL F 287 -1.29 -16.57 36.92
CA VAL F 287 -2.40 -16.70 35.99
C VAL F 287 -2.07 -17.71 34.87
N ALA F 288 -0.86 -17.63 34.33
CA ALA F 288 -0.42 -18.54 33.27
C ALA F 288 -0.47 -19.96 33.83
N LEU F 289 0.07 -20.17 35.04
CA LEU F 289 0.04 -21.48 35.70
C LEU F 289 -1.39 -21.98 35.93
N MET F 290 -2.29 -21.08 36.33
CA MET F 290 -3.67 -21.44 36.52
C MET F 290 -4.25 -21.89 35.19
N GLY F 291 -3.87 -21.22 34.10
CA GLY F 291 -4.36 -21.60 32.77
C GLY F 291 -4.02 -23.05 32.47
N SER F 292 -2.76 -23.39 32.68
CA SER F 292 -2.29 -24.74 32.46
C SER F 292 -3.00 -25.75 33.36
N LEU F 293 -3.16 -25.42 34.65
CA LEU F 293 -3.83 -26.30 35.62
C LEU F 293 -5.25 -26.64 35.18
N PHE F 294 -5.97 -25.64 34.70
CA PHE F 294 -7.32 -25.84 34.26
C PHE F 294 -7.47 -26.34 32.85
N GLY F 295 -6.40 -26.93 32.31
CA GLY F 295 -6.50 -27.49 30.98
C GLY F 295 -5.94 -26.83 29.74
N GLU F 296 -5.42 -25.61 29.86
CA GLU F 296 -4.84 -24.92 28.72
C GLU F 296 -3.69 -25.77 28.12
N LYS F 297 -3.75 -26.03 26.83
CA LYS F 297 -2.71 -26.82 26.17
C LYS F 297 -2.11 -26.08 24.99
N LEU F 298 -0.87 -26.43 24.64
CA LEU F 298 -0.20 -25.77 23.55
C LEU F 298 -0.70 -26.26 22.20
N MET F 299 -1.06 -27.53 22.11
CA MET F 299 -1.56 -28.11 20.87
C MET F 299 -3.04 -28.38 21.11
MN MN G . -4.23 21.92 -51.50
MN MN H . -6.30 23.91 -50.20
N LYS I . -8.89 25.91 -57.14
CA LYS I . -8.17 27.21 -57.07
C LYS I . -7.20 27.28 -58.23
O LYS I . -6.71 28.40 -58.49
CB LYS I . -7.43 27.34 -55.74
CG LYS I . -6.33 26.32 -55.54
CD LYS I . -5.60 26.54 -54.24
CE LYS I . -4.42 25.60 -54.15
NZ LYS I . -3.61 25.81 -52.93
OXT LYS I . -6.96 26.23 -58.89
N LYS J . -0.21 18.56 -14.12
CA LYS J . 0.34 19.90 -13.86
C LYS J . 0.95 19.89 -12.47
O LYS J . 1.68 20.84 -12.18
CB LYS J . -0.76 20.96 -13.95
CG LYS J . -1.81 20.78 -12.90
CD LYS J . -2.86 21.86 -12.95
CE LYS J . -3.83 21.70 -11.78
NZ LYS J . -4.87 22.74 -11.73
OXT LYS J . 0.72 18.94 -11.70
MN MN K . -8.10 20.19 -12.01
MN MN L . -7.28 21.32 -14.82
C GAI M . -8.15 15.27 -29.77
N1 GAI M . -6.87 15.05 -29.42
N2 GAI M . -8.89 14.26 -30.22
N3 GAI M . -8.67 16.50 -29.67
C GAI N . -27.45 22.88 -24.25
N1 GAI N . -28.12 23.48 -23.27
N2 GAI N . -27.44 21.55 -24.33
N3 GAI N . -26.79 23.60 -25.13
N LYS O . -39.50 35.83 -26.07
CA LYS O . -39.02 37.22 -25.99
C LYS O . -40.23 38.14 -26.14
O LYS O . -40.06 39.36 -25.90
CB LYS O . -37.98 37.50 -27.09
CG LYS O . -38.51 37.35 -28.50
CD LYS O . -37.49 37.69 -29.55
CE LYS O . -38.18 37.71 -30.88
NZ LYS O . -37.31 38.11 -32.00
OXT LYS O . -41.33 37.64 -26.46
MN MN P . -37.76 34.45 -34.16
MN MN Q . -35.22 34.51 -32.25
C GAI R . -21.60 22.31 -45.07
N1 GAI R . -21.71 22.88 -46.27
N2 GAI R . -22.27 21.20 -44.80
N3 GAI R . -20.84 22.85 -44.14
N LYS S . 0.42 -17.23 14.42
CA LYS S . 0.57 -15.76 14.41
C LYS S . 0.06 -15.20 13.08
O LYS S . -0.15 -13.99 13.00
CB LYS S . 2.04 -15.38 14.59
CG LYS S . 2.94 -15.86 13.49
CD LYS S . 4.36 -15.38 13.63
CE LYS S . 5.13 -15.77 12.39
NZ LYS S . 6.53 -15.29 12.43
OXT LYS S . -0.15 -15.98 12.14
MN MN T . 8.24 -19.14 12.15
MN MN U . 7.92 -18.15 15.05
C GAI V . 5.52 -25.93 29.15
N1 GAI V . 4.34 -25.51 28.71
N2 GAI V . 5.66 -27.16 29.63
N3 GAI V . 6.55 -25.10 29.11
N LYS W . 43.02 -22.93 26.97
CA LYS W . 43.31 -21.47 27.13
C LYS W . 44.81 -21.31 27.32
O LYS W . 45.28 -20.16 27.23
CB LYS W . 42.55 -20.89 28.34
CG LYS W . 42.95 -21.47 29.69
CD LYS W . 42.22 -20.86 30.84
CE LYS W . 42.73 -21.44 32.14
NZ LYS W . 42.11 -20.82 33.32
OXT LYS W . 45.50 -22.34 27.55
MN MN X . 40.60 -24.39 34.80
MN MN Y . 38.49 -22.90 33.09
C GAI Z . 26.03 -27.72 23.78
N1 GAI Z . 27.03 -27.46 22.94
N2 GAI Z . 25.25 -28.76 23.53
N3 GAI Z . 25.81 -26.95 24.84
C GAI AA . 20.04 -28.64 44.41
N1 GAI AA . 20.55 -28.47 45.62
N2 GAI AA . 20.07 -29.84 43.83
N3 GAI AA . 19.49 -27.60 43.77
N LYS BA . 10.16 -21.14 57.43
CA LYS BA . 10.26 -19.65 57.58
C LYS BA . 9.38 -19.23 58.74
O LYS BA . 9.55 -18.10 59.23
CB LYS BA . 9.78 -18.97 56.29
CG LYS BA . 8.30 -19.19 56.01
CD LYS BA . 7.86 -18.47 54.76
CE LYS BA . 6.38 -18.65 54.61
NZ LYS BA . 5.82 -17.92 53.47
OXT LYS BA . 8.56 -20.07 59.20
MN MN CA . 4.34 -21.42 51.59
MN MN DA . 7.20 -20.43 50.47
#